data_1J8S
# 
_entry.id   1J8S 
# 
_audit_conform.dict_name       mmcif_pdbx.dic 
_audit_conform.dict_version    5.397 
_audit_conform.dict_location   http://mmcif.pdb.org/dictionaries/ascii/mmcif_pdbx.dic 
# 
loop_
_database_2.database_id 
_database_2.database_code 
_database_2.pdbx_database_accession 
_database_2.pdbx_DOI 
PDB   1J8S         pdb_00001j8s 10.2210/pdb1j8s/pdb 
RCSB  RCSB013502   ?            ?                   
WWPDB D_1000013502 ?            ?                   
# 
loop_
_pdbx_audit_revision_history.ordinal 
_pdbx_audit_revision_history.data_content_type 
_pdbx_audit_revision_history.major_revision 
_pdbx_audit_revision_history.minor_revision 
_pdbx_audit_revision_history.revision_date 
1 'Structure model' 1 0 2001-06-22 
2 'Structure model' 1 1 2008-04-27 
3 'Structure model' 1 2 2011-07-13 
4 'Structure model' 1 3 2024-10-16 
# 
_pdbx_audit_revision_details.ordinal             1 
_pdbx_audit_revision_details.revision_ordinal    1 
_pdbx_audit_revision_details.data_content_type   'Structure model' 
_pdbx_audit_revision_details.provider            repository 
_pdbx_audit_revision_details.type                'Initial release' 
_pdbx_audit_revision_details.description         ? 
_pdbx_audit_revision_details.details             ? 
# 
loop_
_pdbx_audit_revision_group.ordinal 
_pdbx_audit_revision_group.revision_ordinal 
_pdbx_audit_revision_group.data_content_type 
_pdbx_audit_revision_group.group 
1 2 'Structure model' 'Version format compliance' 
2 3 'Structure model' 'Version format compliance' 
3 4 'Structure model' 'Data collection'           
4 4 'Structure model' 'Database references'       
5 4 'Structure model' 'Derived calculations'      
6 4 'Structure model' 'Structure summary'         
# 
loop_
_pdbx_audit_revision_category.ordinal 
_pdbx_audit_revision_category.revision_ordinal 
_pdbx_audit_revision_category.data_content_type 
_pdbx_audit_revision_category.category 
1 4 'Structure model' chem_comp_atom            
2 4 'Structure model' chem_comp_bond            
3 4 'Structure model' database_2                
4 4 'Structure model' pdbx_entry_details        
5 4 'Structure model' pdbx_modification_feature 
6 4 'Structure model' struct_conn               
# 
loop_
_pdbx_audit_revision_item.ordinal 
_pdbx_audit_revision_item.revision_ordinal 
_pdbx_audit_revision_item.data_content_type 
_pdbx_audit_revision_item.item 
1 4 'Structure model' '_database_2.pdbx_DOI'                
2 4 'Structure model' '_database_2.pdbx_database_accession' 
3 4 'Structure model' '_struct_conn.pdbx_leaving_atom_flag' 
# 
_pdbx_database_status.status_code                     REL 
_pdbx_database_status.entry_id                        1J8S 
_pdbx_database_status.recvd_initial_deposition_date   2001-05-22 
_pdbx_database_status.deposit_site                    RCSB 
_pdbx_database_status.process_site                    RCSB 
_pdbx_database_status.SG_entry                        . 
_pdbx_database_status.pdb_format_compatible           Y 
_pdbx_database_status.status_code_mr                  ? 
_pdbx_database_status.status_code_sf                  ? 
_pdbx_database_status.status_code_cs                  ? 
_pdbx_database_status.status_code_nmr_data            ? 
_pdbx_database_status.methods_development_category    ? 
# 
loop_
_audit_author.name 
_audit_author.pdbx_ordinal 
'Dodson, K.W.'   1 
'Pinkner, J.S.'  2 
'Rose, T.'       3 
'Magnusson, G.'  4 
'Hultgren, S.J.' 5 
'Waksman, G.'    6 
# 
_citation.id                        primary 
_citation.title                     
'Structural basis of the interaction of the pyelonephritic E. coli adhesin to its human kidney receptor.' 
_citation.journal_abbrev            'Cell(Cambridge,Mass.)' 
_citation.journal_volume            105 
_citation.page_first                733 
_citation.page_last                 743 
_citation.year                      2001 
_citation.journal_id_ASTM           CELLB5 
_citation.country                   US 
_citation.journal_id_ISSN           0092-8674 
_citation.journal_id_CSD            0998 
_citation.book_publisher            ? 
_citation.pdbx_database_id_PubMed   11440716 
_citation.pdbx_database_id_DOI      '10.1016/S0092-8674(01)00388-9' 
# 
loop_
_citation_author.citation_id 
_citation_author.name 
_citation_author.ordinal 
_citation_author.identifier_ORCID 
primary 'Dodson, K.W.'   1 ? 
primary 'Pinkner, J.S.'  2 ? 
primary 'Rose, T.'       3 ? 
primary 'Magnusson, G.'  4 ? 
primary 'Hultgren, S.J.' 5 ? 
primary 'Waksman, G.'    6 ? 
# 
loop_
_entity.id 
_entity.type 
_entity.src_method 
_entity.pdbx_description 
_entity.formula_weight 
_entity.pdbx_number_of_molecules 
_entity.pdbx_ec 
_entity.pdbx_mutation 
_entity.pdbx_fragment 
_entity.details 
1 polymer nat 'PYELONEPHRITIC ADHESIN' 22768.217 1   ? ? 'PAPG RECEPTOR-BINDING DOMAIN' ? 
2 water   nat water                    18.015    111 ? ? ?                              ? 
# 
_entity_name_com.entity_id   1 
_entity_name_com.name        'PAPG ADHESIN' 
# 
_entity_poly.entity_id                      1 
_entity_poly.type                           'polypeptide(L)' 
_entity_poly.nstd_linkage                   no 
_entity_poly.nstd_monomer                   yes 
_entity_poly.pdbx_seq_one_letter_code       
;WNNIVFYSLGDVNSYQGGNVVITQRPQFITSWRPGIATVTWNQCNGPEFADGFWAYYREYIAWVVFPKKV(MSE)TQNGY
PLFIEVHNKGSWSEENTGDNDSYFFLKGYKWDERAFDAGNLCQKPGEITRLTEKFDDIIFKVALPADLPLGDYSVKIPYT
SG(MSE)QRHFASYLGARFKIPYNVAKTLPRENE(MSE)LFLFKNIGG
;
_entity_poly.pdbx_seq_one_letter_code_can   
;WNNIVFYSLGDVNSYQGGNVVITQRPQFITSWRPGIATVTWNQCNGPEFADGFWAYYREYIAWVVFPKKVMTQNGYPLFI
EVHNKGSWSEENTGDNDSYFFLKGYKWDERAFDAGNLCQKPGEITRLTEKFDDIIFKVALPADLPLGDYSVKIPYTSGMQ
RHFASYLGARFKIPYNVAKTLPRENEMLFLFKNIGG
;
_entity_poly.pdbx_strand_id                 A 
_entity_poly.pdbx_target_identifier         ? 
# 
_pdbx_entity_nonpoly.entity_id   2 
_pdbx_entity_nonpoly.name        water 
_pdbx_entity_nonpoly.comp_id     HOH 
# 
loop_
_entity_poly_seq.entity_id 
_entity_poly_seq.num 
_entity_poly_seq.mon_id 
_entity_poly_seq.hetero 
1 1   TRP n 
1 2   ASN n 
1 3   ASN n 
1 4   ILE n 
1 5   VAL n 
1 6   PHE n 
1 7   TYR n 
1 8   SER n 
1 9   LEU n 
1 10  GLY n 
1 11  ASP n 
1 12  VAL n 
1 13  ASN n 
1 14  SER n 
1 15  TYR n 
1 16  GLN n 
1 17  GLY n 
1 18  GLY n 
1 19  ASN n 
1 20  VAL n 
1 21  VAL n 
1 22  ILE n 
1 23  THR n 
1 24  GLN n 
1 25  ARG n 
1 26  PRO n 
1 27  GLN n 
1 28  PHE n 
1 29  ILE n 
1 30  THR n 
1 31  SER n 
1 32  TRP n 
1 33  ARG n 
1 34  PRO n 
1 35  GLY n 
1 36  ILE n 
1 37  ALA n 
1 38  THR n 
1 39  VAL n 
1 40  THR n 
1 41  TRP n 
1 42  ASN n 
1 43  GLN n 
1 44  CYS n 
1 45  ASN n 
1 46  GLY n 
1 47  PRO n 
1 48  GLU n 
1 49  PHE n 
1 50  ALA n 
1 51  ASP n 
1 52  GLY n 
1 53  PHE n 
1 54  TRP n 
1 55  ALA n 
1 56  TYR n 
1 57  TYR n 
1 58  ARG n 
1 59  GLU n 
1 60  TYR n 
1 61  ILE n 
1 62  ALA n 
1 63  TRP n 
1 64  VAL n 
1 65  VAL n 
1 66  PHE n 
1 67  PRO n 
1 68  LYS n 
1 69  LYS n 
1 70  VAL n 
1 71  MSE n 
1 72  THR n 
1 73  GLN n 
1 74  ASN n 
1 75  GLY n 
1 76  TYR n 
1 77  PRO n 
1 78  LEU n 
1 79  PHE n 
1 80  ILE n 
1 81  GLU n 
1 82  VAL n 
1 83  HIS n 
1 84  ASN n 
1 85  LYS n 
1 86  GLY n 
1 87  SER n 
1 88  TRP n 
1 89  SER n 
1 90  GLU n 
1 91  GLU n 
1 92  ASN n 
1 93  THR n 
1 94  GLY n 
1 95  ASP n 
1 96  ASN n 
1 97  ASP n 
1 98  SER n 
1 99  TYR n 
1 100 PHE n 
1 101 PHE n 
1 102 LEU n 
1 103 LYS n 
1 104 GLY n 
1 105 TYR n 
1 106 LYS n 
1 107 TRP n 
1 108 ASP n 
1 109 GLU n 
1 110 ARG n 
1 111 ALA n 
1 112 PHE n 
1 113 ASP n 
1 114 ALA n 
1 115 GLY n 
1 116 ASN n 
1 117 LEU n 
1 118 CYS n 
1 119 GLN n 
1 120 LYS n 
1 121 PRO n 
1 122 GLY n 
1 123 GLU n 
1 124 ILE n 
1 125 THR n 
1 126 ARG n 
1 127 LEU n 
1 128 THR n 
1 129 GLU n 
1 130 LYS n 
1 131 PHE n 
1 132 ASP n 
1 133 ASP n 
1 134 ILE n 
1 135 ILE n 
1 136 PHE n 
1 137 LYS n 
1 138 VAL n 
1 139 ALA n 
1 140 LEU n 
1 141 PRO n 
1 142 ALA n 
1 143 ASP n 
1 144 LEU n 
1 145 PRO n 
1 146 LEU n 
1 147 GLY n 
1 148 ASP n 
1 149 TYR n 
1 150 SER n 
1 151 VAL n 
1 152 LYS n 
1 153 ILE n 
1 154 PRO n 
1 155 TYR n 
1 156 THR n 
1 157 SER n 
1 158 GLY n 
1 159 MSE n 
1 160 GLN n 
1 161 ARG n 
1 162 HIS n 
1 163 PHE n 
1 164 ALA n 
1 165 SER n 
1 166 TYR n 
1 167 LEU n 
1 168 GLY n 
1 169 ALA n 
1 170 ARG n 
1 171 PHE n 
1 172 LYS n 
1 173 ILE n 
1 174 PRO n 
1 175 TYR n 
1 176 ASN n 
1 177 VAL n 
1 178 ALA n 
1 179 LYS n 
1 180 THR n 
1 181 LEU n 
1 182 PRO n 
1 183 ARG n 
1 184 GLU n 
1 185 ASN n 
1 186 GLU n 
1 187 MSE n 
1 188 LEU n 
1 189 PHE n 
1 190 LEU n 
1 191 PHE n 
1 192 LYS n 
1 193 ASN n 
1 194 ILE n 
1 195 GLY n 
1 196 GLY n 
# 
_entity_src_nat.entity_id                  1 
_entity_src_nat.pdbx_src_id                1 
_entity_src_nat.pdbx_alt_source_flag       sample 
_entity_src_nat.pdbx_beg_seq_num           ? 
_entity_src_nat.pdbx_end_seq_num           ? 
_entity_src_nat.common_name                ? 
_entity_src_nat.pdbx_organism_scientific   'Escherichia coli' 
_entity_src_nat.pdbx_ncbi_taxonomy_id      562 
_entity_src_nat.genus                      Escherichia 
_entity_src_nat.species                    ? 
_entity_src_nat.strain                     ? 
_entity_src_nat.tissue                     ? 
_entity_src_nat.tissue_fraction            ? 
_entity_src_nat.pdbx_secretion             ? 
_entity_src_nat.pdbx_fragment              ? 
_entity_src_nat.pdbx_variant               ? 
_entity_src_nat.pdbx_cell_line             ? 
_entity_src_nat.pdbx_atcc                  ? 
_entity_src_nat.pdbx_cellular_location     ? 
_entity_src_nat.pdbx_organ                 ? 
_entity_src_nat.pdbx_organelle             ? 
_entity_src_nat.pdbx_cell                  ? 
_entity_src_nat.pdbx_plasmid_name          ? 
_entity_src_nat.pdbx_plasmid_details       ? 
_entity_src_nat.details                    ? 
# 
loop_
_chem_comp.id 
_chem_comp.type 
_chem_comp.mon_nstd_flag 
_chem_comp.name 
_chem_comp.pdbx_synonyms 
_chem_comp.formula 
_chem_comp.formula_weight 
ALA 'L-peptide linking' y ALANINE          ? 'C3 H7 N O2'     89.093  
ARG 'L-peptide linking' y ARGININE         ? 'C6 H15 N4 O2 1' 175.209 
ASN 'L-peptide linking' y ASPARAGINE       ? 'C4 H8 N2 O3'    132.118 
ASP 'L-peptide linking' y 'ASPARTIC ACID'  ? 'C4 H7 N O4'     133.103 
CYS 'L-peptide linking' y CYSTEINE         ? 'C3 H7 N O2 S'   121.158 
GLN 'L-peptide linking' y GLUTAMINE        ? 'C5 H10 N2 O3'   146.144 
GLU 'L-peptide linking' y 'GLUTAMIC ACID'  ? 'C5 H9 N O4'     147.129 
GLY 'peptide linking'   y GLYCINE          ? 'C2 H5 N O2'     75.067  
HIS 'L-peptide linking' y HISTIDINE        ? 'C6 H10 N3 O2 1' 156.162 
HOH non-polymer         . WATER            ? 'H2 O'           18.015  
ILE 'L-peptide linking' y ISOLEUCINE       ? 'C6 H13 N O2'    131.173 
LEU 'L-peptide linking' y LEUCINE          ? 'C6 H13 N O2'    131.173 
LYS 'L-peptide linking' y LYSINE           ? 'C6 H15 N2 O2 1' 147.195 
MSE 'L-peptide linking' n SELENOMETHIONINE ? 'C5 H11 N O2 Se' 196.106 
PHE 'L-peptide linking' y PHENYLALANINE    ? 'C9 H11 N O2'    165.189 
PRO 'L-peptide linking' y PROLINE          ? 'C5 H9 N O2'     115.130 
SER 'L-peptide linking' y SERINE           ? 'C3 H7 N O3'     105.093 
THR 'L-peptide linking' y THREONINE        ? 'C4 H9 N O3'     119.119 
TRP 'L-peptide linking' y TRYPTOPHAN       ? 'C11 H12 N2 O2'  204.225 
TYR 'L-peptide linking' y TYROSINE         ? 'C9 H11 N O3'    181.189 
VAL 'L-peptide linking' y VALINE           ? 'C5 H11 N O2'    117.146 
# 
loop_
_pdbx_poly_seq_scheme.asym_id 
_pdbx_poly_seq_scheme.entity_id 
_pdbx_poly_seq_scheme.seq_id 
_pdbx_poly_seq_scheme.mon_id 
_pdbx_poly_seq_scheme.ndb_seq_num 
_pdbx_poly_seq_scheme.pdb_seq_num 
_pdbx_poly_seq_scheme.auth_seq_num 
_pdbx_poly_seq_scheme.pdb_mon_id 
_pdbx_poly_seq_scheme.auth_mon_id 
_pdbx_poly_seq_scheme.pdb_strand_id 
_pdbx_poly_seq_scheme.pdb_ins_code 
_pdbx_poly_seq_scheme.hetero 
A 1 1   TRP 1   1   1   TRP TRP A . n 
A 1 2   ASN 2   2   2   ASN ASN A . n 
A 1 3   ASN 3   3   3   ASN ASN A . n 
A 1 4   ILE 4   4   4   ILE ILE A . n 
A 1 5   VAL 5   5   5   VAL VAL A . n 
A 1 6   PHE 6   6   6   PHE PHE A . n 
A 1 7   TYR 7   7   7   TYR TYR A . n 
A 1 8   SER 8   8   8   SER SER A . n 
A 1 9   LEU 9   9   9   LEU LEU A . n 
A 1 10  GLY 10  10  10  GLY GLY A . n 
A 1 11  ASP 11  11  11  ASP ASP A . n 
A 1 12  VAL 12  12  12  VAL VAL A . n 
A 1 13  ASN 13  13  13  ASN ASN A . n 
A 1 14  SER 14  14  14  SER SER A . n 
A 1 15  TYR 15  15  15  TYR TYR A . n 
A 1 16  GLN 16  16  16  GLN GLN A . n 
A 1 17  GLY 17  17  17  GLY GLY A . n 
A 1 18  GLY 18  18  18  GLY GLY A . n 
A 1 19  ASN 19  19  19  ASN ASN A . n 
A 1 20  VAL 20  20  20  VAL VAL A . n 
A 1 21  VAL 21  21  21  VAL VAL A . n 
A 1 22  ILE 22  22  22  ILE ILE A . n 
A 1 23  THR 23  23  23  THR THR A . n 
A 1 24  GLN 24  24  24  GLN GLN A . n 
A 1 25  ARG 25  25  25  ARG ARG A . n 
A 1 26  PRO 26  26  26  PRO PRO A . n 
A 1 27  GLN 27  27  27  GLN GLN A . n 
A 1 28  PHE 28  28  28  PHE PHE A . n 
A 1 29  ILE 29  29  29  ILE ILE A . n 
A 1 30  THR 30  30  30  THR THR A . n 
A 1 31  SER 31  31  31  SER SER A . n 
A 1 32  TRP 32  32  32  TRP TRP A . n 
A 1 33  ARG 33  33  33  ARG ARG A . n 
A 1 34  PRO 34  34  34  PRO PRO A . n 
A 1 35  GLY 35  35  35  GLY GLY A . n 
A 1 36  ILE 36  36  36  ILE ILE A . n 
A 1 37  ALA 37  37  37  ALA ALA A . n 
A 1 38  THR 38  38  38  THR THR A . n 
A 1 39  VAL 39  39  39  VAL VAL A . n 
A 1 40  THR 40  40  40  THR THR A . n 
A 1 41  TRP 41  41  41  TRP TRP A . n 
A 1 42  ASN 42  42  42  ASN ASN A . n 
A 1 43  GLN 43  43  43  GLN GLN A . n 
A 1 44  CYS 44  44  44  CYS CYS A . n 
A 1 45  ASN 45  45  45  ASN ASN A . n 
A 1 46  GLY 46  46  46  GLY GLY A . n 
A 1 47  PRO 47  47  47  PRO PRO A . n 
A 1 48  GLU 48  48  48  GLU GLU A . n 
A 1 49  PHE 49  49  49  PHE PHE A . n 
A 1 50  ALA 50  50  50  ALA ALA A . n 
A 1 51  ASP 51  51  51  ASP ASP A . n 
A 1 52  GLY 52  52  52  GLY GLY A . n 
A 1 53  PHE 53  53  53  PHE PHE A . n 
A 1 54  TRP 54  54  54  TRP TRP A . n 
A 1 55  ALA 55  55  55  ALA ALA A . n 
A 1 56  TYR 56  56  56  TYR TYR A . n 
A 1 57  TYR 57  57  57  TYR TYR A . n 
A 1 58  ARG 58  58  58  ARG ARG A . n 
A 1 59  GLU 59  59  59  GLU GLU A . n 
A 1 60  TYR 60  60  60  TYR TYR A . n 
A 1 61  ILE 61  61  61  ILE ILE A . n 
A 1 62  ALA 62  62  62  ALA ALA A . n 
A 1 63  TRP 63  63  63  TRP TRP A . n 
A 1 64  VAL 64  64  64  VAL VAL A . n 
A 1 65  VAL 65  65  65  VAL VAL A . n 
A 1 66  PHE 66  66  66  PHE PHE A . n 
A 1 67  PRO 67  67  67  PRO PRO A . n 
A 1 68  LYS 68  68  68  LYS LYS A . n 
A 1 69  LYS 69  69  69  LYS LYS A . n 
A 1 70  VAL 70  70  70  VAL VAL A . n 
A 1 71  MSE 71  71  71  MSE MSE A . n 
A 1 72  THR 72  72  72  THR THR A . n 
A 1 73  GLN 73  73  73  GLN GLN A . n 
A 1 74  ASN 74  74  74  ASN ASN A . n 
A 1 75  GLY 75  75  75  GLY GLY A . n 
A 1 76  TYR 76  76  76  TYR TYR A . n 
A 1 77  PRO 77  77  77  PRO PRO A . n 
A 1 78  LEU 78  78  78  LEU LEU A . n 
A 1 79  PHE 79  79  79  PHE PHE A . n 
A 1 80  ILE 80  80  80  ILE ILE A . n 
A 1 81  GLU 81  81  81  GLU GLU A . n 
A 1 82  VAL 82  82  82  VAL VAL A . n 
A 1 83  HIS 83  83  83  HIS HIS A . n 
A 1 84  ASN 84  84  84  ASN ASN A . n 
A 1 85  LYS 85  85  85  LYS LYS A . n 
A 1 86  GLY 86  86  86  GLY GLY A . n 
A 1 87  SER 87  87  87  SER SER A . n 
A 1 88  TRP 88  88  88  TRP TRP A . n 
A 1 89  SER 89  89  89  SER SER A . n 
A 1 90  GLU 90  90  90  GLU GLU A . n 
A 1 91  GLU 91  91  91  GLU GLU A . n 
A 1 92  ASN 92  92  92  ASN ASN A . n 
A 1 93  THR 93  93  93  THR THR A . n 
A 1 94  GLY 94  94  94  GLY GLY A . n 
A 1 95  ASP 95  95  95  ASP ASP A . n 
A 1 96  ASN 96  96  96  ASN ASN A . n 
A 1 97  ASP 97  97  97  ASP ASP A . n 
A 1 98  SER 98  98  98  SER SER A . n 
A 1 99  TYR 99  99  99  TYR TYR A . n 
A 1 100 PHE 100 100 100 PHE PHE A . n 
A 1 101 PHE 101 101 101 PHE PHE A . n 
A 1 102 LEU 102 102 102 LEU LEU A . n 
A 1 103 LYS 103 103 103 LYS LYS A . n 
A 1 104 GLY 104 104 104 GLY GLY A . n 
A 1 105 TYR 105 105 105 TYR TYR A . n 
A 1 106 LYS 106 106 106 LYS LYS A . n 
A 1 107 TRP 107 107 107 TRP TRP A . n 
A 1 108 ASP 108 108 108 ASP ASP A . n 
A 1 109 GLU 109 109 109 GLU GLU A . n 
A 1 110 ARG 110 110 110 ARG ARG A . n 
A 1 111 ALA 111 111 111 ALA ALA A . n 
A 1 112 PHE 112 112 112 PHE PHE A . n 
A 1 113 ASP 113 113 113 ASP ASP A . n 
A 1 114 ALA 114 114 114 ALA ALA A . n 
A 1 115 GLY 115 115 115 GLY GLY A . n 
A 1 116 ASN 116 116 116 ASN ASN A . n 
A 1 117 LEU 117 117 117 LEU LEU A . n 
A 1 118 CYS 118 118 118 CYS CYS A . n 
A 1 119 GLN 119 119 119 GLN GLN A . n 
A 1 120 LYS 120 120 120 LYS LYS A . n 
A 1 121 PRO 121 121 121 PRO PRO A . n 
A 1 122 GLY 122 122 122 GLY GLY A . n 
A 1 123 GLU 123 123 123 GLU GLU A . n 
A 1 124 ILE 124 124 124 ILE ILE A . n 
A 1 125 THR 125 125 125 THR THR A . n 
A 1 126 ARG 126 126 126 ARG ARG A . n 
A 1 127 LEU 127 127 127 LEU LEU A . n 
A 1 128 THR 128 128 128 THR THR A . n 
A 1 129 GLU 129 129 129 GLU GLU A . n 
A 1 130 LYS 130 130 130 LYS LYS A . n 
A 1 131 PHE 131 131 131 PHE PHE A . n 
A 1 132 ASP 132 132 132 ASP ASP A . n 
A 1 133 ASP 133 133 133 ASP ASP A . n 
A 1 134 ILE 134 134 134 ILE ILE A . n 
A 1 135 ILE 135 135 135 ILE ILE A . n 
A 1 136 PHE 136 136 136 PHE PHE A . n 
A 1 137 LYS 137 137 137 LYS LYS A . n 
A 1 138 VAL 138 138 138 VAL VAL A . n 
A 1 139 ALA 139 139 139 ALA ALA A . n 
A 1 140 LEU 140 140 140 LEU LEU A . n 
A 1 141 PRO 141 141 141 PRO PRO A . n 
A 1 142 ALA 142 142 142 ALA ALA A . n 
A 1 143 ASP 143 143 143 ASP ASP A . n 
A 1 144 LEU 144 144 144 LEU LEU A . n 
A 1 145 PRO 145 145 145 PRO PRO A . n 
A 1 146 LEU 146 146 146 LEU LEU A . n 
A 1 147 GLY 147 147 147 GLY GLY A . n 
A 1 148 ASP 148 148 148 ASP ASP A . n 
A 1 149 TYR 149 149 149 TYR TYR A . n 
A 1 150 SER 150 150 150 SER SER A . n 
A 1 151 VAL 151 151 151 VAL VAL A . n 
A 1 152 LYS 152 152 152 LYS LYS A . n 
A 1 153 ILE 153 153 153 ILE ILE A . n 
A 1 154 PRO 154 154 154 PRO PRO A . n 
A 1 155 TYR 155 155 155 TYR TYR A . n 
A 1 156 THR 156 156 156 THR THR A . n 
A 1 157 SER 157 157 157 SER SER A . n 
A 1 158 GLY 158 158 158 GLY GLY A . n 
A 1 159 MSE 159 159 159 MSE MSE A . n 
A 1 160 GLN 160 160 160 GLN GLN A . n 
A 1 161 ARG 161 161 161 ARG ARG A . n 
A 1 162 HIS 162 162 162 HIS HIS A . n 
A 1 163 PHE 163 163 163 PHE PHE A . n 
A 1 164 ALA 164 164 164 ALA ALA A . n 
A 1 165 SER 165 165 165 SER SER A . n 
A 1 166 TYR 166 166 166 TYR TYR A . n 
A 1 167 LEU 167 167 167 LEU LEU A . n 
A 1 168 GLY 168 168 168 GLY GLY A . n 
A 1 169 ALA 169 169 169 ALA ALA A . n 
A 1 170 ARG 170 170 170 ARG ARG A . n 
A 1 171 PHE 171 171 171 PHE PHE A . n 
A 1 172 LYS 172 172 172 LYS LYS A . n 
A 1 173 ILE 173 173 173 ILE ILE A . n 
A 1 174 PRO 174 174 174 PRO PRO A . n 
A 1 175 TYR 175 175 175 TYR TYR A . n 
A 1 176 ASN 176 176 176 ASN ASN A . n 
A 1 177 VAL 177 177 177 VAL VAL A . n 
A 1 178 ALA 178 178 178 ALA ALA A . n 
A 1 179 LYS 179 179 179 LYS LYS A . n 
A 1 180 THR 180 180 180 THR THR A . n 
A 1 181 LEU 181 181 181 LEU LEU A . n 
A 1 182 PRO 182 182 182 PRO PRO A . n 
A 1 183 ARG 183 183 183 ARG ARG A . n 
A 1 184 GLU 184 184 184 GLU GLU A . n 
A 1 185 ASN 185 185 185 ASN ASN A . n 
A 1 186 GLU 186 186 186 GLU GLU A . n 
A 1 187 MSE 187 187 187 MSE MSE A . n 
A 1 188 LEU 188 188 188 LEU LEU A . n 
A 1 189 PHE 189 189 189 PHE PHE A . n 
A 1 190 LEU 190 190 190 LEU LEU A . n 
A 1 191 PHE 191 191 191 PHE PHE A . n 
A 1 192 LYS 192 192 192 LYS LYS A . n 
A 1 193 ASN 193 193 193 ASN ASN A . n 
A 1 194 ILE 194 194 194 ILE ILE A . n 
A 1 195 GLY 195 195 195 GLY GLY A . n 
A 1 196 GLY 196 196 196 GLY GLY A . n 
# 
loop_
_pdbx_nonpoly_scheme.asym_id 
_pdbx_nonpoly_scheme.entity_id 
_pdbx_nonpoly_scheme.mon_id 
_pdbx_nonpoly_scheme.ndb_seq_num 
_pdbx_nonpoly_scheme.pdb_seq_num 
_pdbx_nonpoly_scheme.auth_seq_num 
_pdbx_nonpoly_scheme.pdb_mon_id 
_pdbx_nonpoly_scheme.auth_mon_id 
_pdbx_nonpoly_scheme.pdb_strand_id 
_pdbx_nonpoly_scheme.pdb_ins_code 
B 2 HOH 1   301 301 HOH HOH A . 
B 2 HOH 2   302 302 HOH HOH A . 
B 2 HOH 3   303 303 HOH HOH A . 
B 2 HOH 4   304 304 HOH HOH A . 
B 2 HOH 5   305 305 HOH HOH A . 
B 2 HOH 6   306 306 HOH HOH A . 
B 2 HOH 7   307 307 HOH HOH A . 
B 2 HOH 8   308 308 HOH HOH A . 
B 2 HOH 9   309 309 HOH HOH A . 
B 2 HOH 10  310 310 HOH HOH A . 
B 2 HOH 11  311 311 HOH HOH A . 
B 2 HOH 12  312 312 HOH HOH A . 
B 2 HOH 13  313 313 HOH HOH A . 
B 2 HOH 14  314 314 HOH HOH A . 
B 2 HOH 15  315 315 HOH HOH A . 
B 2 HOH 16  316 316 HOH HOH A . 
B 2 HOH 17  317 317 HOH HOH A . 
B 2 HOH 18  318 318 HOH HOH A . 
B 2 HOH 19  319 319 HOH HOH A . 
B 2 HOH 20  320 320 HOH HOH A . 
B 2 HOH 21  321 321 HOH HOH A . 
B 2 HOH 22  322 322 HOH HOH A . 
B 2 HOH 23  323 323 HOH HOH A . 
B 2 HOH 24  324 324 HOH HOH A . 
B 2 HOH 25  325 325 HOH HOH A . 
B 2 HOH 26  326 326 HOH HOH A . 
B 2 HOH 27  327 327 HOH HOH A . 
B 2 HOH 28  328 328 HOH HOH A . 
B 2 HOH 29  329 329 HOH HOH A . 
B 2 HOH 30  330 330 HOH HOH A . 
B 2 HOH 31  331 331 HOH HOH A . 
B 2 HOH 32  332 332 HOH HOH A . 
B 2 HOH 33  333 333 HOH HOH A . 
B 2 HOH 34  334 334 HOH HOH A . 
B 2 HOH 35  335 335 HOH HOH A . 
B 2 HOH 36  336 336 HOH HOH A . 
B 2 HOH 37  337 337 HOH HOH A . 
B 2 HOH 38  338 338 HOH HOH A . 
B 2 HOH 39  339 339 HOH HOH A . 
B 2 HOH 40  340 340 HOH HOH A . 
B 2 HOH 41  341 341 HOH HOH A . 
B 2 HOH 42  342 342 HOH HOH A . 
B 2 HOH 43  343 343 HOH HOH A . 
B 2 HOH 44  344 344 HOH HOH A . 
B 2 HOH 45  345 345 HOH HOH A . 
B 2 HOH 46  346 346 HOH HOH A . 
B 2 HOH 47  347 347 HOH HOH A . 
B 2 HOH 48  348 348 HOH HOH A . 
B 2 HOH 49  349 349 HOH HOH A . 
B 2 HOH 50  350 350 HOH HOH A . 
B 2 HOH 51  351 351 HOH HOH A . 
B 2 HOH 52  352 352 HOH HOH A . 
B 2 HOH 53  353 353 HOH HOH A . 
B 2 HOH 54  354 354 HOH HOH A . 
B 2 HOH 55  355 355 HOH HOH A . 
B 2 HOH 56  356 356 HOH HOH A . 
B 2 HOH 57  357 357 HOH HOH A . 
B 2 HOH 58  358 358 HOH HOH A . 
B 2 HOH 59  359 359 HOH HOH A . 
B 2 HOH 60  360 360 HOH HOH A . 
B 2 HOH 61  361 361 HOH HOH A . 
B 2 HOH 62  362 362 HOH HOH A . 
B 2 HOH 63  363 363 HOH HOH A . 
B 2 HOH 64  364 364 HOH HOH A . 
B 2 HOH 65  365 365 HOH HOH A . 
B 2 HOH 66  366 366 HOH HOH A . 
B 2 HOH 67  367 367 HOH HOH A . 
B 2 HOH 68  368 368 HOH HOH A . 
B 2 HOH 69  369 369 HOH HOH A . 
B 2 HOH 70  370 370 HOH HOH A . 
B 2 HOH 71  371 371 HOH HOH A . 
B 2 HOH 72  372 372 HOH HOH A . 
B 2 HOH 73  373 373 HOH HOH A . 
B 2 HOH 74  374 374 HOH HOH A . 
B 2 HOH 75  375 375 HOH HOH A . 
B 2 HOH 76  376 376 HOH HOH A . 
B 2 HOH 77  377 377 HOH HOH A . 
B 2 HOH 78  378 378 HOH HOH A . 
B 2 HOH 79  379 379 HOH HOH A . 
B 2 HOH 80  380 380 HOH HOH A . 
B 2 HOH 81  381 381 HOH HOH A . 
B 2 HOH 82  382 382 HOH HOH A . 
B 2 HOH 83  383 383 HOH HOH A . 
B 2 HOH 84  384 384 HOH HOH A . 
B 2 HOH 85  385 385 HOH HOH A . 
B 2 HOH 86  386 386 HOH HOH A . 
B 2 HOH 87  387 387 HOH HOH A . 
B 2 HOH 88  388 388 HOH HOH A . 
B 2 HOH 89  389 389 HOH HOH A . 
B 2 HOH 90  390 390 HOH HOH A . 
B 2 HOH 91  391 391 HOH HOH A . 
B 2 HOH 92  392 392 HOH HOH A . 
B 2 HOH 93  393 393 HOH HOH A . 
B 2 HOH 94  394 394 HOH HOH A . 
B 2 HOH 95  395 395 HOH HOH A . 
B 2 HOH 96  396 396 HOH HOH A . 
B 2 HOH 97  397 397 HOH HOH A . 
B 2 HOH 98  398 398 HOH HOH A . 
B 2 HOH 99  399 399 HOH HOH A . 
B 2 HOH 100 400 400 HOH HOH A . 
B 2 HOH 101 401 401 HOH HOH A . 
B 2 HOH 102 402 402 HOH HOH A . 
B 2 HOH 103 403 403 HOH HOH A . 
B 2 HOH 104 404 404 HOH HOH A . 
B 2 HOH 105 405 405 HOH HOH A . 
B 2 HOH 106 406 406 HOH HOH A . 
B 2 HOH 107 407 407 HOH HOH A . 
B 2 HOH 108 408 408 HOH HOH A . 
B 2 HOH 109 409 409 HOH HOH A . 
B 2 HOH 110 410 410 HOH HOH A . 
B 2 HOH 111 411 411 HOH HOH A . 
# 
_software.name             CNS 
_software.classification   refinement 
_software.version          1.0 
_software.citation_id      ? 
_software.pdbx_ordinal     1 
# 
_cell.entry_id           1J8S 
_cell.length_a           55.130 
_cell.length_b           78.260 
_cell.length_c           158.410 
_cell.angle_alpha        90.00 
_cell.angle_beta         90.00 
_cell.angle_gamma        90.00 
_cell.Z_PDB              8 
_cell.pdbx_unique_axis   ? 
# 
_symmetry.entry_id                         1J8S 
_symmetry.space_group_name_H-M             'I 2 2 2' 
_symmetry.pdbx_full_space_group_name_H-M   ? 
_symmetry.cell_setting                     orthorhombic 
_symmetry.Int_Tables_number                23 
# 
_exptl.entry_id          1J8S 
_exptl.method            'X-RAY DIFFRACTION' 
_exptl.crystals_number   1 
# 
_exptl_crystal.id                    1 
_exptl_crystal.density_meas          ? 
_exptl_crystal.density_Matthews      3.75 
_exptl_crystal.density_percent_sol   67.20 
_exptl_crystal.description           ? 
# 
_diffrn.id                     1 
_diffrn.ambient_temp           ? 
_diffrn.ambient_temp_details   ? 
_diffrn.crystal_id             1 
# 
_diffrn_detector.diffrn_id              1 
_diffrn_detector.detector               'AREA DETECTOR' 
_diffrn_detector.type                   ? 
_diffrn_detector.pdbx_collection_date   ? 
_diffrn_detector.details                ? 
# 
_diffrn_radiation.diffrn_id                        1 
_diffrn_radiation.wavelength_id                    1 
_diffrn_radiation.pdbx_monochromatic_or_laue_m_l   M 
_diffrn_radiation.monochromator                    ? 
_diffrn_radiation.pdbx_diffrn_protocol             'SINGLE WAVELENGTH' 
_diffrn_radiation.pdbx_scattering_type             x-ray 
# 
_diffrn_radiation_wavelength.id           1 
_diffrn_radiation_wavelength.wavelength   . 
_diffrn_radiation_wavelength.wt           1.0 
# 
_diffrn_source.diffrn_id                   1 
_diffrn_source.source                      SYNCHROTRON 
_diffrn_source.type                        'APS BEAMLINE 19-BM' 
_diffrn_source.pdbx_synchrotron_site       APS 
_diffrn_source.pdbx_synchrotron_beamline   19-BM 
_diffrn_source.pdbx_wavelength             ? 
_diffrn_source.pdbx_wavelength_list        ? 
# 
_reflns.entry_id                     1J8S 
_reflns.observed_criterion_sigma_I   0.5 
_reflns.observed_criterion_sigma_F   ? 
_reflns.d_resolution_low             27.57 
_reflns.d_resolution_high            2.10 
_reflns.number_obs                   19087 
_reflns.number_all                   ? 
_reflns.percent_possible_obs         93.3 
_reflns.pdbx_Rmerge_I_obs            ? 
_reflns.pdbx_Rsym_value              ? 
_reflns.pdbx_netI_over_sigmaI        ? 
_reflns.B_iso_Wilson_estimate        21.3 
_reflns.pdbx_redundancy              ? 
_reflns.R_free_details               ? 
_reflns.limit_h_max                  ? 
_reflns.limit_h_min                  ? 
_reflns.limit_k_max                  ? 
_reflns.limit_k_min                  ? 
_reflns.limit_l_max                  ? 
_reflns.limit_l_min                  ? 
_reflns.observed_criterion_F_max     ? 
_reflns.observed_criterion_F_min     ? 
_reflns.pdbx_diffrn_id               1 
_reflns.pdbx_ordinal                 1 
# 
_reflns_shell.d_res_high             2.10 
_reflns_shell.d_res_low              2.23 
_reflns_shell.percent_possible_all   95.4 
_reflns_shell.Rmerge_I_obs           ? 
_reflns_shell.pdbx_Rsym_value        ? 
_reflns_shell.meanI_over_sigI_obs    ? 
_reflns_shell.pdbx_redundancy        ? 
_reflns_shell.percent_possible_obs   ? 
_reflns_shell.number_unique_all      2813 
_reflns_shell.pdbx_diffrn_id         ? 
_reflns_shell.pdbx_ordinal           1 
# 
_refine.entry_id                                 1J8S 
_refine.ls_number_reflns_obs                     19087 
_refine.ls_number_reflns_all                     ? 
_refine.pdbx_ls_sigma_I                          ? 
_refine.pdbx_ls_sigma_F                          1.0 
_refine.pdbx_data_cutoff_high_absF               194646.02 
_refine.pdbx_data_cutoff_low_absF                0.00 
_refine.ls_d_res_low                             27.57 
_refine.ls_d_res_high                            2.10 
_refine.ls_percent_reflns_obs                    93.3 
_refine.ls_R_factor_obs                          0.232 
_refine.ls_R_factor_all                          ? 
_refine.ls_R_factor_R_work                       0.232 
_refine.ls_R_factor_R_free                       0.255 
_refine.ls_R_factor_R_free_error                 0.006 
_refine.ls_R_factor_R_free_error_details         ? 
_refine.ls_percent_reflns_R_free                 9.8 
_refine.ls_number_reflns_R_free                  1867 
_refine.ls_number_parameters                     ? 
_refine.ls_number_restraints                     ? 
_refine.occupancy_min                            ? 
_refine.occupancy_max                            ? 
_refine.B_iso_mean                               29.7 
_refine.aniso_B[1][1]                            0.99 
_refine.aniso_B[2][2]                            12.07 
_refine.aniso_B[3][3]                            -13.06 
_refine.aniso_B[1][2]                            0.00 
_refine.aniso_B[1][3]                            0.00 
_refine.aniso_B[2][3]                            0.00 
_refine.solvent_model_details                    'FLAT MODEL' 
_refine.solvent_model_param_ksol                 0.371 
_refine.solvent_model_param_bsol                 49.30 
_refine.pdbx_ls_cross_valid_method               THROUGHOUT 
_refine.details                                  ? 
_refine.pdbx_starting_model                      ? 
_refine.pdbx_method_to_determine_struct          'MAD at the Se edge' 
_refine.pdbx_isotropic_thermal_model             RESTRAINED 
_refine.pdbx_stereochemistry_target_values       ? 
_refine.pdbx_stereochem_target_val_spec_case     ? 
_refine.pdbx_R_Free_selection_details            RANDOM 
_refine.pdbx_overall_ESU_R_Free                  ? 
_refine.overall_SU_B                             ? 
_refine.ls_redundancy_reflns_obs                 ? 
_refine.B_iso_min                                ? 
_refine.B_iso_max                                ? 
_refine.correlation_coeff_Fo_to_Fc               ? 
_refine.correlation_coeff_Fo_to_Fc_free          ? 
_refine.overall_SU_R_Cruickshank_DPI             ? 
_refine.overall_SU_R_free                        ? 
_refine.overall_SU_ML                            ? 
_refine.pdbx_overall_ESU_R                       ? 
_refine.pdbx_data_cutoff_high_rms_absF           ? 
_refine.pdbx_refine_id                           'X-RAY DIFFRACTION' 
_refine.pdbx_diffrn_id                           1 
_refine.pdbx_TLS_residual_ADP_flag               ? 
_refine.pdbx_solvent_vdw_probe_radii             ? 
_refine.pdbx_solvent_ion_probe_radii             ? 
_refine.pdbx_solvent_shrinkage_radii             ? 
_refine.pdbx_overall_phase_error                 ? 
_refine.pdbx_overall_SU_R_free_Cruickshank_DPI   ? 
_refine.pdbx_overall_SU_R_Blow_DPI               ? 
_refine.pdbx_overall_SU_R_free_Blow_DPI          ? 
# 
_refine_analyze.entry_id                        1J8S 
_refine_analyze.Luzzati_coordinate_error_obs    0.29 
_refine_analyze.Luzzati_sigma_a_obs             0.31 
_refine_analyze.Luzzati_d_res_low_obs           6.00 
_refine_analyze.Luzzati_coordinate_error_free   0.33 
_refine_analyze.Luzzati_sigma_a_free            0.32 
_refine_analyze.Luzzati_d_res_low_free          ? 
_refine_analyze.number_disordered_residues      ? 
_refine_analyze.occupancy_sum_hydrogen          ? 
_refine_analyze.occupancy_sum_non_hydrogen      ? 
_refine_analyze.pdbx_Luzzati_d_res_high_obs     ? 
_refine_analyze.pdbx_refine_id                  'X-RAY DIFFRACTION' 
# 
_refine_hist.pdbx_refine_id                   'X-RAY DIFFRACTION' 
_refine_hist.cycle_id                         LAST 
_refine_hist.pdbx_number_atoms_protein        1605 
_refine_hist.pdbx_number_atoms_nucleic_acid   0 
_refine_hist.pdbx_number_atoms_ligand         0 
_refine_hist.number_atoms_solvent             111 
_refine_hist.number_atoms_total               1716 
_refine_hist.d_res_high                       2.10 
_refine_hist.d_res_low                        27.57 
# 
loop_
_refine_ls_restr.type 
_refine_ls_restr.dev_ideal 
_refine_ls_restr.dev_ideal_target 
_refine_ls_restr.weight 
_refine_ls_restr.number 
_refine_ls_restr.pdbx_refine_id 
_refine_ls_restr.pdbx_restraint_function 
c_bond_d                0.006 ?    ? ? 'X-RAY DIFFRACTION' ? 
c_bond_d_na             ?     ?    ? ? 'X-RAY DIFFRACTION' ? 
c_bond_d_prot           ?     ?    ? ? 'X-RAY DIFFRACTION' ? 
c_angle_d               ?     ?    ? ? 'X-RAY DIFFRACTION' ? 
c_angle_d_na            ?     ?    ? ? 'X-RAY DIFFRACTION' ? 
c_angle_d_prot          ?     ?    ? ? 'X-RAY DIFFRACTION' ? 
c_angle_deg             1.3   ?    ? ? 'X-RAY DIFFRACTION' ? 
c_angle_deg_na          ?     ?    ? ? 'X-RAY DIFFRACTION' ? 
c_angle_deg_prot        ?     ?    ? ? 'X-RAY DIFFRACTION' ? 
c_dihedral_angle_d      26.9  ?    ? ? 'X-RAY DIFFRACTION' ? 
c_dihedral_angle_d_na   ?     ?    ? ? 'X-RAY DIFFRACTION' ? 
c_dihedral_angle_d_prot ?     ?    ? ? 'X-RAY DIFFRACTION' ? 
c_improper_angle_d      0.78  ?    ? ? 'X-RAY DIFFRACTION' ? 
c_improper_angle_d_na   ?     ?    ? ? 'X-RAY DIFFRACTION' ? 
c_improper_angle_d_prot ?     ?    ? ? 'X-RAY DIFFRACTION' ? 
c_mcbond_it             1.19  1.50 ? ? 'X-RAY DIFFRACTION' ? 
c_mcangle_it            1.79  2.00 ? ? 'X-RAY DIFFRACTION' ? 
c_scbond_it             2.29  2.00 ? ? 'X-RAY DIFFRACTION' ? 
c_scangle_it            3.18  2.50 ? ? 'X-RAY DIFFRACTION' ? 
# 
_refine_ls_shell.pdbx_total_number_of_bins_used   6 
_refine_ls_shell.d_res_high                       2.10 
_refine_ls_shell.d_res_low                        2.23 
_refine_ls_shell.number_reflns_R_work             2500 
_refine_ls_shell.R_factor_R_work                  0.324 
_refine_ls_shell.percent_reflns_obs               84.3 
_refine_ls_shell.R_factor_R_free                  0.322 
_refine_ls_shell.R_factor_R_free_error            0.018 
_refine_ls_shell.percent_reflns_R_free            11.1 
_refine_ls_shell.number_reflns_R_free             313 
_refine_ls_shell.number_reflns_obs                ? 
_refine_ls_shell.redundancy_reflns_obs            ? 
_refine_ls_shell.number_reflns_all                ? 
_refine_ls_shell.pdbx_refine_id                   'X-RAY DIFFRACTION' 
_refine_ls_shell.R_factor_all                     ? 
# 
loop_
_pdbx_xplor_file.serial_no 
_pdbx_xplor_file.param_file 
_pdbx_xplor_file.topol_file 
_pdbx_xplor_file.pdbx_refine_id 
1 PROTEIN_REP.PARAM PROTEIN.TOP 'X-RAY DIFFRACTION' 
2 WATER_REP.PARAM   WATER.TOP   'X-RAY DIFFRACTION' 
# 
_struct.entry_id                  1J8S 
_struct.title                     'PAPG ADHESIN RECEPTOR BINDING DOMAIN-UNBOUND FORM' 
_struct.pdbx_model_details        ? 
_struct.pdbx_CASP_flag            ? 
_struct.pdbx_model_type_details   ? 
# 
_struct_keywords.entry_id        1J8S 
_struct_keywords.pdbx_keywords   'STRUCTURAL PROTEIN' 
_struct_keywords.text            'PapG adhesin, receptor, STRUCTURAL PROTEIN' 
# 
loop_
_struct_asym.id 
_struct_asym.pdbx_blank_PDB_chainid_flag 
_struct_asym.pdbx_modified 
_struct_asym.entity_id 
_struct_asym.details 
A N N 1 ? 
B N N 2 ? 
# 
_struct_ref.id                         1 
_struct_ref.db_name                    UNP 
_struct_ref.db_code                    Q47450_ECOLI 
_struct_ref.pdbx_db_accession          Q47450 
_struct_ref.entity_id                  1 
_struct_ref.pdbx_align_begin           21 
_struct_ref.pdbx_db_isoform            ? 
_struct_ref.pdbx_seq_one_letter_code   ? 
# 
_struct_ref_seq.align_id                      1 
_struct_ref_seq.ref_id                        1 
_struct_ref_seq.pdbx_PDB_id_code              1J8S 
_struct_ref_seq.pdbx_strand_id                A 
_struct_ref_seq.seq_align_beg                 1 
_struct_ref_seq.pdbx_seq_align_beg_ins_code   ? 
_struct_ref_seq.seq_align_end                 196 
_struct_ref_seq.pdbx_seq_align_end_ins_code   ? 
_struct_ref_seq.pdbx_db_accession             Q47450 
_struct_ref_seq.db_align_beg                  21 
_struct_ref_seq.pdbx_db_align_beg_ins_code    ? 
_struct_ref_seq.db_align_end                  216 
_struct_ref_seq.pdbx_db_align_end_ins_code    ? 
_struct_ref_seq.pdbx_auth_seq_align_beg       1 
_struct_ref_seq.pdbx_auth_seq_align_end       196 
# 
_pdbx_struct_assembly.id                   1 
_pdbx_struct_assembly.details              author_defined_assembly 
_pdbx_struct_assembly.method_details       ? 
_pdbx_struct_assembly.oligomeric_details   monomeric 
_pdbx_struct_assembly.oligomeric_count     1 
# 
_pdbx_struct_assembly_gen.assembly_id       1 
_pdbx_struct_assembly_gen.oper_expression   1 
_pdbx_struct_assembly_gen.asym_id_list      A,B 
# 
_pdbx_struct_oper_list.id                   1 
_pdbx_struct_oper_list.type                 'identity operation' 
_pdbx_struct_oper_list.name                 1_555 
_pdbx_struct_oper_list.symmetry_operation   x,y,z 
_pdbx_struct_oper_list.matrix[1][1]         1.0000000000 
_pdbx_struct_oper_list.matrix[1][2]         0.0000000000 
_pdbx_struct_oper_list.matrix[1][3]         0.0000000000 
_pdbx_struct_oper_list.vector[1]            0.0000000000 
_pdbx_struct_oper_list.matrix[2][1]         0.0000000000 
_pdbx_struct_oper_list.matrix[2][2]         1.0000000000 
_pdbx_struct_oper_list.matrix[2][3]         0.0000000000 
_pdbx_struct_oper_list.vector[2]            0.0000000000 
_pdbx_struct_oper_list.matrix[3][1]         0.0000000000 
_pdbx_struct_oper_list.matrix[3][2]         0.0000000000 
_pdbx_struct_oper_list.matrix[3][3]         1.0000000000 
_pdbx_struct_oper_list.vector[3]            0.0000000000 
# 
_struct_biol.id                    1 
_struct_biol.pdbx_parent_biol_id   ? 
_struct_biol.details               ? 
# 
_struct_conf.conf_type_id            HELX_P 
_struct_conf.id                      HELX_P1 
_struct_conf.pdbx_PDB_helix_id       1 
_struct_conf.beg_label_comp_id       PRO 
_struct_conf.beg_label_asym_id       A 
_struct_conf.beg_label_seq_id        174 
_struct_conf.pdbx_beg_PDB_ins_code   ? 
_struct_conf.end_label_comp_id       LYS 
_struct_conf.end_label_asym_id       A 
_struct_conf.end_label_seq_id        179 
_struct_conf.pdbx_end_PDB_ins_code   ? 
_struct_conf.beg_auth_comp_id        PRO 
_struct_conf.beg_auth_asym_id        A 
_struct_conf.beg_auth_seq_id         174 
_struct_conf.end_auth_comp_id        LYS 
_struct_conf.end_auth_asym_id        A 
_struct_conf.end_auth_seq_id         179 
_struct_conf.pdbx_PDB_helix_class    1 
_struct_conf.details                 ? 
_struct_conf.pdbx_PDB_helix_length   6 
# 
_struct_conf_type.id          HELX_P 
_struct_conf_type.criteria    ? 
_struct_conf_type.reference   ? 
# 
loop_
_struct_conn.id 
_struct_conn.conn_type_id 
_struct_conn.pdbx_leaving_atom_flag 
_struct_conn.pdbx_PDB_id 
_struct_conn.ptnr1_label_asym_id 
_struct_conn.ptnr1_label_comp_id 
_struct_conn.ptnr1_label_seq_id 
_struct_conn.ptnr1_label_atom_id 
_struct_conn.pdbx_ptnr1_label_alt_id 
_struct_conn.pdbx_ptnr1_PDB_ins_code 
_struct_conn.pdbx_ptnr1_standard_comp_id 
_struct_conn.ptnr1_symmetry 
_struct_conn.ptnr2_label_asym_id 
_struct_conn.ptnr2_label_comp_id 
_struct_conn.ptnr2_label_seq_id 
_struct_conn.ptnr2_label_atom_id 
_struct_conn.pdbx_ptnr2_label_alt_id 
_struct_conn.pdbx_ptnr2_PDB_ins_code 
_struct_conn.ptnr1_auth_asym_id 
_struct_conn.ptnr1_auth_comp_id 
_struct_conn.ptnr1_auth_seq_id 
_struct_conn.ptnr2_auth_asym_id 
_struct_conn.ptnr2_auth_comp_id 
_struct_conn.ptnr2_auth_seq_id 
_struct_conn.ptnr2_symmetry 
_struct_conn.pdbx_ptnr3_label_atom_id 
_struct_conn.pdbx_ptnr3_label_seq_id 
_struct_conn.pdbx_ptnr3_label_comp_id 
_struct_conn.pdbx_ptnr3_label_asym_id 
_struct_conn.pdbx_ptnr3_label_alt_id 
_struct_conn.pdbx_ptnr3_PDB_ins_code 
_struct_conn.details 
_struct_conn.pdbx_dist_value 
_struct_conn.pdbx_value_order 
_struct_conn.pdbx_role 
disulf1 disulf ?    ? A CYS 44  SG ? ? ? 1_555 A CYS 118 SG ? ? A CYS 44  A CYS 118 1_555 ? ? ? ? ? ? ? 2.033 ? ? 
covale1 covale both ? A VAL 70  C  ? ? ? 1_555 A MSE 71  N  ? ? A VAL 70  A MSE 71  1_555 ? ? ? ? ? ? ? 1.328 ? ? 
covale2 covale both ? A MSE 71  C  ? ? ? 1_555 A THR 72  N  ? ? A MSE 71  A THR 72  1_555 ? ? ? ? ? ? ? 1.330 ? ? 
covale3 covale both ? A GLY 158 C  ? ? ? 1_555 A MSE 159 N  ? ? A GLY 158 A MSE 159 1_555 ? ? ? ? ? ? ? 1.327 ? ? 
covale4 covale both ? A MSE 159 C  ? ? ? 1_555 A GLN 160 N  ? ? A MSE 159 A GLN 160 1_555 ? ? ? ? ? ? ? 1.326 ? ? 
covale5 covale both ? A GLU 186 C  ? ? ? 1_555 A MSE 187 N  ? ? A GLU 186 A MSE 187 1_555 ? ? ? ? ? ? ? 1.324 ? ? 
covale6 covale both ? A MSE 187 C  ? ? ? 1_555 A LEU 188 N  ? ? A MSE 187 A LEU 188 1_555 ? ? ? ? ? ? ? 1.329 ? ? 
# 
loop_
_struct_conn_type.id 
_struct_conn_type.criteria 
_struct_conn_type.reference 
disulf ? ? 
covale ? ? 
# 
loop_
_pdbx_modification_feature.ordinal 
_pdbx_modification_feature.label_comp_id 
_pdbx_modification_feature.label_asym_id 
_pdbx_modification_feature.label_seq_id 
_pdbx_modification_feature.label_alt_id 
_pdbx_modification_feature.modified_residue_label_comp_id 
_pdbx_modification_feature.modified_residue_label_asym_id 
_pdbx_modification_feature.modified_residue_label_seq_id 
_pdbx_modification_feature.modified_residue_label_alt_id 
_pdbx_modification_feature.auth_comp_id 
_pdbx_modification_feature.auth_asym_id 
_pdbx_modification_feature.auth_seq_id 
_pdbx_modification_feature.PDB_ins_code 
_pdbx_modification_feature.symmetry 
_pdbx_modification_feature.modified_residue_auth_comp_id 
_pdbx_modification_feature.modified_residue_auth_asym_id 
_pdbx_modification_feature.modified_residue_auth_seq_id 
_pdbx_modification_feature.modified_residue_PDB_ins_code 
_pdbx_modification_feature.modified_residue_symmetry 
_pdbx_modification_feature.comp_id_linking_atom 
_pdbx_modification_feature.modified_residue_id_linking_atom 
_pdbx_modification_feature.modified_residue_id 
_pdbx_modification_feature.ref_pcm_id 
_pdbx_modification_feature.ref_comp_id 
_pdbx_modification_feature.type 
_pdbx_modification_feature.category 
1 MSE A 71  ? .   . .   . MSE A 71  ? 1_555 .   . .   . .     .  .  MET 1 MSE Selenomethionine 'Named protein modification' 
2 MSE A 159 ? .   . .   . MSE A 159 ? 1_555 .   . .   . .     .  .  MET 1 MSE Selenomethionine 'Named protein modification' 
3 MSE A 187 ? .   . .   . MSE A 187 ? 1_555 .   . .   . .     .  .  MET 1 MSE Selenomethionine 'Named protein modification' 
4 CYS A 44  ? CYS A 118 ? CYS A 44  ? 1_555 CYS A 118 ? 1_555 SG SG .   . .   None             'Disulfide bridge'           
# 
loop_
_struct_sheet.id 
_struct_sheet.type 
_struct_sheet.number_strands 
_struct_sheet.details 
A ? 7 ? 
B ? 6 ? 
C ? 4 ? 
D ? 2 ? 
# 
loop_
_struct_sheet_order.sheet_id 
_struct_sheet_order.range_id_1 
_struct_sheet_order.range_id_2 
_struct_sheet_order.offset 
_struct_sheet_order.sense 
A 1 2 ? anti-parallel 
A 2 3 ? anti-parallel 
A 3 4 ? anti-parallel 
A 4 5 ? anti-parallel 
A 5 6 ? anti-parallel 
A 6 7 ? anti-parallel 
B 1 2 ? anti-parallel 
B 2 3 ? anti-parallel 
B 3 4 ? anti-parallel 
B 4 5 ? anti-parallel 
B 5 6 ? parallel      
C 1 2 ? anti-parallel 
C 2 3 ? anti-parallel 
C 3 4 ? anti-parallel 
D 1 2 ? anti-parallel 
# 
loop_
_struct_sheet_range.sheet_id 
_struct_sheet_range.id 
_struct_sheet_range.beg_label_comp_id 
_struct_sheet_range.beg_label_asym_id 
_struct_sheet_range.beg_label_seq_id 
_struct_sheet_range.pdbx_beg_PDB_ins_code 
_struct_sheet_range.end_label_comp_id 
_struct_sheet_range.end_label_asym_id 
_struct_sheet_range.end_label_seq_id 
_struct_sheet_range.pdbx_end_PDB_ins_code 
_struct_sheet_range.beg_auth_comp_id 
_struct_sheet_range.beg_auth_asym_id 
_struct_sheet_range.beg_auth_seq_id 
_struct_sheet_range.end_auth_comp_id 
_struct_sheet_range.end_auth_asym_id 
_struct_sheet_range.end_auth_seq_id 
A 1 SER A 89  ? GLU A 91  ? SER A 89  GLU A 91  
A 2 SER A 98  ? ALA A 111 ? SER A 98  ALA A 111 
A 3 TYR A 56  ? PRO A 67  ? TYR A 56  PRO A 67  
A 4 GLY A 147 ? ALA A 164 ? GLY A 147 ALA A 164 
A 5 ASN A 2   ? LEU A 9   ? ASN A 2   LEU A 9   
A 6 GLY A 35  ? CYS A 44  ? GLY A 35  CYS A 44  
A 7 ILE A 124 ? LEU A 127 ? ILE A 124 LEU A 127 
B 1 SER A 89  ? GLU A 91  ? SER A 89  GLU A 91  
B 2 SER A 98  ? ALA A 111 ? SER A 98  ALA A 111 
B 3 TYR A 56  ? PRO A 67  ? TYR A 56  PRO A 67  
B 4 GLY A 147 ? ALA A 164 ? GLY A 147 ALA A 164 
B 5 ASN A 185 ? ASN A 193 ? ASN A 185 ASN A 193 
B 6 VAL A 12  ? VAL A 20  ? VAL A 12  VAL A 20  
C 1 GLN A 27  ? THR A 30  ? GLN A 27  THR A 30  
C 2 ILE A 134 ? ALA A 139 ? ILE A 134 ALA A 139 
C 3 PRO A 77  ? ASN A 84  ? PRO A 77  ASN A 84  
C 4 LYS A 69  ? MSE A 71  ? LYS A 69  MSE A 71  
D 1 PHE A 49  ? ALA A 50  ? PHE A 49  ALA A 50  
D 2 GLY A 115 ? ASN A 116 ? GLY A 115 ASN A 116 
# 
loop_
_pdbx_struct_sheet_hbond.sheet_id 
_pdbx_struct_sheet_hbond.range_id_1 
_pdbx_struct_sheet_hbond.range_id_2 
_pdbx_struct_sheet_hbond.range_1_label_atom_id 
_pdbx_struct_sheet_hbond.range_1_label_comp_id 
_pdbx_struct_sheet_hbond.range_1_label_asym_id 
_pdbx_struct_sheet_hbond.range_1_label_seq_id 
_pdbx_struct_sheet_hbond.range_1_PDB_ins_code 
_pdbx_struct_sheet_hbond.range_1_auth_atom_id 
_pdbx_struct_sheet_hbond.range_1_auth_comp_id 
_pdbx_struct_sheet_hbond.range_1_auth_asym_id 
_pdbx_struct_sheet_hbond.range_1_auth_seq_id 
_pdbx_struct_sheet_hbond.range_2_label_atom_id 
_pdbx_struct_sheet_hbond.range_2_label_comp_id 
_pdbx_struct_sheet_hbond.range_2_label_asym_id 
_pdbx_struct_sheet_hbond.range_2_label_seq_id 
_pdbx_struct_sheet_hbond.range_2_PDB_ins_code 
_pdbx_struct_sheet_hbond.range_2_auth_atom_id 
_pdbx_struct_sheet_hbond.range_2_auth_comp_id 
_pdbx_struct_sheet_hbond.range_2_auth_asym_id 
_pdbx_struct_sheet_hbond.range_2_auth_seq_id 
A 1 2 N GLU A 91  ? N GLU A 91  O PHE A 100 ? O PHE A 100 
A 2 3 N ALA A 111 ? N ALA A 111 O TYR A 56  ? O TYR A 56  
A 3 4 N VAL A 65  ? N VAL A 65  O THR A 156 ? O THR A 156 
A 4 5 O PHE A 163 ? O PHE A 163 N ASN A 3   ? N ASN A 3   
A 5 6 N SER A 8   ? N SER A 8   O THR A 38  ? O THR A 38  
A 6 7 N ALA A 37  ? N ALA A 37  O THR A 125 ? O THR A 125 
B 1 2 N GLU A 91  ? N GLU A 91  O PHE A 100 ? O PHE A 100 
B 2 3 N ALA A 111 ? N ALA A 111 O TYR A 56  ? O TYR A 56  
B 3 4 N VAL A 65  ? N VAL A 65  O THR A 156 ? O THR A 156 
B 4 5 O TYR A 155 ? O TYR A 155 N ASN A 185 ? N ASN A 185 
B 5 6 N LEU A 188 ? N LEU A 188 O ASN A 13  ? O ASN A 13  
C 1 2 N THR A 30  ? N THR A 30  O ILE A 134 ? O ILE A 134 
C 2 3 N ALA A 139 ? N ALA A 139 O PHE A 79  ? O PHE A 79  
C 3 4 O LEU A 78  ? O LEU A 78  N VAL A 70  ? N VAL A 70  
D 1 2 N ALA A 50  ? N ALA A 50  O GLY A 115 ? O GLY A 115 
# 
_pdbx_entry_details.entry_id                   1J8S 
_pdbx_entry_details.compound_details           ? 
_pdbx_entry_details.source_details             ? 
_pdbx_entry_details.nonpolymer_details         ? 
_pdbx_entry_details.sequence_details           ? 
_pdbx_entry_details.has_ligand_of_interest     ? 
_pdbx_entry_details.has_protein_modification   Y 
# 
loop_
_pdbx_validate_torsion.id 
_pdbx_validate_torsion.PDB_model_num 
_pdbx_validate_torsion.auth_comp_id 
_pdbx_validate_torsion.auth_asym_id 
_pdbx_validate_torsion.auth_seq_id 
_pdbx_validate_torsion.PDB_ins_code 
_pdbx_validate_torsion.label_alt_id 
_pdbx_validate_torsion.phi 
_pdbx_validate_torsion.psi 
1 1 ILE A 22  ? ? -59.47  -5.57  
2 1 TRP A 41  ? ? -172.34 144.48 
3 1 CYS A 118 ? ? -166.30 62.23  
# 
loop_
_pdbx_struct_mod_residue.id 
_pdbx_struct_mod_residue.label_asym_id 
_pdbx_struct_mod_residue.label_comp_id 
_pdbx_struct_mod_residue.label_seq_id 
_pdbx_struct_mod_residue.auth_asym_id 
_pdbx_struct_mod_residue.auth_comp_id 
_pdbx_struct_mod_residue.auth_seq_id 
_pdbx_struct_mod_residue.PDB_ins_code 
_pdbx_struct_mod_residue.parent_comp_id 
_pdbx_struct_mod_residue.details 
1 A MSE 71  A MSE 71  ? MET SELENOMETHIONINE 
2 A MSE 159 A MSE 159 ? MET SELENOMETHIONINE 
3 A MSE 187 A MSE 187 ? MET SELENOMETHIONINE 
# 
loop_
_chem_comp_atom.comp_id 
_chem_comp_atom.atom_id 
_chem_comp_atom.type_symbol 
_chem_comp_atom.pdbx_aromatic_flag 
_chem_comp_atom.pdbx_stereo_config 
_chem_comp_atom.pdbx_ordinal 
ALA N    N  N N 1   
ALA CA   C  N S 2   
ALA C    C  N N 3   
ALA O    O  N N 4   
ALA CB   C  N N 5   
ALA OXT  O  N N 6   
ALA H    H  N N 7   
ALA H2   H  N N 8   
ALA HA   H  N N 9   
ALA HB1  H  N N 10  
ALA HB2  H  N N 11  
ALA HB3  H  N N 12  
ALA HXT  H  N N 13  
ARG N    N  N N 14  
ARG CA   C  N S 15  
ARG C    C  N N 16  
ARG O    O  N N 17  
ARG CB   C  N N 18  
ARG CG   C  N N 19  
ARG CD   C  N N 20  
ARG NE   N  N N 21  
ARG CZ   C  N N 22  
ARG NH1  N  N N 23  
ARG NH2  N  N N 24  
ARG OXT  O  N N 25  
ARG H    H  N N 26  
ARG H2   H  N N 27  
ARG HA   H  N N 28  
ARG HB2  H  N N 29  
ARG HB3  H  N N 30  
ARG HG2  H  N N 31  
ARG HG3  H  N N 32  
ARG HD2  H  N N 33  
ARG HD3  H  N N 34  
ARG HE   H  N N 35  
ARG HH11 H  N N 36  
ARG HH12 H  N N 37  
ARG HH21 H  N N 38  
ARG HH22 H  N N 39  
ARG HXT  H  N N 40  
ASN N    N  N N 41  
ASN CA   C  N S 42  
ASN C    C  N N 43  
ASN O    O  N N 44  
ASN CB   C  N N 45  
ASN CG   C  N N 46  
ASN OD1  O  N N 47  
ASN ND2  N  N N 48  
ASN OXT  O  N N 49  
ASN H    H  N N 50  
ASN H2   H  N N 51  
ASN HA   H  N N 52  
ASN HB2  H  N N 53  
ASN HB3  H  N N 54  
ASN HD21 H  N N 55  
ASN HD22 H  N N 56  
ASN HXT  H  N N 57  
ASP N    N  N N 58  
ASP CA   C  N S 59  
ASP C    C  N N 60  
ASP O    O  N N 61  
ASP CB   C  N N 62  
ASP CG   C  N N 63  
ASP OD1  O  N N 64  
ASP OD2  O  N N 65  
ASP OXT  O  N N 66  
ASP H    H  N N 67  
ASP H2   H  N N 68  
ASP HA   H  N N 69  
ASP HB2  H  N N 70  
ASP HB3  H  N N 71  
ASP HD2  H  N N 72  
ASP HXT  H  N N 73  
CYS N    N  N N 74  
CYS CA   C  N R 75  
CYS C    C  N N 76  
CYS O    O  N N 77  
CYS CB   C  N N 78  
CYS SG   S  N N 79  
CYS OXT  O  N N 80  
CYS H    H  N N 81  
CYS H2   H  N N 82  
CYS HA   H  N N 83  
CYS HB2  H  N N 84  
CYS HB3  H  N N 85  
CYS HG   H  N N 86  
CYS HXT  H  N N 87  
GLN N    N  N N 88  
GLN CA   C  N S 89  
GLN C    C  N N 90  
GLN O    O  N N 91  
GLN CB   C  N N 92  
GLN CG   C  N N 93  
GLN CD   C  N N 94  
GLN OE1  O  N N 95  
GLN NE2  N  N N 96  
GLN OXT  O  N N 97  
GLN H    H  N N 98  
GLN H2   H  N N 99  
GLN HA   H  N N 100 
GLN HB2  H  N N 101 
GLN HB3  H  N N 102 
GLN HG2  H  N N 103 
GLN HG3  H  N N 104 
GLN HE21 H  N N 105 
GLN HE22 H  N N 106 
GLN HXT  H  N N 107 
GLU N    N  N N 108 
GLU CA   C  N S 109 
GLU C    C  N N 110 
GLU O    O  N N 111 
GLU CB   C  N N 112 
GLU CG   C  N N 113 
GLU CD   C  N N 114 
GLU OE1  O  N N 115 
GLU OE2  O  N N 116 
GLU OXT  O  N N 117 
GLU H    H  N N 118 
GLU H2   H  N N 119 
GLU HA   H  N N 120 
GLU HB2  H  N N 121 
GLU HB3  H  N N 122 
GLU HG2  H  N N 123 
GLU HG3  H  N N 124 
GLU HE2  H  N N 125 
GLU HXT  H  N N 126 
GLY N    N  N N 127 
GLY CA   C  N N 128 
GLY C    C  N N 129 
GLY O    O  N N 130 
GLY OXT  O  N N 131 
GLY H    H  N N 132 
GLY H2   H  N N 133 
GLY HA2  H  N N 134 
GLY HA3  H  N N 135 
GLY HXT  H  N N 136 
HIS N    N  N N 137 
HIS CA   C  N S 138 
HIS C    C  N N 139 
HIS O    O  N N 140 
HIS CB   C  N N 141 
HIS CG   C  Y N 142 
HIS ND1  N  Y N 143 
HIS CD2  C  Y N 144 
HIS CE1  C  Y N 145 
HIS NE2  N  Y N 146 
HIS OXT  O  N N 147 
HIS H    H  N N 148 
HIS H2   H  N N 149 
HIS HA   H  N N 150 
HIS HB2  H  N N 151 
HIS HB3  H  N N 152 
HIS HD1  H  N N 153 
HIS HD2  H  N N 154 
HIS HE1  H  N N 155 
HIS HE2  H  N N 156 
HIS HXT  H  N N 157 
HOH O    O  N N 158 
HOH H1   H  N N 159 
HOH H2   H  N N 160 
ILE N    N  N N 161 
ILE CA   C  N S 162 
ILE C    C  N N 163 
ILE O    O  N N 164 
ILE CB   C  N S 165 
ILE CG1  C  N N 166 
ILE CG2  C  N N 167 
ILE CD1  C  N N 168 
ILE OXT  O  N N 169 
ILE H    H  N N 170 
ILE H2   H  N N 171 
ILE HA   H  N N 172 
ILE HB   H  N N 173 
ILE HG12 H  N N 174 
ILE HG13 H  N N 175 
ILE HG21 H  N N 176 
ILE HG22 H  N N 177 
ILE HG23 H  N N 178 
ILE HD11 H  N N 179 
ILE HD12 H  N N 180 
ILE HD13 H  N N 181 
ILE HXT  H  N N 182 
LEU N    N  N N 183 
LEU CA   C  N S 184 
LEU C    C  N N 185 
LEU O    O  N N 186 
LEU CB   C  N N 187 
LEU CG   C  N N 188 
LEU CD1  C  N N 189 
LEU CD2  C  N N 190 
LEU OXT  O  N N 191 
LEU H    H  N N 192 
LEU H2   H  N N 193 
LEU HA   H  N N 194 
LEU HB2  H  N N 195 
LEU HB3  H  N N 196 
LEU HG   H  N N 197 
LEU HD11 H  N N 198 
LEU HD12 H  N N 199 
LEU HD13 H  N N 200 
LEU HD21 H  N N 201 
LEU HD22 H  N N 202 
LEU HD23 H  N N 203 
LEU HXT  H  N N 204 
LYS N    N  N N 205 
LYS CA   C  N S 206 
LYS C    C  N N 207 
LYS O    O  N N 208 
LYS CB   C  N N 209 
LYS CG   C  N N 210 
LYS CD   C  N N 211 
LYS CE   C  N N 212 
LYS NZ   N  N N 213 
LYS OXT  O  N N 214 
LYS H    H  N N 215 
LYS H2   H  N N 216 
LYS HA   H  N N 217 
LYS HB2  H  N N 218 
LYS HB3  H  N N 219 
LYS HG2  H  N N 220 
LYS HG3  H  N N 221 
LYS HD2  H  N N 222 
LYS HD3  H  N N 223 
LYS HE2  H  N N 224 
LYS HE3  H  N N 225 
LYS HZ1  H  N N 226 
LYS HZ2  H  N N 227 
LYS HZ3  H  N N 228 
LYS HXT  H  N N 229 
MSE N    N  N N 230 
MSE CA   C  N S 231 
MSE C    C  N N 232 
MSE O    O  N N 233 
MSE OXT  O  N N 234 
MSE CB   C  N N 235 
MSE CG   C  N N 236 
MSE SE   SE N N 237 
MSE CE   C  N N 238 
MSE H    H  N N 239 
MSE H2   H  N N 240 
MSE HA   H  N N 241 
MSE HXT  H  N N 242 
MSE HB2  H  N N 243 
MSE HB3  H  N N 244 
MSE HG2  H  N N 245 
MSE HG3  H  N N 246 
MSE HE1  H  N N 247 
MSE HE2  H  N N 248 
MSE HE3  H  N N 249 
PHE N    N  N N 250 
PHE CA   C  N S 251 
PHE C    C  N N 252 
PHE O    O  N N 253 
PHE CB   C  N N 254 
PHE CG   C  Y N 255 
PHE CD1  C  Y N 256 
PHE CD2  C  Y N 257 
PHE CE1  C  Y N 258 
PHE CE2  C  Y N 259 
PHE CZ   C  Y N 260 
PHE OXT  O  N N 261 
PHE H    H  N N 262 
PHE H2   H  N N 263 
PHE HA   H  N N 264 
PHE HB2  H  N N 265 
PHE HB3  H  N N 266 
PHE HD1  H  N N 267 
PHE HD2  H  N N 268 
PHE HE1  H  N N 269 
PHE HE2  H  N N 270 
PHE HZ   H  N N 271 
PHE HXT  H  N N 272 
PRO N    N  N N 273 
PRO CA   C  N S 274 
PRO C    C  N N 275 
PRO O    O  N N 276 
PRO CB   C  N N 277 
PRO CG   C  N N 278 
PRO CD   C  N N 279 
PRO OXT  O  N N 280 
PRO H    H  N N 281 
PRO HA   H  N N 282 
PRO HB2  H  N N 283 
PRO HB3  H  N N 284 
PRO HG2  H  N N 285 
PRO HG3  H  N N 286 
PRO HD2  H  N N 287 
PRO HD3  H  N N 288 
PRO HXT  H  N N 289 
SER N    N  N N 290 
SER CA   C  N S 291 
SER C    C  N N 292 
SER O    O  N N 293 
SER CB   C  N N 294 
SER OG   O  N N 295 
SER OXT  O  N N 296 
SER H    H  N N 297 
SER H2   H  N N 298 
SER HA   H  N N 299 
SER HB2  H  N N 300 
SER HB3  H  N N 301 
SER HG   H  N N 302 
SER HXT  H  N N 303 
THR N    N  N N 304 
THR CA   C  N S 305 
THR C    C  N N 306 
THR O    O  N N 307 
THR CB   C  N R 308 
THR OG1  O  N N 309 
THR CG2  C  N N 310 
THR OXT  O  N N 311 
THR H    H  N N 312 
THR H2   H  N N 313 
THR HA   H  N N 314 
THR HB   H  N N 315 
THR HG1  H  N N 316 
THR HG21 H  N N 317 
THR HG22 H  N N 318 
THR HG23 H  N N 319 
THR HXT  H  N N 320 
TRP N    N  N N 321 
TRP CA   C  N S 322 
TRP C    C  N N 323 
TRP O    O  N N 324 
TRP CB   C  N N 325 
TRP CG   C  Y N 326 
TRP CD1  C  Y N 327 
TRP CD2  C  Y N 328 
TRP NE1  N  Y N 329 
TRP CE2  C  Y N 330 
TRP CE3  C  Y N 331 
TRP CZ2  C  Y N 332 
TRP CZ3  C  Y N 333 
TRP CH2  C  Y N 334 
TRP OXT  O  N N 335 
TRP H    H  N N 336 
TRP H2   H  N N 337 
TRP HA   H  N N 338 
TRP HB2  H  N N 339 
TRP HB3  H  N N 340 
TRP HD1  H  N N 341 
TRP HE1  H  N N 342 
TRP HE3  H  N N 343 
TRP HZ2  H  N N 344 
TRP HZ3  H  N N 345 
TRP HH2  H  N N 346 
TRP HXT  H  N N 347 
TYR N    N  N N 348 
TYR CA   C  N S 349 
TYR C    C  N N 350 
TYR O    O  N N 351 
TYR CB   C  N N 352 
TYR CG   C  Y N 353 
TYR CD1  C  Y N 354 
TYR CD2  C  Y N 355 
TYR CE1  C  Y N 356 
TYR CE2  C  Y N 357 
TYR CZ   C  Y N 358 
TYR OH   O  N N 359 
TYR OXT  O  N N 360 
TYR H    H  N N 361 
TYR H2   H  N N 362 
TYR HA   H  N N 363 
TYR HB2  H  N N 364 
TYR HB3  H  N N 365 
TYR HD1  H  N N 366 
TYR HD2  H  N N 367 
TYR HE1  H  N N 368 
TYR HE2  H  N N 369 
TYR HH   H  N N 370 
TYR HXT  H  N N 371 
VAL N    N  N N 372 
VAL CA   C  N S 373 
VAL C    C  N N 374 
VAL O    O  N N 375 
VAL CB   C  N N 376 
VAL CG1  C  N N 377 
VAL CG2  C  N N 378 
VAL OXT  O  N N 379 
VAL H    H  N N 380 
VAL H2   H  N N 381 
VAL HA   H  N N 382 
VAL HB   H  N N 383 
VAL HG11 H  N N 384 
VAL HG12 H  N N 385 
VAL HG13 H  N N 386 
VAL HG21 H  N N 387 
VAL HG22 H  N N 388 
VAL HG23 H  N N 389 
VAL HXT  H  N N 390 
# 
loop_
_chem_comp_bond.comp_id 
_chem_comp_bond.atom_id_1 
_chem_comp_bond.atom_id_2 
_chem_comp_bond.value_order 
_chem_comp_bond.pdbx_aromatic_flag 
_chem_comp_bond.pdbx_stereo_config 
_chem_comp_bond.pdbx_ordinal 
ALA N   CA   sing N N 1   
ALA N   H    sing N N 2   
ALA N   H2   sing N N 3   
ALA CA  C    sing N N 4   
ALA CA  CB   sing N N 5   
ALA CA  HA   sing N N 6   
ALA C   O    doub N N 7   
ALA C   OXT  sing N N 8   
ALA CB  HB1  sing N N 9   
ALA CB  HB2  sing N N 10  
ALA CB  HB3  sing N N 11  
ALA OXT HXT  sing N N 12  
ARG N   CA   sing N N 13  
ARG N   H    sing N N 14  
ARG N   H2   sing N N 15  
ARG CA  C    sing N N 16  
ARG CA  CB   sing N N 17  
ARG CA  HA   sing N N 18  
ARG C   O    doub N N 19  
ARG C   OXT  sing N N 20  
ARG CB  CG   sing N N 21  
ARG CB  HB2  sing N N 22  
ARG CB  HB3  sing N N 23  
ARG CG  CD   sing N N 24  
ARG CG  HG2  sing N N 25  
ARG CG  HG3  sing N N 26  
ARG CD  NE   sing N N 27  
ARG CD  HD2  sing N N 28  
ARG CD  HD3  sing N N 29  
ARG NE  CZ   sing N N 30  
ARG NE  HE   sing N N 31  
ARG CZ  NH1  sing N N 32  
ARG CZ  NH2  doub N N 33  
ARG NH1 HH11 sing N N 34  
ARG NH1 HH12 sing N N 35  
ARG NH2 HH21 sing N N 36  
ARG NH2 HH22 sing N N 37  
ARG OXT HXT  sing N N 38  
ASN N   CA   sing N N 39  
ASN N   H    sing N N 40  
ASN N   H2   sing N N 41  
ASN CA  C    sing N N 42  
ASN CA  CB   sing N N 43  
ASN CA  HA   sing N N 44  
ASN C   O    doub N N 45  
ASN C   OXT  sing N N 46  
ASN CB  CG   sing N N 47  
ASN CB  HB2  sing N N 48  
ASN CB  HB3  sing N N 49  
ASN CG  OD1  doub N N 50  
ASN CG  ND2  sing N N 51  
ASN ND2 HD21 sing N N 52  
ASN ND2 HD22 sing N N 53  
ASN OXT HXT  sing N N 54  
ASP N   CA   sing N N 55  
ASP N   H    sing N N 56  
ASP N   H2   sing N N 57  
ASP CA  C    sing N N 58  
ASP CA  CB   sing N N 59  
ASP CA  HA   sing N N 60  
ASP C   O    doub N N 61  
ASP C   OXT  sing N N 62  
ASP CB  CG   sing N N 63  
ASP CB  HB2  sing N N 64  
ASP CB  HB3  sing N N 65  
ASP CG  OD1  doub N N 66  
ASP CG  OD2  sing N N 67  
ASP OD2 HD2  sing N N 68  
ASP OXT HXT  sing N N 69  
CYS N   CA   sing N N 70  
CYS N   H    sing N N 71  
CYS N   H2   sing N N 72  
CYS CA  C    sing N N 73  
CYS CA  CB   sing N N 74  
CYS CA  HA   sing N N 75  
CYS C   O    doub N N 76  
CYS C   OXT  sing N N 77  
CYS CB  SG   sing N N 78  
CYS CB  HB2  sing N N 79  
CYS CB  HB3  sing N N 80  
CYS SG  HG   sing N N 81  
CYS OXT HXT  sing N N 82  
GLN N   CA   sing N N 83  
GLN N   H    sing N N 84  
GLN N   H2   sing N N 85  
GLN CA  C    sing N N 86  
GLN CA  CB   sing N N 87  
GLN CA  HA   sing N N 88  
GLN C   O    doub N N 89  
GLN C   OXT  sing N N 90  
GLN CB  CG   sing N N 91  
GLN CB  HB2  sing N N 92  
GLN CB  HB3  sing N N 93  
GLN CG  CD   sing N N 94  
GLN CG  HG2  sing N N 95  
GLN CG  HG3  sing N N 96  
GLN CD  OE1  doub N N 97  
GLN CD  NE2  sing N N 98  
GLN NE2 HE21 sing N N 99  
GLN NE2 HE22 sing N N 100 
GLN OXT HXT  sing N N 101 
GLU N   CA   sing N N 102 
GLU N   H    sing N N 103 
GLU N   H2   sing N N 104 
GLU CA  C    sing N N 105 
GLU CA  CB   sing N N 106 
GLU CA  HA   sing N N 107 
GLU C   O    doub N N 108 
GLU C   OXT  sing N N 109 
GLU CB  CG   sing N N 110 
GLU CB  HB2  sing N N 111 
GLU CB  HB3  sing N N 112 
GLU CG  CD   sing N N 113 
GLU CG  HG2  sing N N 114 
GLU CG  HG3  sing N N 115 
GLU CD  OE1  doub N N 116 
GLU CD  OE2  sing N N 117 
GLU OE2 HE2  sing N N 118 
GLU OXT HXT  sing N N 119 
GLY N   CA   sing N N 120 
GLY N   H    sing N N 121 
GLY N   H2   sing N N 122 
GLY CA  C    sing N N 123 
GLY CA  HA2  sing N N 124 
GLY CA  HA3  sing N N 125 
GLY C   O    doub N N 126 
GLY C   OXT  sing N N 127 
GLY OXT HXT  sing N N 128 
HIS N   CA   sing N N 129 
HIS N   H    sing N N 130 
HIS N   H2   sing N N 131 
HIS CA  C    sing N N 132 
HIS CA  CB   sing N N 133 
HIS CA  HA   sing N N 134 
HIS C   O    doub N N 135 
HIS C   OXT  sing N N 136 
HIS CB  CG   sing N N 137 
HIS CB  HB2  sing N N 138 
HIS CB  HB3  sing N N 139 
HIS CG  ND1  sing Y N 140 
HIS CG  CD2  doub Y N 141 
HIS ND1 CE1  doub Y N 142 
HIS ND1 HD1  sing N N 143 
HIS CD2 NE2  sing Y N 144 
HIS CD2 HD2  sing N N 145 
HIS CE1 NE2  sing Y N 146 
HIS CE1 HE1  sing N N 147 
HIS NE2 HE2  sing N N 148 
HIS OXT HXT  sing N N 149 
HOH O   H1   sing N N 150 
HOH O   H2   sing N N 151 
ILE N   CA   sing N N 152 
ILE N   H    sing N N 153 
ILE N   H2   sing N N 154 
ILE CA  C    sing N N 155 
ILE CA  CB   sing N N 156 
ILE CA  HA   sing N N 157 
ILE C   O    doub N N 158 
ILE C   OXT  sing N N 159 
ILE CB  CG1  sing N N 160 
ILE CB  CG2  sing N N 161 
ILE CB  HB   sing N N 162 
ILE CG1 CD1  sing N N 163 
ILE CG1 HG12 sing N N 164 
ILE CG1 HG13 sing N N 165 
ILE CG2 HG21 sing N N 166 
ILE CG2 HG22 sing N N 167 
ILE CG2 HG23 sing N N 168 
ILE CD1 HD11 sing N N 169 
ILE CD1 HD12 sing N N 170 
ILE CD1 HD13 sing N N 171 
ILE OXT HXT  sing N N 172 
LEU N   CA   sing N N 173 
LEU N   H    sing N N 174 
LEU N   H2   sing N N 175 
LEU CA  C    sing N N 176 
LEU CA  CB   sing N N 177 
LEU CA  HA   sing N N 178 
LEU C   O    doub N N 179 
LEU C   OXT  sing N N 180 
LEU CB  CG   sing N N 181 
LEU CB  HB2  sing N N 182 
LEU CB  HB3  sing N N 183 
LEU CG  CD1  sing N N 184 
LEU CG  CD2  sing N N 185 
LEU CG  HG   sing N N 186 
LEU CD1 HD11 sing N N 187 
LEU CD1 HD12 sing N N 188 
LEU CD1 HD13 sing N N 189 
LEU CD2 HD21 sing N N 190 
LEU CD2 HD22 sing N N 191 
LEU CD2 HD23 sing N N 192 
LEU OXT HXT  sing N N 193 
LYS N   CA   sing N N 194 
LYS N   H    sing N N 195 
LYS N   H2   sing N N 196 
LYS CA  C    sing N N 197 
LYS CA  CB   sing N N 198 
LYS CA  HA   sing N N 199 
LYS C   O    doub N N 200 
LYS C   OXT  sing N N 201 
LYS CB  CG   sing N N 202 
LYS CB  HB2  sing N N 203 
LYS CB  HB3  sing N N 204 
LYS CG  CD   sing N N 205 
LYS CG  HG2  sing N N 206 
LYS CG  HG3  sing N N 207 
LYS CD  CE   sing N N 208 
LYS CD  HD2  sing N N 209 
LYS CD  HD3  sing N N 210 
LYS CE  NZ   sing N N 211 
LYS CE  HE2  sing N N 212 
LYS CE  HE3  sing N N 213 
LYS NZ  HZ1  sing N N 214 
LYS NZ  HZ2  sing N N 215 
LYS NZ  HZ3  sing N N 216 
LYS OXT HXT  sing N N 217 
MSE N   CA   sing N N 218 
MSE N   H    sing N N 219 
MSE N   H2   sing N N 220 
MSE CA  C    sing N N 221 
MSE CA  CB   sing N N 222 
MSE CA  HA   sing N N 223 
MSE C   O    doub N N 224 
MSE C   OXT  sing N N 225 
MSE OXT HXT  sing N N 226 
MSE CB  CG   sing N N 227 
MSE CB  HB2  sing N N 228 
MSE CB  HB3  sing N N 229 
MSE CG  SE   sing N N 230 
MSE CG  HG2  sing N N 231 
MSE CG  HG3  sing N N 232 
MSE SE  CE   sing N N 233 
MSE CE  HE1  sing N N 234 
MSE CE  HE2  sing N N 235 
MSE CE  HE3  sing N N 236 
PHE N   CA   sing N N 237 
PHE N   H    sing N N 238 
PHE N   H2   sing N N 239 
PHE CA  C    sing N N 240 
PHE CA  CB   sing N N 241 
PHE CA  HA   sing N N 242 
PHE C   O    doub N N 243 
PHE C   OXT  sing N N 244 
PHE CB  CG   sing N N 245 
PHE CB  HB2  sing N N 246 
PHE CB  HB3  sing N N 247 
PHE CG  CD1  doub Y N 248 
PHE CG  CD2  sing Y N 249 
PHE CD1 CE1  sing Y N 250 
PHE CD1 HD1  sing N N 251 
PHE CD2 CE2  doub Y N 252 
PHE CD2 HD2  sing N N 253 
PHE CE1 CZ   doub Y N 254 
PHE CE1 HE1  sing N N 255 
PHE CE2 CZ   sing Y N 256 
PHE CE2 HE2  sing N N 257 
PHE CZ  HZ   sing N N 258 
PHE OXT HXT  sing N N 259 
PRO N   CA   sing N N 260 
PRO N   CD   sing N N 261 
PRO N   H    sing N N 262 
PRO CA  C    sing N N 263 
PRO CA  CB   sing N N 264 
PRO CA  HA   sing N N 265 
PRO C   O    doub N N 266 
PRO C   OXT  sing N N 267 
PRO CB  CG   sing N N 268 
PRO CB  HB2  sing N N 269 
PRO CB  HB3  sing N N 270 
PRO CG  CD   sing N N 271 
PRO CG  HG2  sing N N 272 
PRO CG  HG3  sing N N 273 
PRO CD  HD2  sing N N 274 
PRO CD  HD3  sing N N 275 
PRO OXT HXT  sing N N 276 
SER N   CA   sing N N 277 
SER N   H    sing N N 278 
SER N   H2   sing N N 279 
SER CA  C    sing N N 280 
SER CA  CB   sing N N 281 
SER CA  HA   sing N N 282 
SER C   O    doub N N 283 
SER C   OXT  sing N N 284 
SER CB  OG   sing N N 285 
SER CB  HB2  sing N N 286 
SER CB  HB3  sing N N 287 
SER OG  HG   sing N N 288 
SER OXT HXT  sing N N 289 
THR N   CA   sing N N 290 
THR N   H    sing N N 291 
THR N   H2   sing N N 292 
THR CA  C    sing N N 293 
THR CA  CB   sing N N 294 
THR CA  HA   sing N N 295 
THR C   O    doub N N 296 
THR C   OXT  sing N N 297 
THR CB  OG1  sing N N 298 
THR CB  CG2  sing N N 299 
THR CB  HB   sing N N 300 
THR OG1 HG1  sing N N 301 
THR CG2 HG21 sing N N 302 
THR CG2 HG22 sing N N 303 
THR CG2 HG23 sing N N 304 
THR OXT HXT  sing N N 305 
TRP N   CA   sing N N 306 
TRP N   H    sing N N 307 
TRP N   H2   sing N N 308 
TRP CA  C    sing N N 309 
TRP CA  CB   sing N N 310 
TRP CA  HA   sing N N 311 
TRP C   O    doub N N 312 
TRP C   OXT  sing N N 313 
TRP CB  CG   sing N N 314 
TRP CB  HB2  sing N N 315 
TRP CB  HB3  sing N N 316 
TRP CG  CD1  doub Y N 317 
TRP CG  CD2  sing Y N 318 
TRP CD1 NE1  sing Y N 319 
TRP CD1 HD1  sing N N 320 
TRP CD2 CE2  doub Y N 321 
TRP CD2 CE3  sing Y N 322 
TRP NE1 CE2  sing Y N 323 
TRP NE1 HE1  sing N N 324 
TRP CE2 CZ2  sing Y N 325 
TRP CE3 CZ3  doub Y N 326 
TRP CE3 HE3  sing N N 327 
TRP CZ2 CH2  doub Y N 328 
TRP CZ2 HZ2  sing N N 329 
TRP CZ3 CH2  sing Y N 330 
TRP CZ3 HZ3  sing N N 331 
TRP CH2 HH2  sing N N 332 
TRP OXT HXT  sing N N 333 
TYR N   CA   sing N N 334 
TYR N   H    sing N N 335 
TYR N   H2   sing N N 336 
TYR CA  C    sing N N 337 
TYR CA  CB   sing N N 338 
TYR CA  HA   sing N N 339 
TYR C   O    doub N N 340 
TYR C   OXT  sing N N 341 
TYR CB  CG   sing N N 342 
TYR CB  HB2  sing N N 343 
TYR CB  HB3  sing N N 344 
TYR CG  CD1  doub Y N 345 
TYR CG  CD2  sing Y N 346 
TYR CD1 CE1  sing Y N 347 
TYR CD1 HD1  sing N N 348 
TYR CD2 CE2  doub Y N 349 
TYR CD2 HD2  sing N N 350 
TYR CE1 CZ   doub Y N 351 
TYR CE1 HE1  sing N N 352 
TYR CE2 CZ   sing Y N 353 
TYR CE2 HE2  sing N N 354 
TYR CZ  OH   sing N N 355 
TYR OH  HH   sing N N 356 
TYR OXT HXT  sing N N 357 
VAL N   CA   sing N N 358 
VAL N   H    sing N N 359 
VAL N   H2   sing N N 360 
VAL CA  C    sing N N 361 
VAL CA  CB   sing N N 362 
VAL CA  HA   sing N N 363 
VAL C   O    doub N N 364 
VAL C   OXT  sing N N 365 
VAL CB  CG1  sing N N 366 
VAL CB  CG2  sing N N 367 
VAL CB  HB   sing N N 368 
VAL CG1 HG11 sing N N 369 
VAL CG1 HG12 sing N N 370 
VAL CG1 HG13 sing N N 371 
VAL CG2 HG21 sing N N 372 
VAL CG2 HG22 sing N N 373 
VAL CG2 HG23 sing N N 374 
VAL OXT HXT  sing N N 375 
# 
_atom_sites.entry_id                    1J8S 
_atom_sites.fract_transf_matrix[1][1]   -0.01602690 
_atom_sites.fract_transf_matrix[1][2]   0.00786784 
_atom_sites.fract_transf_matrix[1][3]   -0.00320294 
_atom_sites.fract_transf_matrix[2][1]   -0.00598414 
_atom_sites.fract_transf_matrix[2][2]   -0.01044361 
_atom_sites.fract_transf_matrix[2][3]   0.00428934 
_atom_sites.fract_transf_matrix[3][1]   0.00000811 
_atom_sites.fract_transf_matrix[3][2]   0.00239445 
_atom_sites.fract_transf_matrix[3][3]   0.00584128 
_atom_sites.fract_transf_vector[1]      0.289602 
_atom_sites.fract_transf_vector[2]      0.327884 
_atom_sites.fract_transf_vector[3]      0.312978 
# 
loop_
_atom_type.symbol 
C  
N  
O  
S  
SE 
# 
loop_
_atom_site.group_PDB 
_atom_site.id 
_atom_site.type_symbol 
_atom_site.label_atom_id 
_atom_site.label_alt_id 
_atom_site.label_comp_id 
_atom_site.label_asym_id 
_atom_site.label_entity_id 
_atom_site.label_seq_id 
_atom_site.pdbx_PDB_ins_code 
_atom_site.Cartn_x 
_atom_site.Cartn_y 
_atom_site.Cartn_z 
_atom_site.occupancy 
_atom_site.B_iso_or_equiv 
_atom_site.pdbx_formal_charge 
_atom_site.auth_seq_id 
_atom_site.auth_comp_id 
_atom_site.auth_asym_id 
_atom_site.auth_atom_id 
_atom_site.pdbx_PDB_model_num 
ATOM   1    N  N   . TRP A 1 1   ? -1.104  10.673  25.184  1.00 18.29 ? 1   TRP A N   1 
ATOM   2    C  CA  . TRP A 1 1   ? -1.124  9.281   24.659  1.00 21.01 ? 1   TRP A CA  1 
ATOM   3    C  C   . TRP A 1 1   ? -1.153  9.241   23.126  1.00 21.30 ? 1   TRP A C   1 
ATOM   4    O  O   . TRP A 1 1   ? -1.388  10.259  22.477  1.00 20.28 ? 1   TRP A O   1 
ATOM   5    C  CB  . TRP A 1 1   ? -2.320  8.502   25.230  1.00 18.96 ? 1   TRP A CB  1 
ATOM   6    C  CG  . TRP A 1 1   ? -3.651  9.193   25.122  1.00 20.32 ? 1   TRP A CG  1 
ATOM   7    C  CD1 . TRP A 1 1   ? -4.305  9.869   26.114  1.00 22.76 ? 1   TRP A CD1 1 
ATOM   8    C  CD2 . TRP A 1 1   ? -4.510  9.240   23.974  1.00 21.12 ? 1   TRP A CD2 1 
ATOM   9    N  NE1 . TRP A 1 1   ? -5.522  10.326  25.658  1.00 22.42 ? 1   TRP A NE1 1 
ATOM   10   C  CE2 . TRP A 1 1   ? -5.671  9.956   24.348  1.00 21.27 ? 1   TRP A CE2 1 
ATOM   11   C  CE3 . TRP A 1 1   ? -4.412  8.742   22.667  1.00 20.74 ? 1   TRP A CE3 1 
ATOM   12   C  CZ2 . TRP A 1 1   ? -6.726  10.189  23.462  1.00 20.77 ? 1   TRP A CZ2 1 
ATOM   13   C  CZ3 . TRP A 1 1   ? -5.466  8.973   21.787  1.00 22.93 ? 1   TRP A CZ3 1 
ATOM   14   C  CH2 . TRP A 1 1   ? -6.607  9.691   22.191  1.00 21.96 ? 1   TRP A CH2 1 
ATOM   15   N  N   . ASN A 1 2   ? -0.920  8.054   22.563  1.00 23.67 ? 2   ASN A N   1 
ATOM   16   C  CA  . ASN A 1 2   ? -0.891  7.860   21.112  1.00 24.25 ? 2   ASN A CA  1 
ATOM   17   C  C   . ASN A 1 2   ? -1.452  6.511   20.661  1.00 24.37 ? 2   ASN A C   1 
ATOM   18   O  O   . ASN A 1 2   ? -0.978  5.457   21.091  1.00 25.68 ? 2   ASN A O   1 
ATOM   19   C  CB  . ASN A 1 2   ? 0.553   7.972   20.610  1.00 26.95 ? 2   ASN A CB  1 
ATOM   20   C  CG  . ASN A 1 2   ? 1.130   9.353   20.796  1.00 29.11 ? 2   ASN A CG  1 
ATOM   21   O  OD1 . ASN A 1 2   ? 1.108   10.182  19.878  1.00 31.71 ? 2   ASN A OD1 1 
ATOM   22   N  ND2 . ASN A 1 2   ? 1.643   9.619   21.988  1.00 28.60 ? 2   ASN A ND2 1 
ATOM   23   N  N   . ASN A 1 3   ? -2.458  6.547   19.792  1.00 24.31 ? 3   ASN A N   1 
ATOM   24   C  CA  . ASN A 1 3   ? -3.056  5.330   19.248  1.00 23.12 ? 3   ASN A CA  1 
ATOM   25   C  C   . ASN A 1 3   ? -2.839  5.317   17.729  1.00 24.59 ? 3   ASN A C   1 
ATOM   26   O  O   . ASN A 1 3   ? -3.254  6.249   17.031  1.00 22.76 ? 3   ASN A O   1 
ATOM   27   C  CB  . ASN A 1 3   ? -4.564  5.277   19.511  1.00 23.62 ? 3   ASN A CB  1 
ATOM   28   C  CG  . ASN A 1 3   ? -4.916  4.949   20.955  1.00 24.09 ? 3   ASN A CG  1 
ATOM   29   O  OD1 . ASN A 1 3   ? -6.092  4.918   21.311  1.00 24.98 ? 3   ASN A OD1 1 
ATOM   30   N  ND2 . ASN A 1 3   ? -3.912  4.710   21.788  1.00 22.89 ? 3   ASN A ND2 1 
ATOM   31   N  N   . ILE A 1 4   ? -2.191  4.276   17.214  1.00 24.15 ? 4   ILE A N   1 
ATOM   32   C  CA  . ILE A 1 4   ? -1.973  4.183   15.773  1.00 24.78 ? 4   ILE A CA  1 
ATOM   33   C  C   . ILE A 1 4   ? -2.509  2.848   15.289  1.00 25.22 ? 4   ILE A C   1 
ATOM   34   O  O   . ILE A 1 4   ? -2.197  1.801   15.855  1.00 25.51 ? 4   ILE A O   1 
ATOM   35   C  CB  . ILE A 1 4   ? -0.470  4.290   15.392  1.00 24.93 ? 4   ILE A CB  1 
ATOM   36   C  CG1 . ILE A 1 4   ? 0.145   5.527   16.039  1.00 24.34 ? 4   ILE A CG1 1 
ATOM   37   C  CG2 . ILE A 1 4   ? -0.319  4.394   13.881  1.00 23.97 ? 4   ILE A CG2 1 
ATOM   38   C  CD1 . ILE A 1 4   ? 0.643   5.281   17.446  1.00 22.82 ? 4   ILE A CD1 1 
ATOM   39   N  N   . VAL A 1 5   ? -3.325  2.897   14.243  1.00 24.37 ? 5   VAL A N   1 
ATOM   40   C  CA  . VAL A 1 5   ? -3.919  1.694   13.677  1.00 24.31 ? 5   VAL A CA  1 
ATOM   41   C  C   . VAL A 1 5   ? -3.731  1.679   12.167  1.00 23.33 ? 5   VAL A C   1 
ATOM   42   O  O   . VAL A 1 5   ? -3.975  2.685   11.498  1.00 20.35 ? 5   VAL A O   1 
ATOM   43   C  CB  . VAL A 1 5   ? -5.436  1.638   13.949  1.00 23.88 ? 5   VAL A CB  1 
ATOM   44   C  CG1 . VAL A 1 5   ? -6.008  0.312   13.454  1.00 26.45 ? 5   VAL A CG1 1 
ATOM   45   C  CG2 . VAL A 1 5   ? -5.704  1.827   15.433  1.00 24.50 ? 5   VAL A CG2 1 
ATOM   46   N  N   . PHE A 1 6   ? -3.305  0.538   11.634  1.00 23.60 ? 6   PHE A N   1 
ATOM   47   C  CA  . PHE A 1 6   ? -3.121  0.426   10.193  1.00 22.77 ? 6   PHE A CA  1 
ATOM   48   C  C   . PHE A 1 6   ? -4.274  -0.352  9.589   1.00 21.55 ? 6   PHE A C   1 
ATOM   49   O  O   . PHE A 1 6   ? -4.473  -1.522  9.916   1.00 21.78 ? 6   PHE A O   1 
ATOM   50   C  CB  . PHE A 1 6   ? -1.805  -0.276  9.842   1.00 22.12 ? 6   PHE A CB  1 
ATOM   51   C  CG  . PHE A 1 6   ? -1.510  -0.275  8.367   1.00 18.78 ? 6   PHE A CG  1 
ATOM   52   C  CD1 . PHE A 1 6   ? -1.115  0.902   7.726   1.00 19.06 ? 6   PHE A CD1 1 
ATOM   53   C  CD2 . PHE A 1 6   ? -1.707  -1.420  7.602   1.00 18.90 ? 6   PHE A CD2 1 
ATOM   54   C  CE1 . PHE A 1 6   ? -0.929  0.941   6.340   1.00 14.42 ? 6   PHE A CE1 1 
ATOM   55   C  CE2 . PHE A 1 6   ? -1.525  -1.396  6.214   1.00 17.76 ? 6   PHE A CE2 1 
ATOM   56   C  CZ  . PHE A 1 6   ? -1.135  -0.207  5.584   1.00 15.95 ? 6   PHE A CZ  1 
ATOM   57   N  N   . TYR A 1 7   ? -5.035  0.310   8.718   1.00 21.00 ? 7   TYR A N   1 
ATOM   58   C  CA  . TYR A 1 7   ? -6.172  -0.311  8.043   1.00 21.06 ? 7   TYR A CA  1 
ATOM   59   C  C   . TYR A 1 7   ? -5.725  -0.776  6.666   1.00 22.78 ? 7   TYR A C   1 
ATOM   60   O  O   . TYR A 1 7   ? -5.474  0.040   5.777   1.00 25.48 ? 7   TYR A O   1 
ATOM   61   C  CB  . TYR A 1 7   ? -7.334  0.685   7.918   1.00 21.20 ? 7   TYR A CB  1 
ATOM   62   C  CG  . TYR A 1 7   ? -7.951  1.034   9.249   1.00 20.95 ? 7   TYR A CG  1 
ATOM   63   C  CD1 . TYR A 1 7   ? -7.482  2.112   9.998   1.00 20.21 ? 7   TYR A CD1 1 
ATOM   64   C  CD2 . TYR A 1 7   ? -8.982  0.256   9.785   1.00 21.20 ? 7   TYR A CD2 1 
ATOM   65   C  CE1 . TYR A 1 7   ? -8.027  2.412   11.249  1.00 20.81 ? 7   TYR A CE1 1 
ATOM   66   C  CE2 . TYR A 1 7   ? -9.530  0.547   11.031  1.00 21.02 ? 7   TYR A CE2 1 
ATOM   67   C  CZ  . TYR A 1 7   ? -9.049  1.628   11.754  1.00 20.45 ? 7   TYR A CZ  1 
ATOM   68   O  OH  . TYR A 1 7   ? -9.623  1.951   12.961  1.00 22.48 ? 7   TYR A OH  1 
ATOM   69   N  N   . SER A 1 8   ? -5.641  -2.091  6.497   1.00 24.30 ? 8   SER A N   1 
ATOM   70   C  CA  . SER A 1 8   ? -5.178  -2.692  5.255   1.00 24.05 ? 8   SER A CA  1 
ATOM   71   C  C   . SER A 1 8   ? -6.246  -2.967  4.218   1.00 24.51 ? 8   SER A C   1 
ATOM   72   O  O   . SER A 1 8   ? -7.235  -3.645  4.498   1.00 26.25 ? 8   SER A O   1 
ATOM   73   C  CB  . SER A 1 8   ? -4.435  -3.992  5.567   1.00 24.50 ? 8   SER A CB  1 
ATOM   74   O  OG  . SER A 1 8   ? -4.023  -4.648  4.384   1.00 23.34 ? 8   SER A OG  1 
ATOM   75   N  N   . LEU A 1 9   ? -6.036  -2.436  3.014   1.00 24.24 ? 9   LEU A N   1 
ATOM   76   C  CA  . LEU A 1 9   ? -6.960  -2.642  1.906   1.00 26.71 ? 9   LEU A CA  1 
ATOM   77   C  C   . LEU A 1 9   ? -6.526  -3.913  1.181   1.00 27.93 ? 9   LEU A C   1 
ATOM   78   O  O   . LEU A 1 9   ? -5.342  -4.249  1.153   1.00 29.98 ? 9   LEU A O   1 
ATOM   79   C  CB  . LEU A 1 9   ? -6.924  -1.452  0.941   1.00 24.85 ? 9   LEU A CB  1 
ATOM   80   C  CG  . LEU A 1 9   ? -7.635  -0.171  1.383   1.00 27.20 ? 9   LEU A CG  1 
ATOM   81   C  CD1 . LEU A 1 9   ? -7.287  0.969   0.436   1.00 24.62 ? 9   LEU A CD1 1 
ATOM   82   C  CD2 . LEU A 1 9   ? -9.145  -0.413  1.408   1.00 24.25 ? 9   LEU A CD2 1 
ATOM   83   N  N   . GLY A 1 10  ? -7.474  -4.625  0.595   1.00 30.65 ? 10  GLY A N   1 
ATOM   84   C  CA  . GLY A 1 10  ? -7.109  -5.852  -0.083  1.00 34.26 ? 10  GLY A CA  1 
ATOM   85   C  C   . GLY A 1 10  ? -8.024  -6.176  -1.237  1.00 36.48 ? 10  GLY A C   1 
ATOM   86   O  O   . GLY A 1 10  ? -8.891  -7.041  -1.135  1.00 38.98 ? 10  GLY A O   1 
ATOM   87   N  N   . ASP A 1 11  ? -7.842  -5.475  -2.343  1.00 38.47 ? 11  ASP A N   1 
ATOM   88   C  CA  . ASP A 1 11  ? -8.672  -5.729  -3.501  1.00 40.16 ? 11  ASP A CA  1 
ATOM   89   C  C   . ASP A 1 11  ? -7.803  -6.399  -4.540  1.00 40.20 ? 11  ASP A C   1 
ATOM   90   O  O   . ASP A 1 11  ? -6.577  -6.271  -4.523  1.00 40.11 ? 11  ASP A O   1 
ATOM   91   C  CB  . ASP A 1 11  ? -9.261  -4.421  -4.039  1.00 42.93 ? 11  ASP A CB  1 
ATOM   92   C  CG  . ASP A 1 11  ? -8.198  -3.450  -4.509  1.00 46.54 ? 11  ASP A CG  1 
ATOM   93   O  OD1 . ASP A 1 11  ? -7.908  -3.426  -5.725  1.00 47.70 ? 11  ASP A OD1 1 
ATOM   94   O  OD2 . ASP A 1 11  ? -7.647  -2.714  -3.658  1.00 48.32 ? 11  ASP A OD2 1 
ATOM   95   N  N   . VAL A 1 12  ? -8.437  -7.143  -5.429  1.00 40.32 ? 12  VAL A N   1 
ATOM   96   C  CA  . VAL A 1 12  ? -7.707  -7.828  -6.471  1.00 42.26 ? 12  VAL A CA  1 
ATOM   97   C  C   . VAL A 1 12  ? -8.029  -7.151  -7.787  1.00 43.38 ? 12  VAL A C   1 
ATOM   98   O  O   . VAL A 1 12  ? -9.187  -6.834  -8.065  1.00 44.49 ? 12  VAL A O   1 
ATOM   99   C  CB  . VAL A 1 12  ? -8.114  -9.310  -6.550  1.00 42.87 ? 12  VAL A CB  1 
ATOM   100  C  CG1 . VAL A 1 12  ? -7.257  -10.033 -7.582  1.00 44.12 ? 12  VAL A CG1 1 
ATOM   101  C  CG2 . VAL A 1 12  ? -7.961  -9.952  -5.182  1.00 42.40 ? 12  VAL A CG2 1 
ATOM   102  N  N   . ASN A 1 13  ? -7.000  -6.910  -8.585  1.00 43.41 ? 13  ASN A N   1 
ATOM   103  C  CA  . ASN A 1 13  ? -7.205  -6.283  -9.876  1.00 45.20 ? 13  ASN A CA  1 
ATOM   104  C  C   . ASN A 1 13  ? -6.274  -6.872  -10.930 1.00 44.59 ? 13  ASN A C   1 
ATOM   105  O  O   . ASN A 1 13  ? -5.293  -7.550  -10.612 1.00 43.62 ? 13  ASN A O   1 
ATOM   106  C  CB  . ASN A 1 13  ? -6.994  -4.774  -9.781  1.00 47.28 ? 13  ASN A CB  1 
ATOM   107  C  CG  . ASN A 1 13  ? -8.138  -3.996  -10.398 1.00 51.13 ? 13  ASN A CG  1 
ATOM   108  O  OD1 . ASN A 1 13  ? -8.612  -4.322  -11.491 1.00 51.59 ? 13  ASN A OD1 1 
ATOM   109  N  ND2 . ASN A 1 13  ? -8.588  -2.958  -9.704  1.00 52.61 ? 13  ASN A ND2 1 
ATOM   110  N  N   . SER A 1 14  ? -6.606  -6.618  -12.189 1.00 43.22 ? 14  SER A N   1 
ATOM   111  C  CA  . SER A 1 14  ? -5.820  -7.112  -13.306 1.00 41.45 ? 14  SER A CA  1 
ATOM   112  C  C   . SER A 1 14  ? -5.506  -5.976  -14.250 1.00 39.73 ? 14  SER A C   1 
ATOM   113  O  O   . SER A 1 14  ? -6.291  -5.039  -14.398 1.00 39.11 ? 14  SER A O   1 
ATOM   114  C  CB  . SER A 1 14  ? -6.585  -8.199  -14.069 1.00 41.86 ? 14  SER A CB  1 
ATOM   115  O  OG  . SER A 1 14  ? -6.596  -9.422  -13.349 1.00 45.58 ? 14  SER A OG  1 
ATOM   116  N  N   . TYR A 1 15  ? -4.342  -6.058  -14.879 1.00 37.40 ? 15  TYR A N   1 
ATOM   117  C  CA  . TYR A 1 15  ? -3.934  -5.050  -15.838 1.00 35.55 ? 15  TYR A CA  1 
ATOM   118  C  C   . TYR A 1 15  ? -3.430  -5.790  -17.069 1.00 35.24 ? 15  TYR A C   1 
ATOM   119  O  O   . TYR A 1 15  ? -2.505  -6.600  -16.982 1.00 33.08 ? 15  TYR A O   1 
ATOM   120  C  CB  . TYR A 1 15  ? -2.827  -4.169  -15.267 1.00 34.52 ? 15  TYR A CB  1 
ATOM   121  C  CG  . TYR A 1 15  ? -2.536  -2.984  -16.150 1.00 33.50 ? 15  TYR A CG  1 
ATOM   122  C  CD1 . TYR A 1 15  ? -3.235  -1.790  -15.999 1.00 31.25 ? 15  TYR A CD1 1 
ATOM   123  C  CD2 . TYR A 1 15  ? -1.595  -3.075  -17.176 1.00 33.22 ? 15  TYR A CD2 1 
ATOM   124  C  CE1 . TYR A 1 15  ? -3.006  -0.713  -16.851 1.00 33.51 ? 15  TYR A CE1 1 
ATOM   125  C  CE2 . TYR A 1 15  ? -1.358  -2.005  -18.034 1.00 32.84 ? 15  TYR A CE2 1 
ATOM   126  C  CZ  . TYR A 1 15  ? -2.063  -0.828  -17.867 1.00 33.50 ? 15  TYR A CZ  1 
ATOM   127  O  OH  . TYR A 1 15  ? -1.817  0.236   -18.709 1.00 34.14 ? 15  TYR A OH  1 
ATOM   128  N  N   . GLN A 1 16  ? -4.057  -5.519  -18.209 1.00 34.74 ? 16  GLN A N   1 
ATOM   129  C  CA  . GLN A 1 16  ? -3.686  -6.167  -19.458 1.00 36.65 ? 16  GLN A CA  1 
ATOM   130  C  C   . GLN A 1 16  ? -2.562  -5.391  -20.129 1.00 37.06 ? 16  GLN A C   1 
ATOM   131  O  O   . GLN A 1 16  ? -2.710  -4.210  -20.449 1.00 36.78 ? 16  GLN A O   1 
ATOM   132  C  CB  . GLN A 1 16  ? -4.907  -6.252  -20.384 1.00 36.68 ? 16  GLN A CB  1 
ATOM   133  C  CG  . GLN A 1 16  ? -4.667  -6.921  -21.739 1.00 37.45 ? 16  GLN A CG  1 
ATOM   134  C  CD  . GLN A 1 16  ? -4.023  -8.285  -21.628 1.00 38.51 ? 16  GLN A CD  1 
ATOM   135  O  OE1 . GLN A 1 16  ? -2.810  -8.427  -21.789 1.00 41.29 ? 16  GLN A OE1 1 
ATOM   136  N  NE2 . GLN A 1 16  ? -4.830  -9.299  -21.345 1.00 39.32 ? 16  GLN A NE2 1 
ATOM   137  N  N   . GLY A 1 17  ? -1.433  -6.061  -20.330 1.00 37.86 ? 17  GLY A N   1 
ATOM   138  C  CA  . GLY A 1 17  ? -0.300  -5.418  -20.967 1.00 38.00 ? 17  GLY A CA  1 
ATOM   139  C  C   . GLY A 1 17  ? -0.245  -5.717  -22.454 1.00 38.47 ? 17  GLY A C   1 
ATOM   140  O  O   . GLY A 1 17  ? 0.390   -4.991  -23.215 1.00 37.30 ? 17  GLY A O   1 
ATOM   141  N  N   . GLY A 1 18  ? -0.910  -6.794  -22.863 1.00 39.44 ? 18  GLY A N   1 
ATOM   142  C  CA  . GLY A 1 18  ? -0.929  -7.168  -24.265 1.00 38.87 ? 18  GLY A CA  1 
ATOM   143  C  C   . GLY A 1 18  ? 0.332   -7.880  -24.712 1.00 39.78 ? 18  GLY A C   1 
ATOM   144  O  O   . GLY A 1 18  ? 1.007   -8.539  -23.913 1.00 40.55 ? 18  GLY A O   1 
ATOM   145  N  N   . ASN A 1 19  ? 0.647   -7.759  -25.997 1.00 38.97 ? 19  ASN A N   1 
ATOM   146  C  CA  . ASN A 1 19  ? 1.835   -8.397  -26.539 1.00 38.08 ? 19  ASN A CA  1 
ATOM   147  C  C   . ASN A 1 19  ? 3.054   -7.561  -26.202 1.00 35.91 ? 19  ASN A C   1 
ATOM   148  O  O   . ASN A 1 19  ? 3.066   -6.345  -26.410 1.00 35.16 ? 19  ASN A O   1 
ATOM   149  C  CB  . ASN A 1 19  ? 1.715   -8.559  -28.052 1.00 39.21 ? 19  ASN A CB  1 
ATOM   150  C  CG  . ASN A 1 19  ? 0.558   -9.446  -28.446 1.00 39.97 ? 19  ASN A CG  1 
ATOM   151  O  OD1 . ASN A 1 19  ? 0.292   -10.460 -27.803 1.00 41.07 ? 19  ASN A OD1 1 
ATOM   152  N  ND2 . ASN A 1 19  ? -0.132  -9.075  -29.515 1.00 41.01 ? 19  ASN A ND2 1 
ATOM   153  N  N   . VAL A 1 20  ? 4.084   -8.219  -25.679 1.00 33.46 ? 20  VAL A N   1 
ATOM   154  C  CA  . VAL A 1 20  ? 5.299   -7.521  -25.295 1.00 30.15 ? 20  VAL A CA  1 
ATOM   155  C  C   . VAL A 1 20  ? 6.542   -8.253  -25.776 1.00 29.96 ? 20  VAL A C   1 
ATOM   156  O  O   . VAL A 1 20  ? 6.496   -9.443  -26.107 1.00 29.22 ? 20  VAL A O   1 
ATOM   157  C  CB  . VAL A 1 20  ? 5.373   -7.361  -23.761 1.00 30.15 ? 20  VAL A CB  1 
ATOM   158  C  CG1 . VAL A 1 20  ? 4.172   -6.578  -23.268 1.00 28.38 ? 20  VAL A CG1 1 
ATOM   159  C  CG2 . VAL A 1 20  ? 5.405   -8.729  -23.097 1.00 27.31 ? 20  VAL A CG2 1 
ATOM   160  N  N   . VAL A 1 21  ? 7.656   -7.533  -25.808 1.00 28.51 ? 21  VAL A N   1 
ATOM   161  C  CA  . VAL A 1 21  ? 8.916   -8.113  -26.239 1.00 28.51 ? 21  VAL A CA  1 
ATOM   162  C  C   . VAL A 1 21  ? 9.895   -7.891  -25.085 1.00 26.86 ? 21  VAL A C   1 
ATOM   163  O  O   . VAL A 1 21  ? 9.835   -6.863  -24.411 1.00 26.89 ? 21  VAL A O   1 
ATOM   164  C  CB  . VAL A 1 21  ? 9.381   -7.442  -27.569 1.00 29.42 ? 21  VAL A CB  1 
ATOM   165  C  CG1 . VAL A 1 21  ? 9.933   -6.057  -27.320 1.00 28.22 ? 21  VAL A CG1 1 
ATOM   166  C  CG2 . VAL A 1 21  ? 10.372  -8.313  -28.261 1.00 31.87 ? 21  VAL A CG2 1 
ATOM   167  N  N   . ILE A 1 22  ? 10.783  -8.852  -24.841 1.00 25.91 ? 22  ILE A N   1 
ATOM   168  C  CA  . ILE A 1 22  ? 11.716  -8.742  -23.723 1.00 24.88 ? 22  ILE A CA  1 
ATOM   169  C  C   . ILE A 1 22  ? 12.658  -7.541  -23.721 1.00 24.87 ? 22  ILE A C   1 
ATOM   170  O  O   . ILE A 1 22  ? 13.394  -7.330  -22.760 1.00 23.76 ? 22  ILE A O   1 
ATOM   171  C  CB  . ILE A 1 22  ? 12.533  -10.049 -23.539 1.00 25.38 ? 22  ILE A CB  1 
ATOM   172  C  CG1 . ILE A 1 22  ? 13.304  -10.402 -24.818 1.00 25.98 ? 22  ILE A CG1 1 
ATOM   173  C  CG2 . ILE A 1 22  ? 11.595  -11.176 -23.141 1.00 22.95 ? 22  ILE A CG2 1 
ATOM   174  C  CD1 . ILE A 1 22  ? 14.545  -9.568  -25.045 1.00 25.82 ? 22  ILE A CD1 1 
ATOM   175  N  N   . THR A 1 23  ? 12.638  -6.753  -24.787 1.00 25.24 ? 23  THR A N   1 
ATOM   176  C  CA  . THR A 1 23  ? 13.478  -5.564  -24.841 1.00 27.05 ? 23  THR A CA  1 
ATOM   177  C  C   . THR A 1 23  ? 12.663  -4.366  -24.342 1.00 28.94 ? 23  THR A C   1 
ATOM   178  O  O   . THR A 1 23  ? 13.195  -3.270  -24.150 1.00 29.41 ? 23  THR A O   1 
ATOM   179  C  CB  . THR A 1 23  ? 13.985  -5.282  -26.277 1.00 27.09 ? 23  THR A CB  1 
ATOM   180  O  OG1 . THR A 1 23  ? 12.875  -5.234  -27.181 1.00 26.79 ? 23  THR A OG1 1 
ATOM   181  C  CG2 . THR A 1 23  ? 14.949  -6.374  -26.724 1.00 27.62 ? 23  THR A CG2 1 
ATOM   182  N  N   . GLN A 1 24  ? 11.367  -4.581  -24.125 1.00 29.30 ? 24  GLN A N   1 
ATOM   183  C  CA  . GLN A 1 24  ? 10.492  -3.514  -23.640 1.00 31.21 ? 24  GLN A CA  1 
ATOM   184  C  C   . GLN A 1 24  ? 10.366  -3.564  -22.126 1.00 32.19 ? 24  GLN A C   1 
ATOM   185  O  O   . GLN A 1 24  ? 10.838  -4.500  -21.478 1.00 33.12 ? 24  GLN A O   1 
ATOM   186  C  CB  . GLN A 1 24  ? 9.085   -3.652  -24.229 1.00 32.63 ? 24  GLN A CB  1 
ATOM   187  C  CG  . GLN A 1 24  ? 8.980   -3.465  -25.724 1.00 35.75 ? 24  GLN A CG  1 
ATOM   188  C  CD  . GLN A 1 24  ? 7.607   -3.846  -26.258 1.00 36.16 ? 24  GLN A CD  1 
ATOM   189  O  OE1 . GLN A 1 24  ? 7.080   -4.919  -25.945 1.00 35.71 ? 24  GLN A OE1 1 
ATOM   190  N  NE2 . GLN A 1 24  ? 7.027   -2.976  -27.074 1.00 36.71 ? 24  GLN A NE2 1 
ATOM   191  N  N   . ARG A 1 25  ? 9.727   -2.540  -21.571 1.00 30.65 ? 25  ARG A N   1 
ATOM   192  C  CA  . ARG A 1 25  ? 9.464   -2.477  -20.144 1.00 31.82 ? 25  ARG A CA  1 
ATOM   193  C  C   . ARG A 1 25  ? 7.990   -2.104  -20.031 1.00 30.27 ? 25  ARG A C   1 
ATOM   194  O  O   . ARG A 1 25  ? 7.637   -0.968  -19.721 1.00 30.18 ? 25  ARG A O   1 
ATOM   195  C  CB  . ARG A 1 25  ? 10.368  -1.444  -19.462 1.00 35.72 ? 25  ARG A CB  1 
ATOM   196  C  CG  . ARG A 1 25  ? 11.766  -1.995  -19.186 1.00 41.70 ? 25  ARG A CG  1 
ATOM   197  C  CD  . ARG A 1 25  ? 12.660  -1.032  -18.422 1.00 47.17 ? 25  ARG A CD  1 
ATOM   198  N  NE  . ARG A 1 25  ? 13.776  -1.743  -17.792 1.00 53.87 ? 25  ARG A NE  1 
ATOM   199  C  CZ  . ARG A 1 25  ? 14.791  -1.154  -17.157 1.00 56.76 ? 25  ARG A CZ  1 
ATOM   200  N  NH1 . ARG A 1 25  ? 14.845  0.174   -17.068 1.00 56.14 ? 25  ARG A NH1 1 
ATOM   201  N  NH2 . ARG A 1 25  ? 15.746  -1.894  -16.595 1.00 55.42 ? 25  ARG A NH2 1 
ATOM   202  N  N   . PRO A 1 26  ? 7.103   -3.072  -20.309 1.00 29.36 ? 26  PRO A N   1 
ATOM   203  C  CA  . PRO A 1 26  ? 5.661   -2.827  -20.240 1.00 28.39 ? 26  PRO A CA  1 
ATOM   204  C  C   . PRO A 1 26  ? 5.261   -2.277  -18.876 1.00 28.59 ? 26  PRO A C   1 
ATOM   205  O  O   . PRO A 1 26  ? 5.801   -2.679  -17.840 1.00 26.30 ? 26  PRO A O   1 
ATOM   206  C  CB  . PRO A 1 26  ? 5.061   -4.200  -20.542 1.00 26.99 ? 26  PRO A CB  1 
ATOM   207  C  CG  . PRO A 1 26  ? 6.110   -5.149  -20.034 1.00 28.74 ? 26  PRO A CG  1 
ATOM   208  C  CD  . PRO A 1 26  ? 7.385   -4.504  -20.514 1.00 27.18 ? 26  PRO A CD  1 
ATOM   209  N  N   . GLN A 1 27  ? 4.325   -1.339  -18.881 1.00 28.43 ? 27  GLN A N   1 
ATOM   210  C  CA  . GLN A 1 27  ? 3.872   -0.725  -17.641 1.00 29.22 ? 27  GLN A CA  1 
ATOM   211  C  C   . GLN A 1 27  ? 2.524   -1.264  -17.182 1.00 27.77 ? 27  GLN A C   1 
ATOM   212  O  O   . GLN A 1 27  ? 1.825   -1.951  -17.926 1.00 28.34 ? 27  GLN A O   1 
ATOM   213  C  CB  . GLN A 1 27  ? 3.753   0.787   -17.828 1.00 32.05 ? 27  GLN A CB  1 
ATOM   214  C  CG  . GLN A 1 27  ? 2.683   1.185   -18.837 1.00 37.72 ? 27  GLN A CG  1 
ATOM   215  C  CD  . GLN A 1 27  ? 2.332   2.668   -18.790 1.00 41.01 ? 27  GLN A CD  1 
ATOM   216  O  OE1 . GLN A 1 27  ? 3.210   3.533   -18.910 1.00 43.32 ? 27  GLN A OE1 1 
ATOM   217  N  NE2 . GLN A 1 27  ? 1.041   2.968   -18.620 1.00 38.32 ? 27  GLN A NE2 1 
ATOM   218  N  N   . PHE A 1 28  ? 2.184   -0.976  -15.931 1.00 26.20 ? 28  PHE A N   1 
ATOM   219  C  CA  . PHE A 1 28  ? 0.887   -1.344  -15.397 1.00 25.58 ? 28  PHE A CA  1 
ATOM   220  C  C   . PHE A 1 28  ? 0.517   -0.278  -14.376 1.00 26.35 ? 28  PHE A C   1 
ATOM   221  O  O   . PHE A 1 28  ? 1.387   0.288   -13.704 1.00 27.47 ? 28  PHE A O   1 
ATOM   222  C  CB  . PHE A 1 28  ? 0.869   -2.779  -14.819 1.00 23.54 ? 28  PHE A CB  1 
ATOM   223  C  CG  . PHE A 1 28  ? 1.701   -2.983  -13.580 1.00 25.31 ? 28  PHE A CG  1 
ATOM   224  C  CD1 . PHE A 1 28  ? 1.260   -2.529  -12.345 1.00 23.22 ? 28  PHE A CD1 1 
ATOM   225  C  CD2 . PHE A 1 28  ? 2.893   -3.705  -13.642 1.00 23.31 ? 28  PHE A CD2 1 
ATOM   226  C  CE1 . PHE A 1 28  ? 1.984   -2.794  -11.188 1.00 24.41 ? 28  PHE A CE1 1 
ATOM   227  C  CE2 . PHE A 1 28  ? 3.626   -3.975  -12.489 1.00 24.33 ? 28  PHE A CE2 1 
ATOM   228  C  CZ  . PHE A 1 28  ? 3.168   -3.518  -11.257 1.00 24.53 ? 28  PHE A CZ  1 
ATOM   229  N  N   . ILE A 1 29  ? -0.772  0.027   -14.294 1.00 26.20 ? 29  ILE A N   1 
ATOM   230  C  CA  . ILE A 1 29  ? -1.247  1.067   -13.394 1.00 25.94 ? 29  ILE A CA  1 
ATOM   231  C  C   . ILE A 1 29  ? -1.805  0.529   -12.090 1.00 25.72 ? 29  ILE A C   1 
ATOM   232  O  O   . ILE A 1 29  ? -2.594  -0.409  -12.072 1.00 26.12 ? 29  ILE A O   1 
ATOM   233  C  CB  . ILE A 1 29  ? -2.335  1.931   -14.083 1.00 27.36 ? 29  ILE A CB  1 
ATOM   234  C  CG1 . ILE A 1 29  ? -1.759  2.563   -15.354 1.00 27.08 ? 29  ILE A CG1 1 
ATOM   235  C  CG2 . ILE A 1 29  ? -2.824  3.028   -13.131 1.00 24.76 ? 29  ILE A CG2 1 
ATOM   236  C  CD1 . ILE A 1 29  ? -2.785  3.265   -16.216 1.00 28.82 ? 29  ILE A CD1 1 
ATOM   237  N  N   . THR A 1 30  ? -1.379  1.137   -10.996 1.00 25.08 ? 30  THR A N   1 
ATOM   238  C  CA  . THR A 1 30  ? -1.847  0.749   -9.681  1.00 27.01 ? 30  THR A CA  1 
ATOM   239  C  C   . THR A 1 30  ? -2.724  1.881   -9.168  1.00 25.69 ? 30  THR A C   1 
ATOM   240  O  O   . THR A 1 30  ? -2.253  2.990   -8.940  1.00 27.35 ? 30  THR A O   1 
ATOM   241  C  CB  . THR A 1 30  ? -0.658  0.508   -8.723  1.00 25.34 ? 30  THR A CB  1 
ATOM   242  O  OG1 . THR A 1 30  ? -0.092  -0.781  -9.007  1.00 28.58 ? 30  THR A OG1 1 
ATOM   243  C  CG2 . THR A 1 30  ? -1.103  0.559   -7.278  1.00 30.72 ? 30  THR A CG2 1 
ATOM   244  N  N   . SER A 1 31  ? -4.009  1.597   -9.009  1.00 26.00 ? 31  SER A N   1 
ATOM   245  C  CA  . SER A 1 31  ? -4.938  2.603   -8.523  1.00 25.79 ? 31  SER A CA  1 
ATOM   246  C  C   . SER A 1 31  ? -5.305  2.337   -7.078  1.00 25.53 ? 31  SER A C   1 
ATOM   247  O  O   . SER A 1 31  ? -5.311  1.198   -6.625  1.00 24.70 ? 31  SER A O   1 
ATOM   248  C  CB  . SER A 1 31  ? -6.211  2.606   -9.372  1.00 27.38 ? 31  SER A CB  1 
ATOM   249  O  OG  . SER A 1 31  ? -5.923  2.961   -10.718 1.00 32.35 ? 31  SER A OG  1 
ATOM   250  N  N   . TRP A 1 32  ? -5.612  3.406   -6.358  1.00 25.88 ? 32  TRP A N   1 
ATOM   251  C  CA  . TRP A 1 32  ? -6.019  3.297   -4.975  1.00 26.36 ? 32  TRP A CA  1 
ATOM   252  C  C   . TRP A 1 32  ? -7.545  3.313   -5.004  1.00 29.91 ? 32  TRP A C   1 
ATOM   253  O  O   . TRP A 1 32  ? -8.156  4.311   -5.386  1.00 30.03 ? 32  TRP A O   1 
ATOM   254  C  CB  . TRP A 1 32  ? -5.485  4.484   -4.178  1.00 24.52 ? 32  TRP A CB  1 
ATOM   255  C  CG  . TRP A 1 32  ? -5.841  4.430   -2.733  1.00 26.61 ? 32  TRP A CG  1 
ATOM   256  C  CD1 . TRP A 1 32  ? -7.077  4.634   -2.182  1.00 27.01 ? 32  TRP A CD1 1 
ATOM   257  C  CD2 . TRP A 1 32  ? -4.959  4.142   -1.645  1.00 25.24 ? 32  TRP A CD2 1 
ATOM   258  N  NE1 . TRP A 1 32  ? -7.013  4.491   -0.818  1.00 27.62 ? 32  TRP A NE1 1 
ATOM   259  C  CE2 . TRP A 1 32  ? -5.725  4.189   -0.462  1.00 26.98 ? 32  TRP A CE2 1 
ATOM   260  C  CE3 . TRP A 1 32  ? -3.592  3.847   -1.556  1.00 26.94 ? 32  TRP A CE3 1 
ATOM   261  C  CZ2 . TRP A 1 32  ? -5.171  3.952   0.800   1.00 24.50 ? 32  TRP A CZ2 1 
ATOM   262  C  CZ3 . TRP A 1 32  ? -3.040  3.611   -0.299  1.00 26.43 ? 32  TRP A CZ3 1 
ATOM   263  C  CH2 . TRP A 1 32  ? -3.831  3.665   0.859   1.00 25.73 ? 32  TRP A CH2 1 
ATOM   264  N  N   . ARG A 1 33  ? -8.164  2.206   -4.614  1.00 32.14 ? 33  ARG A N   1 
ATOM   265  C  CA  . ARG A 1 33  ? -9.617  2.134   -4.634  1.00 35.16 ? 33  ARG A CA  1 
ATOM   266  C  C   . ARG A 1 33  ? -10.248 2.035   -3.249  1.00 34.94 ? 33  ARG A C   1 
ATOM   267  O  O   . ARG A 1 33  ? -9.813  1.256   -2.402  1.00 33.13 ? 33  ARG A O   1 
ATOM   268  C  CB  . ARG A 1 33  ? -10.074 0.947   -5.491  1.00 38.39 ? 33  ARG A CB  1 
ATOM   269  C  CG  . ARG A 1 33  ? -9.552  0.974   -6.933  1.00 45.40 ? 33  ARG A CG  1 
ATOM   270  C  CD  . ARG A 1 33  ? -10.119 -0.170  -7.770  1.00 49.79 ? 33  ARG A CD  1 
ATOM   271  N  NE  . ARG A 1 33  ? -9.914  -1.474  -7.140  1.00 55.33 ? 33  ARG A NE  1 
ATOM   272  C  CZ  . ARG A 1 33  ? -10.391 -2.621  -7.616  1.00 57.73 ? 33  ARG A CZ  1 
ATOM   273  N  NH1 . ARG A 1 33  ? -11.102 -2.630  -8.737  1.00 59.08 ? 33  ARG A NH1 1 
ATOM   274  N  NH2 . ARG A 1 33  ? -10.162 -3.761  -6.973  1.00 59.32 ? 33  ARG A NH2 1 
ATOM   275  N  N   . PRO A 1 34  ? -11.280 2.852   -3.001  1.00 35.83 ? 34  PRO A N   1 
ATOM   276  C  CA  . PRO A 1 34  ? -11.991 2.859   -1.724  1.00 34.46 ? 34  PRO A CA  1 
ATOM   277  C  C   . PRO A 1 34  ? -12.594 1.478   -1.499  1.00 33.44 ? 34  PRO A C   1 
ATOM   278  O  O   . PRO A 1 34  ? -13.035 0.829   -2.448  1.00 33.50 ? 34  PRO A O   1 
ATOM   279  C  CB  . PRO A 1 34  ? -13.055 3.927   -1.938  1.00 36.65 ? 34  PRO A CB  1 
ATOM   280  C  CG  . PRO A 1 34  ? -12.343 4.914   -2.818  1.00 38.95 ? 34  PRO A CG  1 
ATOM   281  C  CD  . PRO A 1 34  ? -11.688 3.999   -3.835  1.00 37.12 ? 34  PRO A CD  1 
ATOM   282  N  N   . GLY A 1 35  ? -12.600 1.021   -0.253  1.00 32.02 ? 35  GLY A N   1 
ATOM   283  C  CA  . GLY A 1 35  ? -13.152 -0.291  0.035   1.00 30.01 ? 35  GLY A CA  1 
ATOM   284  C  C   . GLY A 1 35  ? -13.067 -0.636  1.506   1.00 28.45 ? 35  GLY A C   1 
ATOM   285  O  O   . GLY A 1 35  ? -12.760 0.223   2.326   1.00 27.66 ? 35  GLY A O   1 
ATOM   286  N  N   . ILE A 1 36  ? -13.343 -1.892  1.843   1.00 28.44 ? 36  ILE A N   1 
ATOM   287  C  CA  . ILE A 1 36  ? -13.292 -2.326  3.232   1.00 27.85 ? 36  ILE A CA  1 
ATOM   288  C  C   . ILE A 1 36  ? -11.845 -2.603  3.604   1.00 26.18 ? 36  ILE A C   1 
ATOM   289  O  O   . ILE A 1 36  ? -11.126 -3.264  2.859   1.00 25.85 ? 36  ILE A O   1 
ATOM   290  C  CB  . ILE A 1 36  ? -14.106 -3.627  3.460   1.00 30.40 ? 36  ILE A CB  1 
ATOM   291  C  CG1 . ILE A 1 36  ? -15.503 -3.490  2.853   1.00 32.00 ? 36  ILE A CG1 1 
ATOM   292  C  CG2 . ILE A 1 36  ? -14.217 -3.920  4.954   1.00 31.09 ? 36  ILE A CG2 1 
ATOM   293  C  CD1 . ILE A 1 36  ? -16.276 -2.285  3.351   1.00 33.80 ? 36  ILE A CD1 1 
ATOM   294  N  N   . ALA A 1 37  ? -11.416 -2.094  4.751   1.00 23.84 ? 37  ALA A N   1 
ATOM   295  C  CA  . ALA A 1 37  ? -10.048 -2.318  5.197   1.00 24.16 ? 37  ALA A CA  1 
ATOM   296  C  C   . ALA A 1 37  ? -10.065 -3.094  6.506   1.00 24.60 ? 37  ALA A C   1 
ATOM   297  O  O   . ALA A 1 37  ? -11.001 -2.971  7.299   1.00 23.85 ? 37  ALA A O   1 
ATOM   298  C  CB  . ALA A 1 37  ? -9.321  -0.994  5.372   1.00 21.40 ? 37  ALA A CB  1 
ATOM   299  N  N   . THR A 1 38  ? -9.020  -3.887  6.719   1.00 24.55 ? 38  THR A N   1 
ATOM   300  C  CA  . THR A 1 38  ? -8.891  -4.707  7.914   1.00 24.53 ? 38  THR A CA  1 
ATOM   301  C  C   . THR A 1 38  ? -7.678  -4.264  8.721   1.00 25.11 ? 38  THR A C   1 
ATOM   302  O  O   . THR A 1 38  ? -6.620  -4.006  8.159   1.00 26.52 ? 38  THR A O   1 
ATOM   303  C  CB  . THR A 1 38  ? -8.704  -6.193  7.531   1.00 25.20 ? 38  THR A CB  1 
ATOM   304  O  OG1 . THR A 1 38  ? -9.778  -6.606  6.677   1.00 23.59 ? 38  THR A OG1 1 
ATOM   305  C  CG2 . THR A 1 38  ? -8.671  -7.062  8.771   1.00 25.97 ? 38  THR A CG2 1 
ATOM   306  N  N   . VAL A 1 39  ? -7.828  -4.168  10.036  1.00 24.31 ? 39  VAL A N   1 
ATOM   307  C  CA  . VAL A 1 39  ? -6.712  -3.768  10.882  1.00 23.82 ? 39  VAL A CA  1 
ATOM   308  C  C   . VAL A 1 39  ? -5.708  -4.914  10.859  1.00 24.04 ? 39  VAL A C   1 
ATOM   309  O  O   . VAL A 1 39  ? -6.083  -6.060  11.068  1.00 23.79 ? 39  VAL A O   1 
ATOM   310  C  CB  . VAL A 1 39  ? -7.165  -3.537  12.363  1.00 24.72 ? 39  VAL A CB  1 
ATOM   311  C  CG1 . VAL A 1 39  ? -5.953  -3.236  13.242  1.00 22.79 ? 39  VAL A CG1 1 
ATOM   312  C  CG2 . VAL A 1 39  ? -8.184  -2.389  12.439  1.00 19.80 ? 39  VAL A CG2 1 
ATOM   313  N  N   . THR A 1 40  ? -4.442  -4.617  10.596  1.00 23.57 ? 40  THR A N   1 
ATOM   314  C  CA  . THR A 1 40  ? -3.419  -5.661  10.580  1.00 24.25 ? 40  THR A CA  1 
ATOM   315  C  C   . THR A 1 40  ? -2.272  -5.286  11.501  1.00 24.57 ? 40  THR A C   1 
ATOM   316  O  O   . THR A 1 40  ? -1.285  -6.007  11.592  1.00 26.57 ? 40  THR A O   1 
ATOM   317  C  CB  . THR A 1 40  ? -2.851  -5.896  9.163   1.00 24.14 ? 40  THR A CB  1 
ATOM   318  O  OG1 . THR A 1 40  ? -2.224  -4.695  8.693   1.00 24.23 ? 40  THR A OG1 1 
ATOM   319  C  CG2 . THR A 1 40  ? -3.967  -6.307  8.200   1.00 23.21 ? 40  THR A CG2 1 
ATOM   320  N  N   . TRP A 1 41  ? -2.402  -4.146  12.174  1.00 24.08 ? 41  TRP A N   1 
ATOM   321  C  CA  . TRP A 1 41  ? -1.368  -3.676  13.088  1.00 24.19 ? 41  TRP A CA  1 
ATOM   322  C  C   . TRP A 1 41  ? -1.840  -2.452  13.869  1.00 25.22 ? 41  TRP A C   1 
ATOM   323  O  O   . TRP A 1 41  ? -2.578  -1.611  13.348  1.00 23.98 ? 41  TRP A O   1 
ATOM   324  C  CB  . TRP A 1 41  ? -0.112  -3.295  12.311  1.00 22.60 ? 41  TRP A CB  1 
ATOM   325  C  CG  . TRP A 1 41  ? 1.057   -2.883  13.174  1.00 24.83 ? 41  TRP A CG  1 
ATOM   326  C  CD1 . TRP A 1 41  ? 2.063   -3.691  13.638  1.00 23.76 ? 41  TRP A CD1 1 
ATOM   327  C  CD2 . TRP A 1 41  ? 1.362   -1.560  13.639  1.00 24.90 ? 41  TRP A CD2 1 
ATOM   328  N  NE1 . TRP A 1 41  ? 2.976   -2.949  14.354  1.00 27.44 ? 41  TRP A NE1 1 
ATOM   329  C  CE2 . TRP A 1 41  ? 2.571   -1.641  14.370  1.00 24.08 ? 41  TRP A CE2 1 
ATOM   330  C  CE3 . TRP A 1 41  ? 0.732   -0.315  13.509  1.00 26.63 ? 41  TRP A CE3 1 
ATOM   331  C  CZ2 . TRP A 1 41  ? 3.163   -0.523  14.968  1.00 26.32 ? 41  TRP A CZ2 1 
ATOM   332  C  CZ3 . TRP A 1 41  ? 1.326   0.804   14.109  1.00 25.45 ? 41  TRP A CZ3 1 
ATOM   333  C  CH2 . TRP A 1 41  ? 2.529   0.687   14.826  1.00 24.70 ? 41  TRP A CH2 1 
ATOM   334  N  N   . ASN A 1 42  ? -1.418  -2.363  15.124  1.00 25.93 ? 42  ASN A N   1 
ATOM   335  C  CA  . ASN A 1 42  ? -1.755  -1.212  15.942  1.00 27.85 ? 42  ASN A CA  1 
ATOM   336  C  C   . ASN A 1 42  ? -0.777  -1.099  17.092  1.00 29.12 ? 42  ASN A C   1 
ATOM   337  O  O   . ASN A 1 42  ? -0.082  -2.058  17.422  1.00 31.28 ? 42  ASN A O   1 
ATOM   338  C  CB  . ASN A 1 42  ? -3.205  -1.284  16.467  1.00 26.31 ? 42  ASN A CB  1 
ATOM   339  C  CG  . ASN A 1 42  ? -3.398  -2.313  17.584  1.00 26.35 ? 42  ASN A CG  1 
ATOM   340  O  OD1 . ASN A 1 42  ? -2.484  -2.598  18.361  1.00 22.94 ? 42  ASN A OD1 1 
ATOM   341  N  ND2 . ASN A 1 42  ? -4.614  -2.853  17.678  1.00 22.78 ? 42  ASN A ND2 1 
ATOM   342  N  N   . GLN A 1 43  ? -0.711  0.093   17.670  1.00 29.41 ? 43  GLN A N   1 
ATOM   343  C  CA  . GLN A 1 43  ? 0.145   0.389   18.811  1.00 29.06 ? 43  GLN A CA  1 
ATOM   344  C  C   . GLN A 1 43  ? -0.642  1.451   19.574  1.00 30.61 ? 43  GLN A C   1 
ATOM   345  O  O   . GLN A 1 43  ? -0.837  2.561   19.067  1.00 30.83 ? 43  GLN A O   1 
ATOM   346  C  CB  . GLN A 1 43  ? 1.492   0.960   18.358  1.00 28.38 ? 43  GLN A CB  1 
ATOM   347  C  CG  . GLN A 1 43  ? 2.405   1.337   19.514  1.00 26.03 ? 43  GLN A CG  1 
ATOM   348  C  CD  . GLN A 1 43  ? 3.597   2.158   19.082  1.00 28.44 ? 43  GLN A CD  1 
ATOM   349  O  OE1 . GLN A 1 43  ? 4.469   1.678   18.361  1.00 30.53 ? 43  GLN A OE1 1 
ATOM   350  N  NE2 . GLN A 1 43  ? 3.640   3.412   19.517  1.00 27.59 ? 43  GLN A NE2 1 
ATOM   351  N  N   . CYS A 1 44  ? -1.102  1.113   20.779  1.00 31.04 ? 44  CYS A N   1 
ATOM   352  C  CA  . CYS A 1 44  ? -1.910  2.045   21.564  1.00 30.99 ? 44  CYS A CA  1 
ATOM   353  C  C   . CYS A 1 44  ? -1.606  2.096   23.054  1.00 32.15 ? 44  CYS A C   1 
ATOM   354  O  O   . CYS A 1 44  ? -1.343  1.068   23.674  1.00 31.41 ? 44  CYS A O   1 
ATOM   355  C  CB  . CYS A 1 44  ? -3.391  1.698   21.418  1.00 28.30 ? 44  CYS A CB  1 
ATOM   356  S  SG  . CYS A 1 44  ? -3.925  1.378   19.717  1.00 28.35 ? 44  CYS A SG  1 
ATOM   357  N  N   . ASN A 1 45  ? -1.654  3.302   23.620  1.00 32.09 ? 45  ASN A N   1 
ATOM   358  C  CA  . ASN A 1 45  ? -1.449  3.491   25.049  1.00 32.41 ? 45  ASN A CA  1 
ATOM   359  C  C   . ASN A 1 45  ? -2.510  4.452   25.587  1.00 32.16 ? 45  ASN A C   1 
ATOM   360  O  O   . ASN A 1 45  ? -2.414  4.937   26.715  1.00 30.86 ? 45  ASN A O   1 
ATOM   361  C  CB  . ASN A 1 45  ? -0.039  4.010   25.349  1.00 31.75 ? 45  ASN A CB  1 
ATOM   362  C  CG  . ASN A 1 45  ? 0.234   5.389   24.770  1.00 34.41 ? 45  ASN A CG  1 
ATOM   363  O  OD1 . ASN A 1 45  ? -0.646  6.042   24.210  1.00 32.15 ? 45  ASN A OD1 1 
ATOM   364  N  ND2 . ASN A 1 45  ? 1.474   5.838   24.912  1.00 33.21 ? 45  ASN A ND2 1 
ATOM   365  N  N   . GLY A 1 46  ? -3.535  4.698   24.770  1.00 30.85 ? 46  GLY A N   1 
ATOM   366  C  CA  . GLY A 1 46  ? -4.604  5.598   25.159  1.00 28.83 ? 46  GLY A CA  1 
ATOM   367  C  C   . GLY A 1 46  ? -5.940  4.913   25.368  1.00 28.86 ? 46  GLY A C   1 
ATOM   368  O  O   . GLY A 1 46  ? -6.000  3.701   25.566  1.00 29.99 ? 46  GLY A O   1 
ATOM   369  N  N   . PRO A 1 47  ? -7.044  5.667   25.319  1.00 28.57 ? 47  PRO A N   1 
ATOM   370  C  CA  . PRO A 1 47  ? -8.382  5.103   25.511  1.00 28.05 ? 47  PRO A CA  1 
ATOM   371  C  C   . PRO A 1 47  ? -8.792  4.242   24.326  1.00 28.46 ? 47  PRO A C   1 
ATOM   372  O  O   . PRO A 1 47  ? -8.247  4.386   23.234  1.00 27.98 ? 47  PRO A O   1 
ATOM   373  C  CB  . PRO A 1 47  ? -9.254  6.348   25.654  1.00 27.02 ? 47  PRO A CB  1 
ATOM   374  C  CG  . PRO A 1 47  ? -8.595  7.303   24.691  1.00 28.58 ? 47  PRO A CG  1 
ATOM   375  C  CD  . PRO A 1 47  ? -7.117  7.107   24.996  1.00 28.50 ? 47  PRO A CD  1 
ATOM   376  N  N   . GLU A 1 48  ? -9.752  3.349   24.541  1.00 30.79 ? 48  GLU A N   1 
ATOM   377  C  CA  . GLU A 1 48  ? -10.224 2.477   23.471  1.00 30.96 ? 48  GLU A CA  1 
ATOM   378  C  C   . GLU A 1 48  ? -11.363 3.145   22.714  1.00 31.19 ? 48  GLU A C   1 
ATOM   379  O  O   . GLU A 1 48  ? -11.445 3.033   21.495  1.00 31.70 ? 48  GLU A O   1 
ATOM   380  C  CB  . GLU A 1 48  ? -10.691 1.130   24.040  1.00 32.88 ? 48  GLU A CB  1 
ATOM   381  C  CG  . GLU A 1 48  ? -11.204 0.142   22.984  1.00 36.07 ? 48  GLU A CG  1 
ATOM   382  C  CD  . GLU A 1 48  ? -11.480 -1.247  23.553  1.00 39.05 ? 48  GLU A CD  1 
ATOM   383  O  OE1 . GLU A 1 48  ? -11.305 -1.441  24.778  1.00 39.97 ? 48  GLU A OE1 1 
ATOM   384  O  OE2 . GLU A 1 48  ? -11.872 -2.149  22.779  1.00 37.95 ? 48  GLU A OE2 1 
ATOM   385  N  N   . PHE A 1 49  ? -12.242 3.839   23.435  1.00 30.72 ? 49  PHE A N   1 
ATOM   386  C  CA  . PHE A 1 49  ? -13.371 4.519   22.795  1.00 30.37 ? 49  PHE A CA  1 
ATOM   387  C  C   . PHE A 1 49  ? -13.497 5.992   23.191  1.00 28.55 ? 49  PHE A C   1 
ATOM   388  O  O   . PHE A 1 49  ? -13.185 6.377   24.316  1.00 26.48 ? 49  PHE A O   1 
ATOM   389  C  CB  . PHE A 1 49  ? -14.725 3.869   23.144  1.00 34.39 ? 49  PHE A CB  1 
ATOM   390  C  CG  . PHE A 1 49  ? -14.752 2.363   23.072  1.00 39.98 ? 49  PHE A CG  1 
ATOM   391  C  CD1 . PHE A 1 49  ? -14.561 1.593   24.225  1.00 41.53 ? 49  PHE A CD1 1 
ATOM   392  C  CD2 . PHE A 1 49  ? -15.059 1.709   21.879  1.00 41.72 ? 49  PHE A CD2 1 
ATOM   393  C  CE1 . PHE A 1 49  ? -14.685 0.197   24.192  1.00 41.95 ? 49  PHE A CE1 1 
ATOM   394  C  CE2 . PHE A 1 49  ? -15.183 0.309   21.839  1.00 42.02 ? 49  PHE A CE2 1 
ATOM   395  C  CZ  . PHE A 1 49  ? -14.998 -0.443  22.998  1.00 41.30 ? 49  PHE A CZ  1 
ATOM   396  N  N   . ALA A 1 50  ? -13.970 6.801   22.247  1.00 26.41 ? 50  ALA A N   1 
ATOM   397  C  CA  . ALA A 1 50  ? -14.226 8.215   22.475  1.00 24.93 ? 50  ALA A CA  1 
ATOM   398  C  C   . ALA A 1 50  ? -15.747 8.232   22.463  1.00 25.69 ? 50  ALA A C   1 
ATOM   399  O  O   . ALA A 1 50  ? -16.364 7.841   21.465  1.00 23.01 ? 50  ALA A O   1 
ATOM   400  C  CB  . ALA A 1 50  ? -13.684 9.056   21.327  1.00 24.48 ? 50  ALA A CB  1 
ATOM   401  N  N   . ASP A 1 51  ? -16.354 8.665   23.563  1.00 25.58 ? 51  ASP A N   1 
ATOM   402  C  CA  . ASP A 1 51  ? -17.810 8.672   23.656  1.00 25.93 ? 51  ASP A CA  1 
ATOM   403  C  C   . ASP A 1 51  ? -18.486 9.906   23.091  1.00 25.70 ? 51  ASP A C   1 
ATOM   404  O  O   . ASP A 1 51  ? -19.697 10.052  23.213  1.00 27.51 ? 51  ASP A O   1 
ATOM   405  C  CB  . ASP A 1 51  ? -18.253 8.475   25.108  1.00 25.79 ? 51  ASP A CB  1 
ATOM   406  C  CG  . ASP A 1 51  ? -17.837 9.632   26.019  1.00 28.12 ? 51  ASP A CG  1 
ATOM   407  O  OD1 . ASP A 1 51  ? -17.521 10.729  25.510  1.00 27.65 ? 51  ASP A OD1 1 
ATOM   408  O  OD2 . ASP A 1 51  ? -17.843 9.442   27.251  1.00 28.57 ? 51  ASP A OD2 1 
ATOM   409  N  N   . GLY A 1 52  ? -17.711 10.795  22.482  1.00 26.00 ? 52  GLY A N   1 
ATOM   410  C  CA  . GLY A 1 52  ? -18.285 12.001  21.909  1.00 23.82 ? 52  GLY A CA  1 
ATOM   411  C  C   . GLY A 1 52  ? -18.086 13.261  22.738  1.00 24.74 ? 52  GLY A C   1 
ATOM   412  O  O   . GLY A 1 52  ? -18.143 14.373  22.215  1.00 23.55 ? 52  GLY A O   1 
ATOM   413  N  N   . PHE A 1 53  ? -17.850 13.095  24.033  1.00 24.53 ? 53  PHE A N   1 
ATOM   414  C  CA  . PHE A 1 53  ? -17.651 14.230  24.929  1.00 24.47 ? 53  PHE A CA  1 
ATOM   415  C  C   . PHE A 1 53  ? -16.231 14.792  24.901  1.00 26.65 ? 53  PHE A C   1 
ATOM   416  O  O   . PHE A 1 53  ? -16.002 15.918  25.350  1.00 24.58 ? 53  PHE A O   1 
ATOM   417  C  CB  . PHE A 1 53  ? -17.943 13.821  26.379  1.00 24.80 ? 53  PHE A CB  1 
ATOM   418  C  CG  . PHE A 1 53  ? -19.408 13.692  26.708  1.00 26.10 ? 53  PHE A CG  1 
ATOM   419  C  CD1 . PHE A 1 53  ? -19.919 12.490  27.202  1.00 27.91 ? 53  PHE A CD1 1 
ATOM   420  C  CD2 . PHE A 1 53  ? -20.265 14.778  26.578  1.00 24.47 ? 53  PHE A CD2 1 
ATOM   421  C  CE1 . PHE A 1 53  ? -21.268 12.378  27.564  1.00 27.79 ? 53  PHE A CE1 1 
ATOM   422  C  CE2 . PHE A 1 53  ? -21.615 14.676  26.936  1.00 24.80 ? 53  PHE A CE2 1 
ATOM   423  C  CZ  . PHE A 1 53  ? -22.114 13.477  27.431  1.00 25.08 ? 53  PHE A CZ  1 
ATOM   424  N  N   . TRP A 1 54  ? -15.279 14.027  24.371  1.00 24.77 ? 54  TRP A N   1 
ATOM   425  C  CA  . TRP A 1 54  ? -13.893 14.478  24.403  1.00 23.81 ? 54  TRP A CA  1 
ATOM   426  C  C   . TRP A 1 54  ? -13.125 14.624  23.101  1.00 23.75 ? 54  TRP A C   1 
ATOM   427  O  O   . TRP A 1 54  ? -13.380 13.924  22.120  1.00 24.23 ? 54  TRP A O   1 
ATOM   428  C  CB  . TRP A 1 54  ? -13.102 13.561  25.317  1.00 23.94 ? 54  TRP A CB  1 
ATOM   429  C  CG  . TRP A 1 54  ? -13.814 13.204  26.570  1.00 25.93 ? 54  TRP A CG  1 
ATOM   430  C  CD1 . TRP A 1 54  ? -14.559 12.088  26.796  1.00 26.43 ? 54  TRP A CD1 1 
ATOM   431  C  CD2 . TRP A 1 54  ? -13.796 13.934  27.802  1.00 27.58 ? 54  TRP A CD2 1 
ATOM   432  N  NE1 . TRP A 1 54  ? -14.998 12.068  28.097  1.00 28.09 ? 54  TRP A NE1 1 
ATOM   433  C  CE2 . TRP A 1 54  ? -14.543 13.192  28.738  1.00 25.90 ? 54  TRP A CE2 1 
ATOM   434  C  CE3 . TRP A 1 54  ? -13.212 15.145  28.207  1.00 26.20 ? 54  TRP A CE3 1 
ATOM   435  C  CZ2 . TRP A 1 54  ? -14.727 13.614  30.059  1.00 25.07 ? 54  TRP A CZ2 1 
ATOM   436  C  CZ3 . TRP A 1 54  ? -13.394 15.566  29.522  1.00 26.77 ? 54  TRP A CZ3 1 
ATOM   437  C  CH2 . TRP A 1 54  ? -14.146 14.800  30.432  1.00 25.78 ? 54  TRP A CH2 1 
ATOM   438  N  N   . ALA A 1 55  ? -12.152 15.526  23.125  1.00 21.41 ? 55  ALA A N   1 
ATOM   439  C  CA  . ALA A 1 55  ? -11.327 15.788  21.958  1.00 22.31 ? 55  ALA A CA  1 
ATOM   440  C  C   . ALA A 1 55  ? -10.052 14.944  21.865  1.00 21.11 ? 55  ALA A C   1 
ATOM   441  O  O   . ALA A 1 55  ? -9.484  14.496  22.870  1.00 19.48 ? 55  ALA A O   1 
ATOM   442  C  CB  . ALA A 1 55  ? -10.955 17.265  21.918  1.00 20.84 ? 55  ALA A CB  1 
ATOM   443  N  N   . TYR A 1 56  ? -9.620  14.738  20.627  1.00 20.04 ? 56  TYR A N   1 
ATOM   444  C  CA  . TYR A 1 56  ? -8.396  14.020  20.313  1.00 20.27 ? 56  TYR A CA  1 
ATOM   445  C  C   . TYR A 1 56  ? -7.951  14.580  18.964  1.00 20.26 ? 56  TYR A C   1 
ATOM   446  O  O   . TYR A 1 56  ? -8.714  15.289  18.303  1.00 18.84 ? 56  TYR A O   1 
ATOM   447  C  CB  . TYR A 1 56  ? -8.635  12.506  20.250  1.00 18.91 ? 56  TYR A CB  1 
ATOM   448  C  CG  . TYR A 1 56  ? -9.741  12.072  19.315  1.00 20.33 ? 56  TYR A CG  1 
ATOM   449  C  CD1 . TYR A 1 56  ? -9.476  11.757  17.987  1.00 19.56 ? 56  TYR A CD1 1 
ATOM   450  C  CD2 . TYR A 1 56  ? -11.054 11.959  19.768  1.00 22.27 ? 56  TYR A CD2 1 
ATOM   451  C  CE1 . TYR A 1 56  ? -10.500 11.335  17.131  1.00 22.61 ? 56  TYR A CE1 1 
ATOM   452  C  CE2 . TYR A 1 56  ? -12.078 11.543  18.922  1.00 21.65 ? 56  TYR A CE2 1 
ATOM   453  C  CZ  . TYR A 1 56  ? -11.796 11.231  17.608  1.00 21.87 ? 56  TYR A CZ  1 
ATOM   454  O  OH  . TYR A 1 56  ? -12.810 10.799  16.776  1.00 23.44 ? 56  TYR A OH  1 
ATOM   455  N  N   . TYR A 1 57  ? -6.722  14.279  18.564  1.00 19.99 ? 57  TYR A N   1 
ATOM   456  C  CA  . TYR A 1 57  ? -6.193  14.791  17.301  1.00 21.63 ? 57  TYR A CA  1 
ATOM   457  C  C   . TYR A 1 57  ? -5.884  13.683  16.308  1.00 22.81 ? 57  TYR A C   1 
ATOM   458  O  O   . TYR A 1 57  ? -5.337  12.633  16.672  1.00 22.44 ? 57  TYR A O   1 
ATOM   459  C  CB  . TYR A 1 57  ? -4.939  15.627  17.566  1.00 20.69 ? 57  TYR A CB  1 
ATOM   460  C  CG  . TYR A 1 57  ? -5.211  16.823  18.445  1.00 22.01 ? 57  TYR A CG  1 
ATOM   461  C  CD1 . TYR A 1 57  ? -5.335  16.684  19.828  1.00 20.59 ? 57  TYR A CD1 1 
ATOM   462  C  CD2 . TYR A 1 57  ? -5.403  18.095  17.885  1.00 21.74 ? 57  TYR A CD2 1 
ATOM   463  C  CE1 . TYR A 1 57  ? -5.650  17.784  20.642  1.00 21.40 ? 57  TYR A CE1 1 
ATOM   464  C  CE2 . TYR A 1 57  ? -5.716  19.198  18.684  1.00 22.27 ? 57  TYR A CE2 1 
ATOM   465  C  CZ  . TYR A 1 57  ? -5.841  19.035  20.062  1.00 23.44 ? 57  TYR A CZ  1 
ATOM   466  O  OH  . TYR A 1 57  ? -6.181  20.116  20.850  1.00 24.98 ? 57  TYR A OH  1 
ATOM   467  N  N   . ARG A 1 58  ? -6.231  13.929  15.046  1.00 20.79 ? 58  ARG A N   1 
ATOM   468  C  CA  . ARG A 1 58  ? -6.019  12.949  13.986  1.00 20.90 ? 58  ARG A CA  1 
ATOM   469  C  C   . ARG A 1 58  ? -4.806  13.231  13.104  1.00 21.39 ? 58  ARG A C   1 
ATOM   470  O  O   . ARG A 1 58  ? -4.514  14.386  12.785  1.00 19.79 ? 58  ARG A O   1 
ATOM   471  C  CB  . ARG A 1 58  ? -7.239  12.900  13.057  1.00 20.16 ? 58  ARG A CB  1 
ATOM   472  C  CG  . ARG A 1 58  ? -8.553  12.451  13.672  1.00 22.14 ? 58  ARG A CG  1 
ATOM   473  C  CD  . ARG A 1 58  ? -9.715  12.887  12.767  1.00 21.79 ? 58  ARG A CD  1 
ATOM   474  N  NE  . ARG A 1 58  ? -10.956 12.185  13.077  1.00 21.03 ? 58  ARG A NE  1 
ATOM   475  C  CZ  . ARG A 1 58  ? -12.168 12.624  12.751  1.00 20.94 ? 58  ARG A CZ  1 
ATOM   476  N  NH1 . ARG A 1 58  ? -12.316 13.771  12.108  1.00 18.61 ? 58  ARG A NH1 1 
ATOM   477  N  NH2 . ARG A 1 58  ? -13.236 11.902  13.059  1.00 23.51 ? 58  ARG A NH2 1 
ATOM   478  N  N   . GLU A 1 59  ? -4.119  12.164  12.703  1.00 20.06 ? 59  GLU A N   1 
ATOM   479  C  CA  . GLU A 1 59  ? -3.000  12.263  11.770  1.00 20.08 ? 59  GLU A CA  1 
ATOM   480  C  C   . GLU A 1 59  ? -3.161  11.033  10.892  1.00 20.58 ? 59  GLU A C   1 
ATOM   481  O  O   . GLU A 1 59  ? -3.015  9.911   11.375  1.00 21.40 ? 59  GLU A O   1 
ATOM   482  C  CB  . GLU A 1 59  ? -1.632  12.217  12.458  1.00 19.82 ? 59  GLU A CB  1 
ATOM   483  C  CG  . GLU A 1 59  ? -0.506  12.543  11.464  1.00 19.54 ? 59  GLU A CG  1 
ATOM   484  C  CD  . GLU A 1 59  ? 0.873   12.109  11.915  1.00 22.22 ? 59  GLU A CD  1 
ATOM   485  O  OE1 . GLU A 1 59  ? 1.867   12.629  11.354  1.00 23.54 ? 59  GLU A OE1 1 
ATOM   486  O  OE2 . GLU A 1 59  ? 0.975   11.246  12.810  1.00 24.81 ? 59  GLU A OE2 1 
ATOM   487  N  N   . TYR A 1 60  ? -3.477  11.238  9.614   1.00 19.99 ? 60  TYR A N   1 
ATOM   488  C  CA  . TYR A 1 60  ? -3.691  10.125  8.690   1.00 20.83 ? 60  TYR A CA  1 
ATOM   489  C  C   . TYR A 1 60  ? -2.655  10.074  7.564   1.00 20.51 ? 60  TYR A C   1 
ATOM   490  O  O   . TYR A 1 60  ? -2.419  11.065  6.871   1.00 20.30 ? 60  TYR A O   1 
ATOM   491  C  CB  . TYR A 1 60  ? -5.095  10.213  8.059   1.00 21.67 ? 60  TYR A CB  1 
ATOM   492  C  CG  . TYR A 1 60  ? -6.271  10.067  9.009   1.00 21.96 ? 60  TYR A CG  1 
ATOM   493  C  CD1 . TYR A 1 60  ? -7.578  10.290  8.562   1.00 21.30 ? 60  TYR A CD1 1 
ATOM   494  C  CD2 . TYR A 1 60  ? -6.088  9.695   10.347  1.00 20.74 ? 60  TYR A CD2 1 
ATOM   495  C  CE1 . TYR A 1 60  ? -8.671  10.149  9.419   1.00 19.57 ? 60  TYR A CE1 1 
ATOM   496  C  CE2 . TYR A 1 60  ? -7.177  9.553   11.212  1.00 18.86 ? 60  TYR A CE2 1 
ATOM   497  C  CZ  . TYR A 1 60  ? -8.463  9.784   10.737  1.00 20.07 ? 60  TYR A CZ  1 
ATOM   498  O  OH  . TYR A 1 60  ? -9.542  9.662   11.586  1.00 22.90 ? 60  TYR A OH  1 
ATOM   499  N  N   . ILE A 1 61  ? -2.065  8.905   7.358   1.00 19.08 ? 61  ILE A N   1 
ATOM   500  C  CA  . ILE A 1 61  ? -1.068  8.753   6.312   1.00 19.92 ? 61  ILE A CA  1 
ATOM   501  C  C   . ILE A 1 61  ? -1.323  7.486   5.502   1.00 20.34 ? 61  ILE A C   1 
ATOM   502  O  O   . ILE A 1 61  ? -1.429  6.385   6.054   1.00 17.65 ? 61  ILE A O   1 
ATOM   503  C  CB  . ILE A 1 61  ? 0.348   8.685   6.904   1.00 22.18 ? 61  ILE A CB  1 
ATOM   504  C  CG1 . ILE A 1 61  ? 0.600   9.903   7.795   1.00 22.35 ? 61  ILE A CG1 1 
ATOM   505  C  CG2 . ILE A 1 61  ? 1.379   8.649   5.779   1.00 24.81 ? 61  ILE A CG2 1 
ATOM   506  C  CD1 . ILE A 1 61  ? 1.959   9.875   8.512   1.00 23.83 ? 61  ILE A CD1 1 
ATOM   507  N  N   . ALA A 1 62  ? -1.437  7.655   4.190   1.00 18.61 ? 62  ALA A N   1 
ATOM   508  C  CA  . ALA A 1 62  ? -1.672  6.529   3.304   1.00 20.39 ? 62  ALA A CA  1 
ATOM   509  C  C   . ALA A 1 62  ? -0.338  5.863   3.053   1.00 21.07 ? 62  ALA A C   1 
ATOM   510  O  O   . ALA A 1 62  ? 0.698   6.540   2.972   1.00 21.30 ? 62  ALA A O   1 
ATOM   511  C  CB  . ALA A 1 62  ? -2.276  7.002   1.984   1.00 16.83 ? 62  ALA A CB  1 
ATOM   512  N  N   . TRP A 1 63  ? -0.371  4.540   2.932   1.00 19.60 ? 63  TRP A N   1 
ATOM   513  C  CA  . TRP A 1 63  ? 0.826   3.745   2.674   1.00 22.22 ? 63  TRP A CA  1 
ATOM   514  C  C   . TRP A 1 63  ? 0.623   2.771   1.512   1.00 21.66 ? 63  TRP A C   1 
ATOM   515  O  O   . TRP A 1 63  ? -0.483  2.300   1.275   1.00 22.24 ? 63  TRP A O   1 
ATOM   516  C  CB  . TRP A 1 63  ? 1.190   2.883   3.891   1.00 21.65 ? 63  TRP A CB  1 
ATOM   517  C  CG  . TRP A 1 63  ? 1.874   3.551   5.037   1.00 21.11 ? 63  TRP A CG  1 
ATOM   518  C  CD1 . TRP A 1 63  ? 1.305   4.357   5.977   1.00 21.74 ? 63  TRP A CD1 1 
ATOM   519  C  CD2 . TRP A 1 63  ? 3.250   3.396   5.415   1.00 23.60 ? 63  TRP A CD2 1 
ATOM   520  N  NE1 . TRP A 1 63  ? 2.240   4.709   6.929   1.00 23.48 ? 63  TRP A NE1 1 
ATOM   521  C  CE2 . TRP A 1 63  ? 3.442   4.134   6.606   1.00 23.85 ? 63  TRP A CE2 1 
ATOM   522  C  CE3 . TRP A 1 63  ? 4.339   2.704   4.863   1.00 22.86 ? 63  TRP A CE3 1 
ATOM   523  C  CZ2 . TRP A 1 63  ? 4.684   4.202   7.259   1.00 23.78 ? 63  TRP A CZ2 1 
ATOM   524  C  CZ3 . TRP A 1 63  ? 5.579   2.772   5.512   1.00 21.78 ? 63  TRP A CZ3 1 
ATOM   525  C  CH2 . TRP A 1 63  ? 5.738   3.515   6.697   1.00 24.50 ? 63  TRP A CH2 1 
ATOM   526  N  N   . VAL A 1 64  ? 1.714   2.475   0.811   1.00 22.74 ? 64  VAL A N   1 
ATOM   527  C  CA  . VAL A 1 64  ? 1.744   1.481   -0.258  1.00 19.70 ? 64  VAL A CA  1 
ATOM   528  C  C   . VAL A 1 64  ? 3.155   0.884   -0.173  1.00 22.52 ? 64  VAL A C   1 
ATOM   529  O  O   . VAL A 1 64  ? 4.151   1.611   -0.228  1.00 22.34 ? 64  VAL A O   1 
ATOM   530  C  CB  . VAL A 1 64  ? 1.535   2.072   -1.677  1.00 19.60 ? 64  VAL A CB  1 
ATOM   531  C  CG1 . VAL A 1 64  ? 1.870   1.014   -2.727  1.00 18.85 ? 64  VAL A CG1 1 
ATOM   532  C  CG2 . VAL A 1 64  ? 0.080   2.505   -1.872  1.00 17.95 ? 64  VAL A CG2 1 
ATOM   533  N  N   . VAL A 1 65  ? 3.239   -0.430  0.010   1.00 21.72 ? 65  VAL A N   1 
ATOM   534  C  CA  . VAL A 1 65  ? 4.531   -1.110  0.068   1.00 22.41 ? 65  VAL A CA  1 
ATOM   535  C  C   . VAL A 1 65  ? 4.484   -2.055  -1.118  1.00 22.79 ? 65  VAL A C   1 
ATOM   536  O  O   . VAL A 1 65  ? 3.689   -2.994  -1.129  1.00 24.50 ? 65  VAL A O   1 
ATOM   537  C  CB  . VAL A 1 65  ? 4.706   -1.927  1.375   1.00 21.30 ? 65  VAL A CB  1 
ATOM   538  C  CG1 . VAL A 1 65  ? 6.116   -2.533  1.439   1.00 18.82 ? 65  VAL A CG1 1 
ATOM   539  C  CG2 . VAL A 1 65  ? 4.466   -1.034  2.568   1.00 19.99 ? 65  VAL A CG2 1 
ATOM   540  N  N   . PHE A 1 66  ? 5.325   -1.797  -2.115  1.00 21.82 ? 66  PHE A N   1 
ATOM   541  C  CA  . PHE A 1 66  ? 5.335   -2.600  -3.338  1.00 21.94 ? 66  PHE A CA  1 
ATOM   542  C  C   . PHE A 1 66  ? 6.650   -3.362  -3.567  1.00 21.64 ? 66  PHE A C   1 
ATOM   543  O  O   . PHE A 1 66  ? 7.728   -2.816  -3.389  1.00 20.22 ? 66  PHE A O   1 
ATOM   544  C  CB  . PHE A 1 66  ? 5.071   -1.678  -4.529  1.00 20.03 ? 66  PHE A CB  1 
ATOM   545  C  CG  . PHE A 1 66  ? 4.260   -2.306  -5.616  1.00 19.41 ? 66  PHE A CG  1 
ATOM   546  C  CD1 . PHE A 1 66  ? 2.877   -2.370  -5.516  1.00 18.11 ? 66  PHE A CD1 1 
ATOM   547  C  CD2 . PHE A 1 66  ? 4.878   -2.848  -6.732  1.00 18.20 ? 66  PHE A CD2 1 
ATOM   548  C  CE1 . PHE A 1 66  ? 2.119   -2.969  -6.520  1.00 18.11 ? 66  PHE A CE1 1 
ATOM   549  C  CE2 . PHE A 1 66  ? 4.127   -3.451  -7.742  1.00 18.78 ? 66  PHE A CE2 1 
ATOM   550  C  CZ  . PHE A 1 66  ? 2.744   -3.511  -7.633  1.00 18.14 ? 66  PHE A CZ  1 
ATOM   551  N  N   . PRO A 1 67  ? 6.570   -4.636  -3.981  1.00 23.92 ? 67  PRO A N   1 
ATOM   552  C  CA  . PRO A 1 67  ? 7.789   -5.417  -4.220  1.00 24.04 ? 67  PRO A CA  1 
ATOM   553  C  C   . PRO A 1 67  ? 8.596   -4.882  -5.402  1.00 25.32 ? 67  PRO A C   1 
ATOM   554  O  O   . PRO A 1 67  ? 8.030   -4.337  -6.357  1.00 23.70 ? 67  PRO A O   1 
ATOM   555  C  CB  . PRO A 1 67  ? 7.249   -6.810  -4.498  1.00 23.37 ? 67  PRO A CB  1 
ATOM   556  C  CG  . PRO A 1 67  ? 5.969   -6.513  -5.217  1.00 25.27 ? 67  PRO A CG  1 
ATOM   557  C  CD  . PRO A 1 67  ? 5.373   -5.405  -4.367  1.00 23.32 ? 67  PRO A CD  1 
ATOM   558  N  N   . LYS A 1 68  ? 9.914   -5.039  -5.335  1.00 24.82 ? 68  LYS A N   1 
ATOM   559  C  CA  . LYS A 1 68  ? 10.786  -4.591  -6.415  1.00 25.29 ? 68  LYS A CA  1 
ATOM   560  C  C   . LYS A 1 68  ? 11.032  -5.728  -7.395  1.00 25.77 ? 68  LYS A C   1 
ATOM   561  O  O   . LYS A 1 68  ? 11.632  -5.532  -8.452  1.00 24.49 ? 68  LYS A O   1 
ATOM   562  C  CB  . LYS A 1 68  ? 12.115  -4.087  -5.853  1.00 25.94 ? 68  LYS A CB  1 
ATOM   563  C  CG  . LYS A 1 68  ? 11.980  -2.802  -5.054  1.00 25.04 ? 68  LYS A CG  1 
ATOM   564  C  CD  . LYS A 1 68  ? 13.335  -2.227  -4.692  1.00 28.61 ? 68  LYS A CD  1 
ATOM   565  C  CE  . LYS A 1 68  ? 13.203  -0.780  -4.267  1.00 30.65 ? 68  LYS A CE  1 
ATOM   566  N  NZ  . LYS A 1 68  ? 14.520  -0.107  -4.084  1.00 33.39 ? 68  LYS A NZ  1 
ATOM   567  N  N   . LYS A 1 69  ? 10.555  -6.918  -7.040  1.00 26.47 ? 69  LYS A N   1 
ATOM   568  C  CA  . LYS A 1 69  ? 10.718  -8.090  -7.887  1.00 28.16 ? 69  LYS A CA  1 
ATOM   569  C  C   . LYS A 1 69  ? 9.665   -9.140  -7.567  1.00 28.12 ? 69  LYS A C   1 
ATOM   570  O  O   . LYS A 1 69  ? 9.248   -9.283  -6.418  1.00 28.22 ? 69  LYS A O   1 
ATOM   571  C  CB  . LYS A 1 69  ? 12.113  -8.698  -7.699  1.00 29.96 ? 69  LYS A CB  1 
ATOM   572  C  CG  . LYS A 1 69  ? 12.373  -9.907  -8.595  1.00 34.17 ? 69  LYS A CG  1 
ATOM   573  C  CD  . LYS A 1 69  ? 13.721  -10.557 -8.304  1.00 37.59 ? 69  LYS A CD  1 
ATOM   574  C  CE  . LYS A 1 69  ? 14.878  -9.602  -8.554  1.00 39.25 ? 69  LYS A CE  1 
ATOM   575  N  NZ  . LYS A 1 69  ? 16.185  -10.207 -8.183  1.00 39.61 ? 69  LYS A NZ  1 
ATOM   576  N  N   . VAL A 1 70  ? 9.230   -9.867  -8.588  1.00 26.14 ? 70  VAL A N   1 
ATOM   577  C  CA  . VAL A 1 70  ? 8.241   -10.913 -8.400  1.00 29.03 ? 70  VAL A CA  1 
ATOM   578  C  C   . VAL A 1 70  ? 8.551   -12.098 -9.302  1.00 31.73 ? 70  VAL A C   1 
ATOM   579  O  O   . VAL A 1 70  ? 8.915   -11.928 -10.465 1.00 31.93 ? 70  VAL A O   1 
ATOM   580  C  CB  . VAL A 1 70  ? 6.807   -10.404 -8.709  1.00 29.75 ? 70  VAL A CB  1 
ATOM   581  C  CG1 . VAL A 1 70  ? 6.784   -9.683  -10.041 1.00 28.36 ? 70  VAL A CG1 1 
ATOM   582  C  CG2 . VAL A 1 70  ? 5.832   -11.576 -8.740  1.00 27.86 ? 70  VAL A CG2 1 
HETATM 583  N  N   . MSE A 1 71  ? 8.409   -13.301 -8.757  1.00 33.98 ? 71  MSE A N   1 
HETATM 584  C  CA  . MSE A 1 71  ? 8.656   -14.521 -9.515  1.00 36.83 ? 71  MSE A CA  1 
HETATM 585  C  C   . MSE A 1 71  ? 7.435   -14.909 -10.327 1.00 35.70 ? 71  MSE A C   1 
HETATM 586  O  O   . MSE A 1 71  ? 6.326   -14.921 -9.806  1.00 35.61 ? 71  MSE A O   1 
HETATM 587  C  CB  . MSE A 1 71  ? 9.001   -15.674 -8.571  1.00 41.98 ? 71  MSE A CB  1 
HETATM 588  C  CG  . MSE A 1 71  ? 10.315  -15.504 -7.859  1.00 50.36 ? 71  MSE A CG  1 
HETATM 589  SE SE  . MSE A 1 71  ? 11.737  -15.277 -9.149  1.00 66.65 ? 71  MSE A SE  1 
HETATM 590  C  CE  . MSE A 1 71  ? 11.853  -17.104 -9.786  1.00 59.49 ? 71  MSE A CE  1 
ATOM   591  N  N   . THR A 1 72  ? 7.642   -15.218 -11.604 1.00 34.71 ? 72  THR A N   1 
ATOM   592  C  CA  . THR A 1 72  ? 6.551   -15.651 -12.463 1.00 34.56 ? 72  THR A CA  1 
ATOM   593  C  C   . THR A 1 72  ? 6.247   -17.080 -12.044 1.00 35.87 ? 72  THR A C   1 
ATOM   594  O  O   . THR A 1 72  ? 7.079   -17.738 -11.413 1.00 35.56 ? 72  THR A O   1 
ATOM   595  C  CB  . THR A 1 72  ? 6.958   -15.674 -13.947 1.00 33.75 ? 72  THR A CB  1 
ATOM   596  O  OG1 . THR A 1 72  ? 8.166   -16.437 -14.090 1.00 33.43 ? 72  THR A OG1 1 
ATOM   597  C  CG2 . THR A 1 72  ? 7.170   -14.262 -14.474 1.00 29.82 ? 72  THR A CG2 1 
ATOM   598  N  N   . GLN A 1 73  ? 5.070   -17.574 -12.401 1.00 37.82 ? 73  GLN A N   1 
ATOM   599  C  CA  . GLN A 1 73  ? 4.716   -18.933 -12.034 1.00 40.55 ? 73  GLN A CA  1 
ATOM   600  C  C   . GLN A 1 73  ? 5.735   -19.958 -12.525 1.00 40.23 ? 73  GLN A C   1 
ATOM   601  O  O   . GLN A 1 73  ? 6.066   -20.898 -11.802 1.00 39.94 ? 73  GLN A O   1 
ATOM   602  C  CB  . GLN A 1 73  ? 3.336   -19.291 -12.573 1.00 44.05 ? 73  GLN A CB  1 
ATOM   603  C  CG  . GLN A 1 73  ? 2.933   -20.715 -12.248 1.00 49.71 ? 73  GLN A CG  1 
ATOM   604  C  CD  . GLN A 1 73  ? 1.470   -20.980 -12.521 1.00 53.33 ? 73  GLN A CD  1 
ATOM   605  O  OE1 . GLN A 1 73  ? 1.005   -20.871 -13.658 1.00 55.50 ? 73  GLN A OE1 1 
ATOM   606  N  NE2 . GLN A 1 73  ? 0.729   -21.325 -11.472 1.00 55.43 ? 73  GLN A NE2 1 
ATOM   607  N  N   . ASN A 1 74  ? 6.237   -19.781 -13.745 1.00 38.90 ? 74  ASN A N   1 
ATOM   608  C  CA  . ASN A 1 74  ? 7.207   -20.723 -14.290 1.00 38.29 ? 74  ASN A CA  1 
ATOM   609  C  C   . ASN A 1 74  ? 8.630   -20.535 -13.779 1.00 38.28 ? 74  ASN A C   1 
ATOM   610  O  O   . ASN A 1 74  ? 9.559   -21.156 -14.288 1.00 39.82 ? 74  ASN A O   1 
ATOM   611  C  CB  . ASN A 1 74  ? 7.184   -20.711 -15.826 1.00 37.92 ? 74  ASN A CB  1 
ATOM   612  C  CG  . ASN A 1 74  ? 7.357   -19.319 -16.418 1.00 38.63 ? 74  ASN A CG  1 
ATOM   613  O  OD1 . ASN A 1 74  ? 7.342   -19.152 -17.638 1.00 36.99 ? 74  ASN A OD1 1 
ATOM   614  N  ND2 . ASN A 1 74  ? 7.519   -18.319 -15.562 1.00 35.97 ? 74  ASN A ND2 1 
ATOM   615  N  N   . GLY A 1 75  ? 8.805   -19.678 -12.778 1.00 38.01 ? 75  GLY A N   1 
ATOM   616  C  CA  . GLY A 1 75  ? 10.125  -19.493 -12.199 1.00 37.32 ? 75  GLY A CA  1 
ATOM   617  C  C   . GLY A 1 75  ? 11.085  -18.445 -12.736 1.00 37.59 ? 75  GLY A C   1 
ATOM   618  O  O   . GLY A 1 75  ? 12.300  -18.656 -12.707 1.00 36.49 ? 75  GLY A O   1 
ATOM   619  N  N   . TYR A 1 76  ? 10.568  -17.317 -13.216 1.00 37.01 ? 76  TYR A N   1 
ATOM   620  C  CA  . TYR A 1 76  ? 11.442  -16.263 -13.718 1.00 35.67 ? 76  TYR A CA  1 
ATOM   621  C  C   . TYR A 1 76  ? 11.237  -14.960 -12.961 1.00 35.28 ? 76  TYR A C   1 
ATOM   622  O  O   . TYR A 1 76  ? 10.107  -14.579 -12.653 1.00 34.49 ? 76  TYR A O   1 
ATOM   623  C  CB  . TYR A 1 76  ? 11.210  -16.029 -15.209 1.00 36.56 ? 76  TYR A CB  1 
ATOM   624  C  CG  . TYR A 1 76  ? 11.662  -17.186 -16.065 1.00 37.84 ? 76  TYR A CG  1 
ATOM   625  C  CD1 . TYR A 1 76  ? 10.870  -18.321 -16.209 1.00 35.98 ? 76  TYR A CD1 1 
ATOM   626  C  CD2 . TYR A 1 76  ? 12.905  -17.159 -16.703 1.00 37.90 ? 76  TYR A CD2 1 
ATOM   627  C  CE1 . TYR A 1 76  ? 11.304  -19.403 -16.963 1.00 37.70 ? 76  TYR A CE1 1 
ATOM   628  C  CE2 . TYR A 1 76  ? 13.347  -18.239 -17.459 1.00 36.83 ? 76  TYR A CE2 1 
ATOM   629  C  CZ  . TYR A 1 76  ? 12.541  -19.354 -17.584 1.00 36.75 ? 76  TYR A CZ  1 
ATOM   630  O  OH  . TYR A 1 76  ? 12.970  -20.424 -18.327 1.00 37.63 ? 76  TYR A OH  1 
ATOM   631  N  N   . PRO A 1 77  ? 12.335  -14.258 -12.648 1.00 34.34 ? 77  PRO A N   1 
ATOM   632  C  CA  . PRO A 1 77  ? 12.249  -12.993 -11.920 1.00 33.72 ? 77  PRO A CA  1 
ATOM   633  C  C   . PRO A 1 77  ? 11.847  -11.834 -12.822 1.00 33.56 ? 77  PRO A C   1 
ATOM   634  O  O   . PRO A 1 77  ? 12.351  -11.696 -13.936 1.00 34.18 ? 77  PRO A O   1 
ATOM   635  C  CB  . PRO A 1 77  ? 13.660  -12.818 -11.392 1.00 33.26 ? 77  PRO A CB  1 
ATOM   636  C  CG  . PRO A 1 77  ? 14.475  -13.310 -12.570 1.00 35.00 ? 77  PRO A CG  1 
ATOM   637  C  CD  . PRO A 1 77  ? 13.738  -14.591 -12.952 1.00 34.34 ? 77  PRO A CD  1 
ATOM   638  N  N   . LEU A 1 78  ? 10.917  -11.018 -12.347 1.00 31.82 ? 78  LEU A N   1 
ATOM   639  C  CA  . LEU A 1 78  ? 10.503  -9.846  -13.095 1.00 30.38 ? 78  LEU A CA  1 
ATOM   640  C  C   . LEU A 1 78  ? 10.912  -8.680  -12.210 1.00 29.94 ? 78  LEU A C   1 
ATOM   641  O  O   . LEU A 1 78  ? 10.666  -8.691  -11.003 1.00 30.70 ? 78  LEU A O   1 
ATOM   642  C  CB  . LEU A 1 78  ? 8.991   -9.834  -13.335 1.00 30.37 ? 78  LEU A CB  1 
ATOM   643  C  CG  . LEU A 1 78  ? 8.385   -10.995 -14.129 1.00 29.66 ? 78  LEU A CG  1 
ATOM   644  C  CD1 . LEU A 1 78  ? 6.971   -10.612 -14.546 1.00 29.89 ? 78  LEU A CD1 1 
ATOM   645  C  CD2 . LEU A 1 78  ? 9.223   -11.306 -15.366 1.00 29.93 ? 78  LEU A CD2 1 
ATOM   646  N  N   . PHE A 1 79  ? 11.567  -7.690  -12.798 1.00 27.60 ? 79  PHE A N   1 
ATOM   647  C  CA  . PHE A 1 79  ? 12.006  -6.538  -12.034 1.00 27.97 ? 79  PHE A CA  1 
ATOM   648  C  C   . PHE A 1 79  ? 10.986  -5.417  -12.170 1.00 28.30 ? 79  PHE A C   1 
ATOM   649  O  O   . PHE A 1 79  ? 10.630  -5.015  -13.279 1.00 28.68 ? 79  PHE A O   1 
ATOM   650  C  CB  . PHE A 1 79  ? 13.381  -6.082  -12.524 1.00 28.39 ? 79  PHE A CB  1 
ATOM   651  C  CG  . PHE A 1 79  ? 14.416  -7.173  -12.503 1.00 29.06 ? 79  PHE A CG  1 
ATOM   652  C  CD1 . PHE A 1 79  ? 14.366  -8.215  -13.428 1.00 29.35 ? 79  PHE A CD1 1 
ATOM   653  C  CD2 . PHE A 1 79  ? 15.410  -7.187  -11.528 1.00 29.06 ? 79  PHE A CD2 1 
ATOM   654  C  CE1 . PHE A 1 79  ? 15.289  -9.260  -13.382 1.00 30.48 ? 79  PHE A CE1 1 
ATOM   655  C  CE2 . PHE A 1 79  ? 16.338  -8.225  -11.470 1.00 30.34 ? 79  PHE A CE2 1 
ATOM   656  C  CZ  . PHE A 1 79  ? 16.278  -9.265  -12.399 1.00 30.41 ? 79  PHE A CZ  1 
ATOM   657  N  N   . ILE A 1 80  ? 10.524  -4.913  -11.031 1.00 26.95 ? 80  ILE A N   1 
ATOM   658  C  CA  . ILE A 1 80  ? 9.532   -3.847  -11.008 1.00 25.73 ? 80  ILE A CA  1 
ATOM   659  C  C   . ILE A 1 80  ? 10.150  -2.488  -10.694 1.00 23.77 ? 80  ILE A C   1 
ATOM   660  O  O   . ILE A 1 80  ? 10.802  -2.314  -9.666  1.00 23.69 ? 80  ILE A O   1 
ATOM   661  C  CB  . ILE A 1 80  ? 8.432   -4.176  -9.975  1.00 25.99 ? 80  ILE A CB  1 
ATOM   662  C  CG1 . ILE A 1 80  ? 7.704   -5.449  -10.410 1.00 26.19 ? 80  ILE A CG1 1 
ATOM   663  C  CG2 . ILE A 1 80  ? 7.445   -3.014  -9.854  1.00 26.74 ? 80  ILE A CG2 1 
ATOM   664  C  CD1 . ILE A 1 80  ? 6.827   -6.056  -9.340  1.00 28.98 ? 80  ILE A CD1 1 
ATOM   665  N  N   . GLU A 1 81  ? 9.944   -1.526  -11.586 1.00 22.82 ? 81  GLU A N   1 
ATOM   666  C  CA  . GLU A 1 81  ? 10.489  -0.184  -11.394 1.00 27.37 ? 81  GLU A CA  1 
ATOM   667  C  C   . GLU A 1 81  ? 9.366   0.844   -11.348 1.00 26.96 ? 81  GLU A C   1 
ATOM   668  O  O   . GLU A 1 81  ? 8.313   0.654   -11.964 1.00 26.81 ? 81  GLU A O   1 
ATOM   669  C  CB  . GLU A 1 81  ? 11.420  0.179   -12.545 1.00 32.39 ? 81  GLU A CB  1 
ATOM   670  C  CG  . GLU A 1 81  ? 12.541  -0.815  -12.813 1.00 40.12 ? 81  GLU A CG  1 
ATOM   671  C  CD  . GLU A 1 81  ? 13.398  -0.389  -13.997 1.00 43.08 ? 81  GLU A CD  1 
ATOM   672  O  OE1 . GLU A 1 81  ? 12.942  -0.536  -15.159 1.00 43.36 ? 81  GLU A OE1 1 
ATOM   673  O  OE2 . GLU A 1 81  ? 14.518  0.110   -13.756 1.00 44.18 ? 81  GLU A OE2 1 
ATOM   674  N  N   . VAL A 1 82  ? 9.598   1.934   -10.630 1.00 26.28 ? 82  VAL A N   1 
ATOM   675  C  CA  . VAL A 1 82  ? 8.606   2.993   -10.520 1.00 27.24 ? 82  VAL A CA  1 
ATOM   676  C  C   . VAL A 1 82  ? 8.708   3.845   -11.765 1.00 27.86 ? 82  VAL A C   1 
ATOM   677  O  O   . VAL A 1 82  ? 9.776   4.370   -12.064 1.00 28.93 ? 82  VAL A O   1 
ATOM   678  C  CB  . VAL A 1 82  ? 8.859   3.910   -9.305  1.00 27.58 ? 82  VAL A CB  1 
ATOM   679  C  CG1 . VAL A 1 82  ? 7.833   5.047   -9.290  1.00 28.93 ? 82  VAL A CG1 1 
ATOM   680  C  CG2 . VAL A 1 82  ? 8.777   3.114   -8.022  1.00 27.33 ? 82  VAL A CG2 1 
ATOM   681  N  N   . HIS A 1 83  ? 7.613   3.975   -12.501 1.00 26.23 ? 83  HIS A N   1 
ATOM   682  C  CA  . HIS A 1 83  ? 7.641   4.798   -13.692 1.00 27.15 ? 83  HIS A CA  1 
ATOM   683  C  C   . HIS A 1 83  ? 7.111   6.200   -13.381 1.00 27.74 ? 83  HIS A C   1 
ATOM   684  O  O   . HIS A 1 83  ? 7.713   7.204   -13.768 1.00 27.41 ? 83  HIS A O   1 
ATOM   685  C  CB  . HIS A 1 83  ? 6.821   4.160   -14.807 1.00 30.19 ? 83  HIS A CB  1 
ATOM   686  C  CG  . HIS A 1 83  ? 6.826   4.957   -16.072 1.00 33.36 ? 83  HIS A CG  1 
ATOM   687  N  ND1 . HIS A 1 83  ? 5.670   5.287   -16.749 1.00 34.68 ? 83  HIS A ND1 1 
ATOM   688  C  CD2 . HIS A 1 83  ? 7.843   5.516   -16.767 1.00 33.37 ? 83  HIS A CD2 1 
ATOM   689  C  CE1 . HIS A 1 83  ? 5.978   6.019   -17.806 1.00 32.75 ? 83  HIS A CE1 1 
ATOM   690  N  NE2 . HIS A 1 83  ? 7.288   6.172   -17.839 1.00 32.88 ? 83  HIS A NE2 1 
ATOM   691  N  N   . ASN A 1 84  ? 5.983   6.263   -12.677 1.00 27.31 ? 84  ASN A N   1 
ATOM   692  C  CA  . ASN A 1 84  ? 5.379   7.535   -12.293 1.00 27.57 ? 84  ASN A CA  1 
ATOM   693  C  C   . ASN A 1 84  ? 4.693   7.355   -10.941 1.00 27.44 ? 84  ASN A C   1 
ATOM   694  O  O   . ASN A 1 84  ? 3.691   6.646   -10.839 1.00 27.28 ? 84  ASN A O   1 
ATOM   695  C  CB  . ASN A 1 84  ? 4.345   7.978   -13.330 1.00 28.31 ? 84  ASN A CB  1 
ATOM   696  C  CG  . ASN A 1 84  ? 3.800   9.359   -13.046 1.00 29.72 ? 84  ASN A CG  1 
ATOM   697  O  OD1 . ASN A 1 84  ? 3.772   9.799   -11.896 1.00 30.49 ? 84  ASN A OD1 1 
ATOM   698  N  ND2 . ASN A 1 84  ? 3.354   10.049  -14.091 1.00 29.65 ? 84  ASN A ND2 1 
ATOM   699  N  N   . LYS A 1 85  ? 5.232   8.008   -9.916  1.00 27.23 ? 85  LYS A N   1 
ATOM   700  C  CA  . LYS A 1 85  ? 4.707   7.911   -8.557  1.00 28.09 ? 85  LYS A CA  1 
ATOM   701  C  C   . LYS A 1 85  ? 3.779   9.071   -8.198  1.00 26.85 ? 85  LYS A C   1 
ATOM   702  O  O   . LYS A 1 85  ? 3.372   9.206   -7.048  1.00 25.82 ? 85  LYS A O   1 
ATOM   703  C  CB  . LYS A 1 85  ? 5.869   7.892   -7.563  1.00 30.24 ? 85  LYS A CB  1 
ATOM   704  C  CG  . LYS A 1 85  ? 6.570   9.239   -7.476  1.00 33.11 ? 85  LYS A CG  1 
ATOM   705  C  CD  . LYS A 1 85  ? 7.756   9.227   -6.539  1.00 36.36 ? 85  LYS A CD  1 
ATOM   706  C  CE  . LYS A 1 85  ? 8.425   10.594  -6.514  1.00 36.89 ? 85  LYS A CE  1 
ATOM   707  N  NZ  . LYS A 1 85  ? 9.742   10.539  -5.827  1.00 40.06 ? 85  LYS A NZ  1 
ATOM   708  N  N   . GLY A 1 86  ? 3.459   9.914   -9.173  1.00 28.05 ? 86  GLY A N   1 
ATOM   709  C  CA  . GLY A 1 86  ? 2.584   11.044  -8.906  1.00 27.55 ? 86  GLY A CA  1 
ATOM   710  C  C   . GLY A 1 86  ? 3.064   11.860  -7.721  1.00 29.06 ? 86  GLY A C   1 
ATOM   711  O  O   . GLY A 1 86  ? 4.257   12.148  -7.601  1.00 29.55 ? 86  GLY A O   1 
ATOM   712  N  N   . SER A 1 87  ? 2.139   12.216  -6.833  1.00 29.38 ? 87  SER A N   1 
ATOM   713  C  CA  . SER A 1 87  ? 2.462   13.013  -5.648  1.00 28.81 ? 87  SER A CA  1 
ATOM   714  C  C   . SER A 1 87  ? 2.935   12.177  -4.460  1.00 28.15 ? 87  SER A C   1 
ATOM   715  O  O   . SER A 1 87  ? 3.243   12.719  -3.396  1.00 26.89 ? 87  SER A O   1 
ATOM   716  C  CB  . SER A 1 87  ? 1.238   13.832  -5.220  1.00 31.01 ? 87  SER A CB  1 
ATOM   717  O  OG  . SER A 1 87  ? 0.136   12.980  -4.929  1.00 32.70 ? 87  SER A OG  1 
ATOM   718  N  N   . TRP A 1 88  ? 2.980   10.861  -4.629  1.00 27.28 ? 88  TRP A N   1 
ATOM   719  C  CA  . TRP A 1 88  ? 3.416   9.997   -3.538  1.00 27.02 ? 88  TRP A CA  1 
ATOM   720  C  C   . TRP A 1 88  ? 4.843   10.289  -3.090  1.00 28.06 ? 88  TRP A C   1 
ATOM   721  O  O   . TRP A 1 88  ? 5.705   10.628  -3.895  1.00 27.21 ? 88  TRP A O   1 
ATOM   722  C  CB  . TRP A 1 88  ? 3.339   8.526   -3.941  1.00 25.50 ? 88  TRP A CB  1 
ATOM   723  C  CG  . TRP A 1 88  ? 1.951   7.960   -3.987  1.00 27.05 ? 88  TRP A CG  1 
ATOM   724  C  CD1 . TRP A 1 88  ? 1.130   7.869   -5.081  1.00 26.31 ? 88  TRP A CD1 1 
ATOM   725  C  CD2 . TRP A 1 88  ? 1.221   7.400   -2.889  1.00 26.54 ? 88  TRP A CD2 1 
ATOM   726  N  NE1 . TRP A 1 88  ? -0.064  7.280   -4.728  1.00 25.95 ? 88  TRP A NE1 1 
ATOM   727  C  CE2 . TRP A 1 88  ? -0.036  6.984   -3.390  1.00 25.98 ? 88  TRP A CE2 1 
ATOM   728  C  CE3 . TRP A 1 88  ? 1.508   7.206   -1.529  1.00 25.15 ? 88  TRP A CE3 1 
ATOM   729  C  CZ2 . TRP A 1 88  ? -1.004  6.388   -2.579  1.00 25.39 ? 88  TRP A CZ2 1 
ATOM   730  C  CZ3 . TRP A 1 88  ? 0.544   6.611   -0.722  1.00 24.12 ? 88  TRP A CZ3 1 
ATOM   731  C  CH2 . TRP A 1 88  ? -0.697  6.209   -1.250  1.00 26.44 ? 88  TRP A CH2 1 
ATOM   732  N  N   . SER A 1 89  ? 5.086   10.151  -1.792  1.00 27.63 ? 89  SER A N   1 
ATOM   733  C  CA  . SER A 1 89  ? 6.417   10.359  -1.245  1.00 28.11 ? 89  SER A CA  1 
ATOM   734  C  C   . SER A 1 89  ? 7.112   8.997   -1.233  1.00 29.44 ? 89  SER A C   1 
ATOM   735  O  O   . SER A 1 89  ? 6.698   8.088   -0.510  1.00 29.85 ? 89  SER A O   1 
ATOM   736  C  CB  . SER A 1 89  ? 6.315   10.919  0.171   1.00 28.35 ? 89  SER A CB  1 
ATOM   737  O  OG  . SER A 1 89  ? 7.570   10.910  0.819   1.00 31.62 ? 89  SER A OG  1 
ATOM   738  N  N   . GLU A 1 90  ? 8.152   8.855   -2.052  1.00 28.33 ? 90  GLU A N   1 
ATOM   739  C  CA  . GLU A 1 90  ? 8.903   7.607   -2.145  1.00 29.77 ? 90  GLU A CA  1 
ATOM   740  C  C   . GLU A 1 90  ? 10.010  7.652   -1.088  1.00 29.71 ? 90  GLU A C   1 
ATOM   741  O  O   . GLU A 1 90  ? 10.921  8.473   -1.170  1.00 30.09 ? 90  GLU A O   1 
ATOM   742  C  CB  . GLU A 1 90  ? 9.490   7.467   -3.557  1.00 28.90 ? 90  GLU A CB  1 
ATOM   743  C  CG  . GLU A 1 90  ? 10.142  6.130   -3.856  1.00 32.71 ? 90  GLU A CG  1 
ATOM   744  C  CD  . GLU A 1 90  ? 10.624  6.026   -5.297  1.00 33.19 ? 90  GLU A CD  1 
ATOM   745  O  OE1 . GLU A 1 90  ? 11.261  5.013   -5.650  1.00 35.34 ? 90  GLU A OE1 1 
ATOM   746  O  OE2 . GLU A 1 90  ? 10.360  6.959   -6.078  1.00 36.19 ? 90  GLU A OE2 1 
ATOM   747  N  N   . GLU A 1 91  ? 9.933   6.762   -0.103  1.00 29.51 ? 91  GLU A N   1 
ATOM   748  C  CA  . GLU A 1 91  ? 10.909  6.765   0.982   1.00 30.16 ? 91  GLU A CA  1 
ATOM   749  C  C   . GLU A 1 91  ? 11.634  5.436   1.180   1.00 30.60 ? 91  GLU A C   1 
ATOM   750  O  O   . GLU A 1 91  ? 11.337  4.444   0.508   1.00 31.18 ? 91  GLU A O   1 
ATOM   751  C  CB  . GLU A 1 91  ? 10.210  7.179   2.288   1.00 29.19 ? 91  GLU A CB  1 
ATOM   752  C  CG  . GLU A 1 91  ? 8.980   8.065   2.068   1.00 28.81 ? 91  GLU A CG  1 
ATOM   753  C  CD  . GLU A 1 91  ? 8.416   8.676   3.351   1.00 28.34 ? 91  GLU A CD  1 
ATOM   754  O  OE1 . GLU A 1 91  ? 8.517   8.042   4.425   1.00 28.10 ? 91  GLU A OE1 1 
ATOM   755  O  OE2 . GLU A 1 91  ? 7.853   9.790   3.276   1.00 25.07 ? 91  GLU A OE2 1 
ATOM   756  N  N   . ASN A 1 92  ? 12.590  5.431   2.109   1.00 31.67 ? 92  ASN A N   1 
ATOM   757  C  CA  . ASN A 1 92  ? 13.379  4.241   2.421   1.00 31.12 ? 92  ASN A CA  1 
ATOM   758  C  C   . ASN A 1 92  ? 13.901  3.625   1.128   1.00 30.22 ? 92  ASN A C   1 
ATOM   759  O  O   . ASN A 1 92  ? 13.872  2.405   0.942   1.00 29.40 ? 92  ASN A O   1 
ATOM   760  C  CB  . ASN A 1 92  ? 12.523  3.217   3.169   1.00 33.02 ? 92  ASN A CB  1 
ATOM   761  C  CG  . ASN A 1 92  ? 13.357  2.210   3.935   1.00 33.26 ? 92  ASN A CG  1 
ATOM   762  O  OD1 . ASN A 1 92  ? 12.915  1.090   4.201   1.00 35.16 ? 92  ASN A OD1 1 
ATOM   763  N  ND2 . ASN A 1 92  ? 14.566  2.611   4.309   1.00 33.44 ? 92  ASN A ND2 1 
ATOM   764  N  N   . THR A 1 93  ? 14.374  4.490   0.238   1.00 30.77 ? 93  THR A N   1 
ATOM   765  C  CA  . THR A 1 93  ? 14.891  4.076   -1.062  1.00 32.27 ? 93  THR A CA  1 
ATOM   766  C  C   . THR A 1 93  ? 16.031  3.072   -0.981  1.00 31.86 ? 93  THR A C   1 
ATOM   767  O  O   . THR A 1 93  ? 16.319  2.374   -1.949  1.00 32.02 ? 93  THR A O   1 
ATOM   768  C  CB  . THR A 1 93  ? 15.388  5.286   -1.860  1.00 32.20 ? 93  THR A CB  1 
ATOM   769  O  OG1 . THR A 1 93  ? 16.418  5.948   -1.117  1.00 34.14 ? 93  THR A OG1 1 
ATOM   770  C  CG2 . THR A 1 93  ? 14.247  6.264   -2.111  1.00 33.73 ? 93  THR A CG2 1 
ATOM   771  N  N   . GLY A 1 94  ? 16.677  2.997   0.174   1.00 32.53 ? 94  GLY A N   1 
ATOM   772  C  CA  . GLY A 1 94  ? 17.783  2.071   0.331   1.00 34.09 ? 94  GLY A CA  1 
ATOM   773  C  C   . GLY A 1 94  ? 17.378  0.612   0.349   1.00 34.39 ? 94  GLY A C   1 
ATOM   774  O  O   . GLY A 1 94  ? 18.202  -0.267  0.084   1.00 33.62 ? 94  GLY A O   1 
ATOM   775  N  N   . ASP A 1 95  ? 16.113  0.339   0.660   1.00 33.48 ? 95  ASP A N   1 
ATOM   776  C  CA  . ASP A 1 95  ? 15.649  -1.042  0.716   1.00 33.66 ? 95  ASP A CA  1 
ATOM   777  C  C   . ASP A 1 95  ? 15.840  -1.724  -0.635  1.00 35.55 ? 95  ASP A C   1 
ATOM   778  O  O   . ASP A 1 95  ? 15.561  -1.143  -1.685  1.00 35.17 ? 95  ASP A O   1 
ATOM   779  C  CB  . ASP A 1 95  ? 14.177  -1.099  1.111   1.00 34.44 ? 95  ASP A CB  1 
ATOM   780  C  CG  . ASP A 1 95  ? 13.732  -2.496  1.448   1.00 34.85 ? 95  ASP A CG  1 
ATOM   781  O  OD1 . ASP A 1 95  ? 13.902  -2.904  2.615   1.00 35.03 ? 95  ASP A OD1 1 
ATOM   782  O  OD2 . ASP A 1 95  ? 13.233  -3.192  0.539   1.00 35.48 ? 95  ASP A OD2 1 
ATOM   783  N  N   . ASN A 1 96  ? 16.306  -2.967  -0.603  1.00 36.22 ? 96  ASN A N   1 
ATOM   784  C  CA  . ASN A 1 96  ? 16.554  -3.710  -1.831  1.00 36.34 ? 96  ASN A CA  1 
ATOM   785  C  C   . ASN A 1 96  ? 15.405  -4.593  -2.281  1.00 35.57 ? 96  ASN A C   1 
ATOM   786  O  O   . ASN A 1 96  ? 15.453  -5.154  -3.373  1.00 36.19 ? 96  ASN A O   1 
ATOM   787  C  CB  . ASN A 1 96  ? 17.805  -4.576  -1.662  1.00 38.32 ? 96  ASN A CB  1 
ATOM   788  C  CG  . ASN A 1 96  ? 19.079  -3.757  -1.598  1.00 40.44 ? 96  ASN A CG  1 
ATOM   789  O  OD1 . ASN A 1 96  ? 20.100  -4.225  -1.102  1.00 41.30 ? 96  ASN A OD1 1 
ATOM   790  N  ND2 . ASN A 1 96  ? 19.026  -2.529  -2.110  1.00 42.14 ? 96  ASN A ND2 1 
ATOM   791  N  N   . ASP A 1 97  ? 14.367  -4.710  -1.459  1.00 33.89 ? 97  ASP A N   1 
ATOM   792  C  CA  . ASP A 1 97  ? 13.247  -5.580  -1.799  1.00 33.94 ? 97  ASP A CA  1 
ATOM   793  C  C   . ASP A 1 97  ? 11.900  -4.922  -2.058  1.00 32.08 ? 97  ASP A C   1 
ATOM   794  O  O   . ASP A 1 97  ? 11.095  -5.448  -2.827  1.00 31.28 ? 97  ASP A O   1 
ATOM   795  C  CB  . ASP A 1 97  ? 13.060  -6.626  -0.698  1.00 36.38 ? 97  ASP A CB  1 
ATOM   796  C  CG  . ASP A 1 97  ? 14.323  -7.414  -0.422  1.00 39.25 ? 97  ASP A CG  1 
ATOM   797  O  OD1 . ASP A 1 97  ? 14.761  -8.181  -1.311  1.00 38.65 ? 97  ASP A OD1 1 
ATOM   798  O  OD2 . ASP A 1 97  ? 14.878  -7.256  0.686   1.00 41.26 ? 97  ASP A OD2 1 
ATOM   799  N  N   . SER A 1 98  ? 11.644  -3.782  -1.424  1.00 30.15 ? 98  SER A N   1 
ATOM   800  C  CA  . SER A 1 98  ? 10.347  -3.136  -1.586  1.00 29.01 ? 98  SER A CA  1 
ATOM   801  C  C   . SER A 1 98  ? 10.406  -1.629  -1.720  1.00 28.08 ? 98  SER A C   1 
ATOM   802  O  O   . SER A 1 98  ? 11.355  -0.999  -1.263  1.00 29.46 ? 98  SER A O   1 
ATOM   803  C  CB  . SER A 1 98  ? 9.470   -3.471  -0.379  1.00 28.01 ? 98  SER A CB  1 
ATOM   804  O  OG  . SER A 1 98  ? 9.636   -4.822  0.005   1.00 29.79 ? 98  SER A OG  1 
ATOM   805  N  N   . TYR A 1 99  ? 9.389   -1.057  -2.356  1.00 25.94 ? 99  TYR A N   1 
ATOM   806  C  CA  . TYR A 1 99  ? 9.292   0.390   -2.474  1.00 25.45 ? 99  TYR A CA  1 
ATOM   807  C  C   . TYR A 1 99  ? 8.375   0.793   -1.324  1.00 27.02 ? 99  TYR A C   1 
ATOM   808  O  O   . TYR A 1 99  ? 7.541   -0.007  -0.880  1.00 26.56 ? 99  TYR A O   1 
ATOM   809  C  CB  . TYR A 1 99  ? 8.632   0.818   -3.788  1.00 27.89 ? 99  TYR A CB  1 
ATOM   810  C  CG  . TYR A 1 99  ? 9.464   0.571   -5.023  1.00 29.88 ? 99  TYR A CG  1 
ATOM   811  C  CD1 . TYR A 1 99  ? 9.352   -0.624  -5.735  1.00 30.44 ? 99  TYR A CD1 1 
ATOM   812  C  CD2 . TYR A 1 99  ? 10.369  1.531   -5.476  1.00 30.80 ? 99  TYR A CD2 1 
ATOM   813  C  CE1 . TYR A 1 99  ? 10.124  -0.857  -6.871  1.00 34.94 ? 99  TYR A CE1 1 
ATOM   814  C  CE2 . TYR A 1 99  ? 11.149  1.306   -6.615  1.00 32.72 ? 99  TYR A CE2 1 
ATOM   815  C  CZ  . TYR A 1 99  ? 11.021  0.112   -7.302  1.00 35.44 ? 99  TYR A CZ  1 
ATOM   816  O  OH  . TYR A 1 99  ? 11.801  -0.126  -8.411  1.00 39.53 ? 99  TYR A OH  1 
ATOM   817  N  N   . PHE A 1 100 ? 8.532   2.018   -0.835  1.00 24.02 ? 100 PHE A N   1 
ATOM   818  C  CA  . PHE A 1 100 ? 7.690   2.511   0.240   1.00 26.10 ? 100 PHE A CA  1 
ATOM   819  C  C   . PHE A 1 100 ? 7.114   3.854   -0.184  1.00 25.58 ? 100 PHE A C   1 
ATOM   820  O  O   . PHE A 1 100 ? 7.843   4.829   -0.335  1.00 26.17 ? 100 PHE A O   1 
ATOM   821  C  CB  . PHE A 1 100 ? 8.495   2.653   1.542   1.00 26.50 ? 100 PHE A CB  1 
ATOM   822  C  CG  . PHE A 1 100 ? 9.068   1.348   2.045   1.00 27.78 ? 100 PHE A CG  1 
ATOM   823  C  CD1 . PHE A 1 100 ? 10.220  0.807   1.473   1.00 26.46 ? 100 PHE A CD1 1 
ATOM   824  C  CD2 . PHE A 1 100 ? 8.442   0.649   3.068   1.00 26.37 ? 100 PHE A CD2 1 
ATOM   825  C  CE1 . PHE A 1 100 ? 10.731  -0.409  1.915   1.00 28.60 ? 100 PHE A CE1 1 
ATOM   826  C  CE2 . PHE A 1 100 ? 8.941   -0.568  3.518   1.00 29.03 ? 100 PHE A CE2 1 
ATOM   827  C  CZ  . PHE A 1 100 ? 10.090  -1.101  2.939   1.00 28.73 ? 100 PHE A CZ  1 
ATOM   828  N  N   . PHE A 1 101 ? 5.802   3.887   -0.402  1.00 25.24 ? 101 PHE A N   1 
ATOM   829  C  CA  . PHE A 1 101 ? 5.126   5.112   -0.810  1.00 24.68 ? 101 PHE A CA  1 
ATOM   830  C  C   . PHE A 1 101 ? 4.180   5.580   0.288   1.00 24.90 ? 101 PHE A C   1 
ATOM   831  O  O   . PHE A 1 101 ? 3.381   4.799   0.812   1.00 24.22 ? 101 PHE A O   1 
ATOM   832  C  CB  . PHE A 1 101 ? 4.323   4.893   -2.103  1.00 22.95 ? 101 PHE A CB  1 
ATOM   833  C  CG  . PHE A 1 101 ? 5.152   4.453   -3.279  1.00 22.40 ? 101 PHE A CG  1 
ATOM   834  C  CD1 . PHE A 1 101 ? 5.129   3.135   -3.710  1.00 22.13 ? 101 PHE A CD1 1 
ATOM   835  C  CD2 . PHE A 1 101 ? 5.930   5.367   -3.981  1.00 23.22 ? 101 PHE A CD2 1 
ATOM   836  C  CE1 . PHE A 1 101 ? 5.864   2.728   -4.824  1.00 22.91 ? 101 PHE A CE1 1 
ATOM   837  C  CE2 . PHE A 1 101 ? 6.669   4.968   -5.097  1.00 21.97 ? 101 PHE A CE2 1 
ATOM   838  C  CZ  . PHE A 1 101 ? 6.634   3.649   -5.517  1.00 23.23 ? 101 PHE A CZ  1 
ATOM   839  N  N   . LEU A 1 102 ? 4.272   6.850   0.648   1.00 25.23 ? 102 LEU A N   1 
ATOM   840  C  CA  . LEU A 1 102 ? 3.392   7.383   1.677   1.00 25.90 ? 102 LEU A CA  1 
ATOM   841  C  C   . LEU A 1 102 ? 2.800   8.709   1.235   1.00 25.75 ? 102 LEU A C   1 
ATOM   842  O  O   . LEU A 1 102 ? 3.326   9.378   0.345   1.00 25.68 ? 102 LEU A O   1 
ATOM   843  C  CB  . LEU A 1 102 ? 4.137   7.586   3.006   1.00 24.56 ? 102 LEU A CB  1 
ATOM   844  C  CG  . LEU A 1 102 ? 4.674   6.374   3.777   1.00 23.70 ? 102 LEU A CG  1 
ATOM   845  C  CD1 . LEU A 1 102 ? 5.836   5.727   3.020   1.00 20.68 ? 102 LEU A CD1 1 
ATOM   846  C  CD2 . LEU A 1 102 ? 5.123   6.833   5.151   1.00 20.32 ? 102 LEU A CD2 1 
ATOM   847  N  N   . LYS A 1 103 ? 1.696   9.076   1.871   1.00 25.89 ? 103 LYS A N   1 
ATOM   848  C  CA  . LYS A 1 103 ? 1.022   10.327  1.584   1.00 25.88 ? 103 LYS A CA  1 
ATOM   849  C  C   . LYS A 1 103 ? 0.214   10.753  2.807   1.00 26.30 ? 103 LYS A C   1 
ATOM   850  O  O   . LYS A 1 103 ? -0.828  10.171  3.121   1.00 25.64 ? 103 LYS A O   1 
ATOM   851  C  CB  . LYS A 1 103 ? 0.123   10.176  0.355   1.00 25.26 ? 103 LYS A CB  1 
ATOM   852  C  CG  . LYS A 1 103 ? -0.730  11.406  0.055   1.00 29.05 ? 103 LYS A CG  1 
ATOM   853  C  CD  . LYS A 1 103 ? 0.069   12.712  0.013   1.00 30.36 ? 103 LYS A CD  1 
ATOM   854  C  CE  . LYS A 1 103 ? 0.974   12.821  -1.212  1.00 35.35 ? 103 LYS A CE  1 
ATOM   855  N  NZ  . LYS A 1 103 ? 1.548   14.205  -1.372  1.00 32.19 ? 103 LYS A NZ  1 
ATOM   856  N  N   . GLY A 1 104 ? 0.736   11.748  3.518   1.00 27.24 ? 104 GLY A N   1 
ATOM   857  C  CA  . GLY A 1 104 ? 0.057   12.257  4.690   1.00 27.20 ? 104 GLY A CA  1 
ATOM   858  C  C   . GLY A 1 104 ? -0.848  13.366  4.209   1.00 28.95 ? 104 GLY A C   1 
ATOM   859  O  O   . GLY A 1 104 ? -0.383  14.290  3.553   1.00 32.09 ? 104 GLY A O   1 
ATOM   860  N  N   . TYR A 1 105 ? -2.136  13.283  4.516   1.00 28.30 ? 105 TYR A N   1 
ATOM   861  C  CA  . TYR A 1 105 ? -3.067  14.305  4.063   1.00 27.13 ? 105 TYR A CA  1 
ATOM   862  C  C   . TYR A 1 105 ? -3.818  14.932  5.225   1.00 25.72 ? 105 TYR A C   1 
ATOM   863  O  O   . TYR A 1 105 ? -4.685  15.776  5.026   1.00 27.66 ? 105 TYR A O   1 
ATOM   864  C  CB  . TYR A 1 105 ? -4.069  13.693  3.075   1.00 26.65 ? 105 TYR A CB  1 
ATOM   865  C  CG  . TYR A 1 105 ? -5.213  12.919  3.717   1.00 26.45 ? 105 TYR A CG  1 
ATOM   866  C  CD1 . TYR A 1 105 ? -6.454  13.523  3.924   1.00 27.60 ? 105 TYR A CD1 1 
ATOM   867  C  CD2 . TYR A 1 105 ? -5.068  11.584  4.082   1.00 24.92 ? 105 TYR A CD2 1 
ATOM   868  C  CE1 . TYR A 1 105 ? -7.519  12.820  4.473   1.00 26.54 ? 105 TYR A CE1 1 
ATOM   869  C  CE2 . TYR A 1 105 ? -6.131  10.865  4.632   1.00 25.19 ? 105 TYR A CE2 1 
ATOM   870  C  CZ  . TYR A 1 105 ? -7.353  11.490  4.822   1.00 27.49 ? 105 TYR A CZ  1 
ATOM   871  O  OH  . TYR A 1 105 ? -8.420  10.797  5.350   1.00 32.13 ? 105 TYR A OH  1 
ATOM   872  N  N   . LYS A 1 106 ? -3.485  14.527  6.440   1.00 23.68 ? 106 LYS A N   1 
ATOM   873  C  CA  . LYS A 1 106 ? -4.186  15.057  7.599   1.00 23.15 ? 106 LYS A CA  1 
ATOM   874  C  C   . LYS A 1 106 ? -3.320  14.993  8.847   1.00 22.00 ? 106 LYS A C   1 
ATOM   875  O  O   . LYS A 1 106 ? -2.711  13.969  9.144   1.00 22.16 ? 106 LYS A O   1 
ATOM   876  C  CB  . LYS A 1 106 ? -5.487  14.268  7.829   1.00 21.07 ? 106 LYS A CB  1 
ATOM   877  C  CG  . LYS A 1 106 ? -6.333  14.775  9.002   1.00 20.40 ? 106 LYS A CG  1 
ATOM   878  C  CD  . LYS A 1 106 ? -7.569  13.920  9.255   1.00 19.08 ? 106 LYS A CD  1 
ATOM   879  C  CE  . LYS A 1 106 ? -8.478  13.838  8.021   1.00 23.07 ? 106 LYS A CE  1 
ATOM   880  N  NZ  . LYS A 1 106 ? -8.930  15.179  7.520   1.00 21.75 ? 106 LYS A NZ  1 
ATOM   881  N  N   . TRP A 1 107 ? -3.279  16.091  9.585   1.00 22.17 ? 107 TRP A N   1 
ATOM   882  C  CA  . TRP A 1 107 ? -2.490  16.140  10.799  1.00 24.82 ? 107 TRP A CA  1 
ATOM   883  C  C   . TRP A 1 107 ? -3.011  17.273  11.676  1.00 24.82 ? 107 TRP A C   1 
ATOM   884  O  O   . TRP A 1 107 ? -3.660  18.186  11.175  1.00 24.55 ? 107 TRP A O   1 
ATOM   885  C  CB  . TRP A 1 107 ? -1.011  16.348  10.438  1.00 24.86 ? 107 TRP A CB  1 
ATOM   886  C  CG  . TRP A 1 107 ? -0.763  17.541  9.566   1.00 29.10 ? 107 TRP A CG  1 
ATOM   887  C  CD1 . TRP A 1 107 ? -0.601  18.836  9.974   1.00 30.07 ? 107 TRP A CD1 1 
ATOM   888  C  CD2 . TRP A 1 107 ? -0.689  17.560  8.128   1.00 29.46 ? 107 TRP A CD2 1 
ATOM   889  N  NE1 . TRP A 1 107 ? -0.435  19.659  8.883   1.00 31.55 ? 107 TRP A NE1 1 
ATOM   890  C  CE2 . TRP A 1 107 ? -0.484  18.905  7.739   1.00 30.91 ? 107 TRP A CE2 1 
ATOM   891  C  CE3 . TRP A 1 107 ? -0.777  16.576  7.135   1.00 27.55 ? 107 TRP A CE3 1 
ATOM   892  C  CZ2 . TRP A 1 107 ? -0.365  19.290  6.396   1.00 30.52 ? 107 TRP A CZ2 1 
ATOM   893  C  CZ3 . TRP A 1 107 ? -0.661  16.957  5.797   1.00 28.26 ? 107 TRP A CZ3 1 
ATOM   894  C  CH2 . TRP A 1 107 ? -0.456  18.303  5.442   1.00 28.74 ? 107 TRP A CH2 1 
ATOM   895  N  N   . ASP A 1 108 ? -2.754  17.191  12.982  1.00 25.96 ? 108 ASP A N   1 
ATOM   896  C  CA  . ASP A 1 108 ? -3.183  18.219  13.931  1.00 24.82 ? 108 ASP A CA  1 
ATOM   897  C  C   . ASP A 1 108 ? -4.688  18.500  13.896  1.00 24.87 ? 108 ASP A C   1 
ATOM   898  O  O   . ASP A 1 108 ? -5.141  19.561  14.343  1.00 24.67 ? 108 ASP A O   1 
ATOM   899  C  CB  . ASP A 1 108 ? -2.425  19.529  13.658  1.00 26.25 ? 108 ASP A CB  1 
ATOM   900  C  CG  . ASP A 1 108 ? -0.913  19.390  13.849  1.00 27.71 ? 108 ASP A CG  1 
ATOM   901  O  OD1 . ASP A 1 108 ? -0.171  20.279  13.381  1.00 28.76 ? 108 ASP A OD1 1 
ATOM   902  O  OD2 . ASP A 1 108 ? -0.461  18.402  14.467  1.00 28.37 ? 108 ASP A OD2 1 
ATOM   903  N  N   . GLU A 1 109 ? -5.477  17.568  13.380  1.00 24.00 ? 109 GLU A N   1 
ATOM   904  C  CA  . GLU A 1 109 ? -6.917  17.807  13.310  1.00 23.06 ? 109 GLU A CA  1 
ATOM   905  C  C   . GLU A 1 109 ? -7.684  17.396  14.559  1.00 22.52 ? 109 GLU A C   1 
ATOM   906  O  O   . GLU A 1 109 ? -7.861  16.209  14.834  1.00 22.13 ? 109 GLU A O   1 
ATOM   907  C  CB  . GLU A 1 109 ? -7.511  17.102  12.096  1.00 23.33 ? 109 GLU A CB  1 
ATOM   908  C  CG  . GLU A 1 109 ? -8.991  17.390  11.891  1.00 21.36 ? 109 GLU A CG  1 
ATOM   909  C  CD  . GLU A 1 109 ? -9.551  16.621  10.723  1.00 21.91 ? 109 GLU A CD  1 
ATOM   910  O  OE1 . GLU A 1 109 ? -10.418 15.749  10.936  1.00 23.03 ? 109 GLU A OE1 1 
ATOM   911  O  OE2 . GLU A 1 109 ? -9.106  16.883  9.587   1.00 24.30 ? 109 GLU A OE2 1 
ATOM   912  N  N   . ARG A 1 110 ? -8.148  18.388  15.308  1.00 21.49 ? 110 ARG A N   1 
ATOM   913  C  CA  . ARG A 1 110 ? -8.901  18.130  16.523  1.00 24.60 ? 110 ARG A CA  1 
ATOM   914  C  C   . ARG A 1 110 ? -10.283 17.585  16.167  1.00 24.10 ? 110 ARG A C   1 
ATOM   915  O  O   . ARG A 1 110 ? -10.905 18.019  15.204  1.00 24.94 ? 110 ARG A O   1 
ATOM   916  C  CB  . ARG A 1 110 ? -9.040  19.416  17.351  1.00 26.80 ? 110 ARG A CB  1 
ATOM   917  C  CG  . ARG A 1 110 ? -9.882  19.233  18.615  1.00 33.90 ? 110 ARG A CG  1 
ATOM   918  C  CD  . ARG A 1 110 ? -9.797  20.412  19.589  1.00 37.18 ? 110 ARG A CD  1 
ATOM   919  N  NE  . ARG A 1 110 ? -10.324 21.665  19.050  1.00 44.13 ? 110 ARG A NE  1 
ATOM   920  C  CZ  . ARG A 1 110 ? -11.533 21.812  18.514  1.00 45.74 ? 110 ARG A CZ  1 
ATOM   921  N  NH1 . ARG A 1 110 ? -12.366 20.781  18.431  1.00 47.02 ? 110 ARG A NH1 1 
ATOM   922  N  NH2 . ARG A 1 110 ? -11.916 23.001  18.067  1.00 46.79 ? 110 ARG A NH2 1 
ATOM   923  N  N   . ALA A 1 111 ? -10.762 16.627  16.944  1.00 24.18 ? 111 ALA A N   1 
ATOM   924  C  CA  . ALA A 1 111 ? -12.068 16.041  16.676  1.00 23.48 ? 111 ALA A CA  1 
ATOM   925  C  C   . ALA A 1 111 ? -12.675 15.478  17.950  1.00 22.88 ? 111 ALA A C   1 
ATOM   926  O  O   . ALA A 1 111 ? -11.951 15.056  18.862  1.00 19.69 ? 111 ALA A O   1 
ATOM   927  C  CB  . ALA A 1 111 ? -11.937 14.934  15.632  1.00 24.00 ? 111 ALA A CB  1 
ATOM   928  N  N   . PHE A 1 112 ? -14.006 15.485  18.002  1.00 21.13 ? 112 PHE A N   1 
ATOM   929  C  CA  . PHE A 1 112 ? -14.756 14.966  19.139  1.00 22.88 ? 112 PHE A CA  1 
ATOM   930  C  C   . PHE A 1 112 ? -15.553 13.718  18.729  1.00 23.73 ? 112 PHE A C   1 
ATOM   931  O  O   . PHE A 1 112 ? -16.217 13.103  19.559  1.00 23.15 ? 112 PHE A O   1 
ATOM   932  C  CB  . PHE A 1 112 ? -15.753 16.012  19.667  1.00 22.99 ? 112 PHE A CB  1 
ATOM   933  C  CG  . PHE A 1 112 ? -15.135 17.091  20.509  1.00 24.97 ? 112 PHE A CG  1 
ATOM   934  C  CD1 . PHE A 1 112 ? -14.495 18.173  19.925  1.00 25.69 ? 112 PHE A CD1 1 
ATOM   935  C  CD2 . PHE A 1 112 ? -15.212 17.030  21.895  1.00 25.79 ? 112 PHE A CD2 1 
ATOM   936  C  CE1 . PHE A 1 112 ? -13.943 19.182  20.708  1.00 26.08 ? 112 PHE A CE1 1 
ATOM   937  C  CE2 . PHE A 1 112 ? -14.663 18.031  22.682  1.00 24.24 ? 112 PHE A CE2 1 
ATOM   938  C  CZ  . PHE A 1 112 ? -14.030 19.107  22.089  1.00 26.37 ? 112 PHE A CZ  1 
ATOM   939  N  N   . ASP A 1 113 ? -15.490 13.359  17.449  1.00 24.20 ? 113 ASP A N   1 
ATOM   940  C  CA  . ASP A 1 113 ? -16.231 12.212  16.924  1.00 25.52 ? 113 ASP A CA  1 
ATOM   941  C  C   . ASP A 1 113 ? -16.126 10.948  17.760  1.00 24.89 ? 113 ASP A C   1 
ATOM   942  O  O   . ASP A 1 113 ? -15.029 10.456  18.034  1.00 25.12 ? 113 ASP A O   1 
ATOM   943  C  CB  . ASP A 1 113 ? -15.784 11.908  15.494  1.00 28.53 ? 113 ASP A CB  1 
ATOM   944  C  CG  . ASP A 1 113 ? -16.044 13.059  14.549  1.00 31.90 ? 113 ASP A CG  1 
ATOM   945  O  OD1 . ASP A 1 113 ? -15.550 14.174  14.816  1.00 36.99 ? 113 ASP A OD1 1 
ATOM   946  O  OD2 . ASP A 1 113 ? -16.739 12.854  13.535  1.00 33.76 ? 113 ASP A OD2 1 
ATOM   947  N  N   . ALA A 1 114 ? -17.280 10.424  18.167  1.00 22.96 ? 114 ALA A N   1 
ATOM   948  C  CA  . ALA A 1 114 ? -17.324 9.206   18.962  1.00 22.15 ? 114 ALA A CA  1 
ATOM   949  C  C   . ALA A 1 114 ? -16.809 8.046   18.107  1.00 22.88 ? 114 ALA A C   1 
ATOM   950  O  O   . ALA A 1 114 ? -17.023 8.016   16.896  1.00 21.86 ? 114 ALA A O   1 
ATOM   951  C  CB  . ALA A 1 114 ? -18.750 8.929   19.411  1.00 23.51 ? 114 ALA A CB  1 
ATOM   952  N  N   . GLY A 1 115 ? -16.123 7.096   18.731  1.00 23.36 ? 115 GLY A N   1 
ATOM   953  C  CA  . GLY A 1 115 ? -15.608 5.974   17.971  1.00 24.06 ? 115 GLY A CA  1 
ATOM   954  C  C   . GLY A 1 115 ? -14.513 5.208   18.675  1.00 25.78 ? 115 GLY A C   1 
ATOM   955  O  O   . GLY A 1 115 ? -14.007 5.628   19.721  1.00 24.83 ? 115 GLY A O   1 
ATOM   956  N  N   . ASN A 1 116 ? -14.149 4.075   18.084  1.00 25.65 ? 116 ASN A N   1 
ATOM   957  C  CA  . ASN A 1 116 ? -13.121 3.203   18.616  1.00 24.95 ? 116 ASN A CA  1 
ATOM   958  C  C   . ASN A 1 116 ? -11.777 3.739   18.141  1.00 26.28 ? 116 ASN A C   1 
ATOM   959  O  O   . ASN A 1 116 ? -11.492 3.728   16.942  1.00 25.71 ? 116 ASN A O   1 
ATOM   960  C  CB  . ASN A 1 116 ? -13.335 1.794   18.080  1.00 25.76 ? 116 ASN A CB  1 
ATOM   961  C  CG  . ASN A 1 116 ? -12.411 0.782   18.716  1.00 27.24 ? 116 ASN A CG  1 
ATOM   962  O  OD1 . ASN A 1 116 ? -11.233 1.061   18.959  1.00 26.68 ? 116 ASN A OD1 1 
ATOM   963  N  ND2 . ASN A 1 116 ? -12.937 -0.414  18.975  1.00 27.04 ? 116 ASN A ND2 1 
ATOM   964  N  N   . LEU A 1 117 ? -10.951 4.200   19.072  1.00 25.99 ? 117 LEU A N   1 
ATOM   965  C  CA  . LEU A 1 117 ? -9.659  4.760   18.707  1.00 26.16 ? 117 LEU A CA  1 
ATOM   966  C  C   . LEU A 1 117 ? -8.491  3.781   18.739  1.00 26.33 ? 117 LEU A C   1 
ATOM   967  O  O   . LEU A 1 117 ? -7.329  4.197   18.744  1.00 27.95 ? 117 LEU A O   1 
ATOM   968  C  CB  . LEU A 1 117 ? -9.349  5.985   19.573  1.00 23.90 ? 117 LEU A CB  1 
ATOM   969  C  CG  . LEU A 1 117 ? -10.387 7.117   19.477  1.00 22.99 ? 117 LEU A CG  1 
ATOM   970  C  CD1 . LEU A 1 117 ? -9.802  8.366   20.112  1.00 23.24 ? 117 LEU A CD1 1 
ATOM   971  C  CD2 . LEU A 1 117 ? -10.753 7.394   18.018  1.00 19.15 ? 117 LEU A CD2 1 
ATOM   972  N  N   . CYS A 1 118 ? -8.799  2.490   18.764  1.00 24.98 ? 118 CYS A N   1 
ATOM   973  C  CA  . CYS A 1 118 ? -7.767  1.459   18.731  1.00 26.27 ? 118 CYS A CA  1 
ATOM   974  C  C   . CYS A 1 118 ? -8.351  0.087   18.433  1.00 26.54 ? 118 CYS A C   1 
ATOM   975  O  O   . CYS A 1 118 ? -8.261  -0.827  19.253  1.00 27.40 ? 118 CYS A O   1 
ATOM   976  C  CB  . CYS A 1 118 ? -6.968  1.395   20.034  1.00 24.34 ? 118 CYS A CB  1 
ATOM   977  S  SG  . CYS A 1 118 ? -5.575  0.209   19.937  1.00 27.51 ? 118 CYS A SG  1 
ATOM   978  N  N   . GLN A 1 119 ? -8.952  -0.054  17.256  1.00 27.28 ? 119 GLN A N   1 
ATOM   979  C  CA  . GLN A 1 119 ? -9.523  -1.330  16.856  1.00 27.86 ? 119 GLN A CA  1 
ATOM   980  C  C   . GLN A 1 119 ? -8.402  -2.367  16.757  1.00 29.05 ? 119 GLN A C   1 
ATOM   981  O  O   . GLN A 1 119 ? -7.290  -2.055  16.328  1.00 28.82 ? 119 GLN A O   1 
ATOM   982  C  CB  . GLN A 1 119 ? -10.243 -1.191  15.520  1.00 26.88 ? 119 GLN A CB  1 
ATOM   983  C  CG  . GLN A 1 119 ? -11.440 -0.256  15.554  1.00 25.11 ? 119 GLN A CG  1 
ATOM   984  C  CD  . GLN A 1 119 ? -12.210 -0.262  14.249  1.00 26.17 ? 119 GLN A CD  1 
ATOM   985  O  OE1 . GLN A 1 119 ? -13.160 -1.024  14.083  1.00 30.69 ? 119 GLN A OE1 1 
ATOM   986  N  NE2 . GLN A 1 119 ? -11.790 0.576   13.306  1.00 24.67 ? 119 GLN A NE2 1 
ATOM   987  N  N   . LYS A 1 120 ? -8.712  -3.597  17.161  1.00 30.68 ? 120 LYS A N   1 
ATOM   988  C  CA  . LYS A 1 120 ? -7.756  -4.702  17.178  1.00 31.17 ? 120 LYS A CA  1 
ATOM   989  C  C   . LYS A 1 120 ? -7.586  -5.403  15.835  1.00 29.32 ? 120 LYS A C   1 
ATOM   990  O  O   . LYS A 1 120 ? -8.468  -5.347  14.979  1.00 29.69 ? 120 LYS A O   1 
ATOM   991  C  CB  . LYS A 1 120 ? -8.186  -5.719  18.241  1.00 32.24 ? 120 LYS A CB  1 
ATOM   992  C  CG  . LYS A 1 120 ? -8.356  -5.108  19.626  1.00 36.24 ? 120 LYS A CG  1 
ATOM   993  C  CD  . LYS A 1 120 ? -9.076  -6.055  20.572  1.00 39.44 ? 120 LYS A CD  1 
ATOM   994  C  CE  . LYS A 1 120 ? -9.441  -5.363  21.888  1.00 41.55 ? 120 LYS A CE  1 
ATOM   995  N  NZ  . LYS A 1 120 ? -8.235  -4.993  22.684  1.00 41.52 ? 120 LYS A NZ  1 
ATOM   996  N  N   . PRO A 1 121 ? -6.445  -6.087  15.642  1.00 28.31 ? 121 PRO A N   1 
ATOM   997  C  CA  . PRO A 1 121 ? -6.203  -6.789  14.376  1.00 27.84 ? 121 PRO A CA  1 
ATOM   998  C  C   . PRO A 1 121 ? -7.409  -7.640  14.005  1.00 27.90 ? 121 PRO A C   1 
ATOM   999  O  O   . PRO A 1 121 ? -7.932  -8.375  14.833  1.00 28.86 ? 121 PRO A O   1 
ATOM   1000 C  CB  . PRO A 1 121 ? -4.964  -7.632  14.679  1.00 27.73 ? 121 PRO A CB  1 
ATOM   1001 C  CG  . PRO A 1 121 ? -4.234  -6.803  15.698  1.00 26.47 ? 121 PRO A CG  1 
ATOM   1002 C  CD  . PRO A 1 121 ? -5.353  -6.340  16.601  1.00 26.03 ? 121 PRO A CD  1 
ATOM   1003 N  N   . GLY A 1 122 ? -7.862  -7.529  12.765  1.00 27.15 ? 122 GLY A N   1 
ATOM   1004 C  CA  . GLY A 1 122 ? -9.010  -8.308  12.351  1.00 27.09 ? 122 GLY A CA  1 
ATOM   1005 C  C   . GLY A 1 122 ? -10.283 -7.492  12.243  1.00 26.74 ? 122 GLY A C   1 
ATOM   1006 O  O   . GLY A 1 122 ? -11.229 -7.923  11.597  1.00 26.66 ? 122 GLY A O   1 
ATOM   1007 N  N   . GLU A 1 123 ? -10.326 -6.322  12.876  1.00 27.51 ? 123 GLU A N   1 
ATOM   1008 C  CA  . GLU A 1 123 ? -11.515 -5.476  12.794  1.00 28.07 ? 123 GLU A CA  1 
ATOM   1009 C  C   . GLU A 1 123 ? -11.536 -4.776  11.440  1.00 28.31 ? 123 GLU A C   1 
ATOM   1010 O  O   . GLU A 1 123 ? -10.502 -4.644  10.794  1.00 27.35 ? 123 GLU A O   1 
ATOM   1011 C  CB  . GLU A 1 123 ? -11.523 -4.446  13.927  1.00 29.77 ? 123 GLU A CB  1 
ATOM   1012 C  CG  . GLU A 1 123 ? -11.670 -5.076  15.302  1.00 32.84 ? 123 GLU A CG  1 
ATOM   1013 C  CD  . GLU A 1 123 ? -12.891 -5.983  15.390  1.00 35.53 ? 123 GLU A CD  1 
ATOM   1014 O  OE1 . GLU A 1 123 ? -14.033 -5.467  15.401  1.00 35.52 ? 123 GLU A OE1 1 
ATOM   1015 O  OE2 . GLU A 1 123 ? -12.707 -7.220  15.433  1.00 38.24 ? 123 GLU A OE2 1 
ATOM   1016 N  N   . ILE A 1 124 ? -12.709 -4.332  11.008  1.00 28.14 ? 124 ILE A N   1 
ATOM   1017 C  CA  . ILE A 1 124 ? -12.822 -3.669  9.716   1.00 29.24 ? 124 ILE A CA  1 
ATOM   1018 C  C   . ILE A 1 124 ? -13.480 -2.299  9.795   1.00 28.47 ? 124 ILE A C   1 
ATOM   1019 O  O   . ILE A 1 124 ? -14.002 -1.906  10.833  1.00 29.56 ? 124 ILE A O   1 
ATOM   1020 C  CB  . ILE A 1 124 ? -13.652 -4.516  8.727   1.00 30.31 ? 124 ILE A CB  1 
ATOM   1021 C  CG1 . ILE A 1 124 ? -15.093 -4.650  9.235   1.00 32.08 ? 124 ILE A CG1 1 
ATOM   1022 C  CG2 . ILE A 1 124 ? -13.030 -5.885  8.577   1.00 30.77 ? 124 ILE A CG2 1 
ATOM   1023 C  CD1 . ILE A 1 124 ? -16.062 -5.224  8.217   1.00 31.79 ? 124 ILE A CD1 1 
ATOM   1024 N  N   . THR A 1 125 ? -13.435 -1.587  8.676   1.00 29.10 ? 125 THR A N   1 
ATOM   1025 C  CA  . THR A 1 125 ? -14.043 -0.272  8.524   1.00 29.09 ? 125 THR A CA  1 
ATOM   1026 C  C   . THR A 1 125 ? -13.957 0.095   7.048   1.00 28.72 ? 125 THR A C   1 
ATOM   1027 O  O   . THR A 1 125 ? -13.102 -0.423  6.328   1.00 28.75 ? 125 THR A O   1 
ATOM   1028 C  CB  . THR A 1 125 ? -13.328 0.816   9.354   1.00 28.80 ? 125 THR A CB  1 
ATOM   1029 O  OG1 . THR A 1 125 ? -14.137 1.999   9.364   1.00 29.60 ? 125 THR A OG1 1 
ATOM   1030 C  CG2 . THR A 1 125 ? -11.978 1.156   8.751   1.00 29.86 ? 125 THR A CG2 1 
ATOM   1031 N  N   . ARG A 1 126 ? -14.842 0.979   6.596   1.00 28.71 ? 126 ARG A N   1 
ATOM   1032 C  CA  . ARG A 1 126 ? -14.860 1.391   5.196   1.00 29.51 ? 126 ARG A CA  1 
ATOM   1033 C  C   . ARG A 1 126 ? -14.001 2.629   4.949   1.00 29.05 ? 126 ARG A C   1 
ATOM   1034 O  O   . ARG A 1 126 ? -14.102 3.618   5.672   1.00 26.33 ? 126 ARG A O   1 
ATOM   1035 C  CB  . ARG A 1 126 ? -16.298 1.676   4.743   1.00 32.44 ? 126 ARG A CB  1 
ATOM   1036 C  CG  . ARG A 1 126 ? -16.411 2.107   3.279   1.00 37.40 ? 126 ARG A CG  1 
ATOM   1037 C  CD  . ARG A 1 126 ? -17.867 2.291   2.857   1.00 42.23 ? 126 ARG A CD  1 
ATOM   1038 N  NE  . ARG A 1 126 ? -18.631 1.054   2.991   1.00 46.14 ? 126 ARG A NE  1 
ATOM   1039 C  CZ  . ARG A 1 126 ? -18.390 -0.052  2.291   1.00 48.99 ? 126 ARG A CZ  1 
ATOM   1040 N  NH1 . ARG A 1 126 ? -17.405 -0.077  1.400   1.00 49.21 ? 126 ARG A NH1 1 
ATOM   1041 N  NH2 . ARG A 1 126 ? -19.131 -1.139  2.486   1.00 50.30 ? 126 ARG A NH2 1 
ATOM   1042 N  N   . LEU A 1 127 ? -13.147 2.558   3.931   1.00 28.99 ? 127 LEU A N   1 
ATOM   1043 C  CA  . LEU A 1 127 ? -12.277 3.676   3.574   1.00 28.95 ? 127 LEU A CA  1 
ATOM   1044 C  C   . LEU A 1 127 ? -12.763 4.224   2.240   1.00 28.73 ? 127 LEU A C   1 
ATOM   1045 O  O   . LEU A 1 127 ? -12.950 3.469   1.287   1.00 28.12 ? 127 LEU A O   1 
ATOM   1046 C  CB  . LEU A 1 127 ? -10.822 3.215   3.443   1.00 26.34 ? 127 LEU A CB  1 
ATOM   1047 C  CG  . LEU A 1 127 ? -10.101 2.637   4.668   1.00 28.48 ? 127 LEU A CG  1 
ATOM   1048 C  CD1 . LEU A 1 127 ? -8.615  2.444   4.335   1.00 25.56 ? 127 LEU A CD1 1 
ATOM   1049 C  CD2 . LEU A 1 127 ? -10.251 3.569   5.860   1.00 28.60 ? 127 LEU A CD2 1 
ATOM   1050 N  N   . THR A 1 128 ? -12.970 5.533   2.165   1.00 30.31 ? 128 THR A N   1 
ATOM   1051 C  CA  . THR A 1 128 ? -13.452 6.127   0.924   1.00 31.59 ? 128 THR A CA  1 
ATOM   1052 C  C   . THR A 1 128 ? -12.494 7.138   0.316   1.00 31.08 ? 128 THR A C   1 
ATOM   1053 O  O   . THR A 1 128 ? -12.749 7.666   -0.768  1.00 30.63 ? 128 THR A O   1 
ATOM   1054 C  CB  . THR A 1 128 ? -14.819 6.799   1.132   1.00 34.09 ? 128 THR A CB  1 
ATOM   1055 O  OG1 . THR A 1 128 ? -14.732 7.735   2.219   1.00 37.09 ? 128 THR A OG1 1 
ATOM   1056 C  CG2 . THR A 1 128 ? -15.876 5.741   1.452   1.00 33.98 ? 128 THR A CG2 1 
ATOM   1057 N  N   . GLU A 1 129 ? -11.393 7.414   1.010   1.00 29.11 ? 129 GLU A N   1 
ATOM   1058 C  CA  . GLU A 1 129 ? -10.419 8.355   0.484   1.00 28.43 ? 129 GLU A CA  1 
ATOM   1059 C  C   . GLU A 1 129 ? -9.870  7.813   -0.821  1.00 27.02 ? 129 GLU A C   1 
ATOM   1060 O  O   . GLU A 1 129 ? -9.808  6.601   -1.030  1.00 27.24 ? 129 GLU A O   1 
ATOM   1061 C  CB  . GLU A 1 129 ? -9.244  8.552   1.442   1.00 29.83 ? 129 GLU A CB  1 
ATOM   1062 C  CG  . GLU A 1 129 ? -9.575  9.187   2.768   1.00 32.44 ? 129 GLU A CG  1 
ATOM   1063 C  CD  . GLU A 1 129 ? -10.317 8.252   3.689   1.00 34.03 ? 129 GLU A CD  1 
ATOM   1064 O  OE1 . GLU A 1 129 ? -10.071 7.027   3.621   1.00 35.96 ? 129 GLU A OE1 1 
ATOM   1065 O  OE2 . GLU A 1 129 ? -11.135 8.746   4.489   1.00 36.87 ? 129 GLU A OE2 1 
ATOM   1066 N  N   . LYS A 1 130 ? -9.469  8.722   -1.696  1.00 25.07 ? 130 LYS A N   1 
ATOM   1067 C  CA  . LYS A 1 130 ? -8.892  8.360   -2.978  1.00 24.55 ? 130 LYS A CA  1 
ATOM   1068 C  C   . LYS A 1 130 ? -7.474  8.921   -3.013  1.00 22.82 ? 130 LYS A C   1 
ATOM   1069 O  O   . LYS A 1 130 ? -7.208  9.991   -2.466  1.00 21.40 ? 130 LYS A O   1 
ATOM   1070 C  CB  . LYS A 1 130 ? -9.712  8.983   -4.111  1.00 24.88 ? 130 LYS A CB  1 
ATOM   1071 C  CG  . LYS A 1 130 ? -9.096  8.844   -5.478  1.00 23.22 ? 130 LYS A CG  1 
ATOM   1072 C  CD  . LYS A 1 130 ? -9.216  7.429   -5.994  1.00 25.99 ? 130 LYS A CD  1 
ATOM   1073 C  CE  . LYS A 1 130 ? -8.672  7.321   -7.402  1.00 24.96 ? 130 LYS A CE  1 
ATOM   1074 N  NZ  . LYS A 1 130 ? -8.739  5.917   -7.897  1.00 26.91 ? 130 LYS A NZ  1 
ATOM   1075 N  N   . PHE A 1 131 ? -6.556  8.191   -3.628  1.00 22.50 ? 131 PHE A N   1 
ATOM   1076 C  CA  . PHE A 1 131 ? -5.197  8.680   -3.750  1.00 20.54 ? 131 PHE A CA  1 
ATOM   1077 C  C   . PHE A 1 131 ? -4.698  8.494   -5.161  1.00 20.99 ? 131 PHE A C   1 
ATOM   1078 O  O   . PHE A 1 131 ? -5.216  7.679   -5.919  1.00 22.71 ? 131 PHE A O   1 
ATOM   1079 C  CB  . PHE A 1 131 ? -4.261  7.986   -2.764  1.00 19.59 ? 131 PHE A CB  1 
ATOM   1080 C  CG  . PHE A 1 131 ? -4.449  8.435   -1.354  1.00 19.96 ? 131 PHE A CG  1 
ATOM   1081 C  CD1 . PHE A 1 131 ? -5.340  7.777   -0.512  1.00 18.56 ? 131 PHE A CD1 1 
ATOM   1082 C  CD2 . PHE A 1 131 ? -3.762  9.545   -0.872  1.00 19.62 ? 131 PHE A CD2 1 
ATOM   1083 C  CE1 . PHE A 1 131 ? -5.546  8.218   0.790   1.00 18.13 ? 131 PHE A CE1 1 
ATOM   1084 C  CE2 . PHE A 1 131 ? -3.963  9.997   0.433   1.00 18.31 ? 131 PHE A CE2 1 
ATOM   1085 C  CZ  . PHE A 1 131 ? -4.855  9.331   1.265   1.00 19.18 ? 131 PHE A CZ  1 
ATOM   1086 N  N   . ASP A 1 132 ? -3.679  9.266   -5.503  1.00 22.70 ? 132 ASP A N   1 
ATOM   1087 C  CA  . ASP A 1 132 ? -3.091  9.234   -6.826  1.00 24.36 ? 132 ASP A CA  1 
ATOM   1088 C  C   . ASP A 1 132 ? -2.699  7.825   -7.251  1.00 24.18 ? 132 ASP A C   1 
ATOM   1089 O  O   . ASP A 1 132 ? -2.466  6.948   -6.417  1.00 22.64 ? 132 ASP A O   1 
ATOM   1090 C  CB  . ASP A 1 132 ? -1.848  10.122  -6.840  1.00 28.22 ? 132 ASP A CB  1 
ATOM   1091 C  CG  . ASP A 1 132 ? -1.631  10.797  -8.163  1.00 30.95 ? 132 ASP A CG  1 
ATOM   1092 O  OD1 . ASP A 1 132 ? -2.222  10.339  -9.173  1.00 34.12 ? 132 ASP A OD1 1 
ATOM   1093 O  OD2 . ASP A 1 132 ? -0.863  11.784  -8.183  1.00 32.26 ? 132 ASP A OD2 1 
ATOM   1094 N  N   . ASP A 1 133 ? -2.634  7.621   -8.562  1.00 23.06 ? 133 ASP A N   1 
ATOM   1095 C  CA  . ASP A 1 133 ? -2.228  6.343   -9.115  1.00 23.25 ? 133 ASP A CA  1 
ATOM   1096 C  C   . ASP A 1 133 ? -0.707  6.244   -9.001  1.00 22.90 ? 133 ASP A C   1 
ATOM   1097 O  O   . ASP A 1 133 ? -0.022  7.235   -8.749  1.00 21.96 ? 133 ASP A O   1 
ATOM   1098 C  CB  . ASP A 1 133 ? -2.538  6.253   -10.610 1.00 23.44 ? 133 ASP A CB  1 
ATOM   1099 C  CG  . ASP A 1 133 ? -4.006  6.131   -10.915 1.00 26.62 ? 133 ASP A CG  1 
ATOM   1100 O  OD1 . ASP A 1 133 ? -4.762  5.556   -10.099 1.00 25.70 ? 133 ASP A OD1 1 
ATOM   1101 O  OD2 . ASP A 1 133 ? -4.390  6.595   -12.013 1.00 26.64 ? 133 ASP A OD2 1 
ATOM   1102 N  N   . ILE A 1 134 ? -0.194  5.036   -9.198  1.00 21.82 ? 134 ILE A N   1 
ATOM   1103 C  CA  . ILE A 1 134 ? 1.241   4.804   -9.214  1.00 21.11 ? 134 ILE A CA  1 
ATOM   1104 C  C   . ILE A 1 134 ? 1.443   3.902   -10.418 1.00 21.89 ? 134 ILE A C   1 
ATOM   1105 O  O   . ILE A 1 134 ? 0.825   2.842   -10.512 1.00 22.28 ? 134 ILE A O   1 
ATOM   1106 C  CB  . ILE A 1 134 ? 1.753   4.082   -7.950  1.00 18.01 ? 134 ILE A CB  1 
ATOM   1107 C  CG1 . ILE A 1 134 ? 1.607   4.992   -6.730  1.00 15.93 ? 134 ILE A CG1 1 
ATOM   1108 C  CG2 . ILE A 1 134 ? 3.237   3.720   -8.126  1.00 19.13 ? 134 ILE A CG2 1 
ATOM   1109 C  CD1 . ILE A 1 134 ? 2.110   4.373   -5.440  1.00 16.56 ? 134 ILE A CD1 1 
ATOM   1110 N  N   . ILE A 1 135 ? 2.275   4.331   -11.359 1.00 23.50 ? 135 ILE A N   1 
ATOM   1111 C  CA  . ILE A 1 135 ? 2.525   3.518   -12.536 1.00 24.22 ? 135 ILE A CA  1 
ATOM   1112 C  C   . ILE A 1 135 ? 3.916   2.909   -12.454 1.00 25.90 ? 135 ILE A C   1 
ATOM   1113 O  O   . ILE A 1 135 ? 4.890   3.605   -12.168 1.00 26.02 ? 135 ILE A O   1 
ATOM   1114 C  CB  . ILE A 1 135 ? 2.417   4.343   -13.837 1.00 26.44 ? 135 ILE A CB  1 
ATOM   1115 C  CG1 . ILE A 1 135 ? 1.032   4.997   -13.923 1.00 26.91 ? 135 ILE A CG1 1 
ATOM   1116 C  CG2 . ILE A 1 135 ? 2.644   3.432   -15.046 1.00 25.64 ? 135 ILE A CG2 1 
ATOM   1117 C  CD1 . ILE A 1 135 ? 0.766   5.713   -15.230 1.00 26.44 ? 135 ILE A CD1 1 
ATOM   1118 N  N   . PHE A 1 136 ? 3.990   1.605   -12.688 1.00 26.08 ? 136 PHE A N   1 
ATOM   1119 C  CA  . PHE A 1 136 ? 5.255   0.892   -12.665 1.00 26.67 ? 136 PHE A CA  1 
ATOM   1120 C  C   . PHE A 1 136 ? 5.544   0.373   -14.067 1.00 27.78 ? 136 PHE A C   1 
ATOM   1121 O  O   . PHE A 1 136 ? 4.676   0.386   -14.944 1.00 27.29 ? 136 PHE A O   1 
ATOM   1122 C  CB  . PHE A 1 136 ? 5.200   -0.315  -11.719 1.00 26.12 ? 136 PHE A CB  1 
ATOM   1123 C  CG  . PHE A 1 136 ? 4.892   0.028   -10.286 1.00 26.92 ? 136 PHE A CG  1 
ATOM   1124 C  CD1 . PHE A 1 136 ? 3.574   0.126   -9.847  1.00 25.87 ? 136 PHE A CD1 1 
ATOM   1125 C  CD2 . PHE A 1 136 ? 5.919   0.236   -9.371  1.00 26.90 ? 136 PHE A CD2 1 
ATOM   1126 C  CE1 . PHE A 1 136 ? 3.283   0.421   -8.519  1.00 26.59 ? 136 PHE A CE1 1 
ATOM   1127 C  CE2 . PHE A 1 136 ? 5.635   0.536   -8.031  1.00 26.81 ? 136 PHE A CE2 1 
ATOM   1128 C  CZ  . PHE A 1 136 ? 4.311   0.627   -7.608  1.00 24.16 ? 136 PHE A CZ  1 
ATOM   1129 N  N   . LYS A 1 137 ? 6.775   -0.076  -14.269 1.00 27.18 ? 137 LYS A N   1 
ATOM   1130 C  CA  . LYS A 1 137 ? 7.188   -0.657  -15.530 1.00 27.51 ? 137 LYS A CA  1 
ATOM   1131 C  C   . LYS A 1 137 ? 7.975   -1.895  -15.135 1.00 27.47 ? 137 LYS A C   1 
ATOM   1132 O  O   . LYS A 1 137 ? 8.656   -1.907  -14.114 1.00 26.07 ? 137 LYS A O   1 
ATOM   1133 C  CB  . LYS A 1 137 ? 8.045   0.316   -16.346 1.00 29.26 ? 137 LYS A CB  1 
ATOM   1134 C  CG  . LYS A 1 137 ? 9.244   0.912   -15.624 1.00 35.58 ? 137 LYS A CG  1 
ATOM   1135 C  CD  . LYS A 1 137 ? 9.859   2.025   -16.481 1.00 36.54 ? 137 LYS A CD  1 
ATOM   1136 C  CE  . LYS A 1 137 ? 10.885  2.849   -15.717 1.00 40.66 ? 137 LYS A CE  1 
ATOM   1137 N  NZ  . LYS A 1 137 ? 11.174  4.155   -16.395 1.00 41.09 ? 137 LYS A NZ  1 
ATOM   1138 N  N   . VAL A 1 138 ? 7.870   -2.944  -15.936 1.00 25.90 ? 138 VAL A N   1 
ATOM   1139 C  CA  . VAL A 1 138 ? 8.546   -4.180  -15.615 1.00 26.46 ? 138 VAL A CA  1 
ATOM   1140 C  C   . VAL A 1 138 ? 9.643   -4.544  -16.610 1.00 26.41 ? 138 VAL A C   1 
ATOM   1141 O  O   . VAL A 1 138 ? 9.485   -4.376  -17.813 1.00 26.91 ? 138 VAL A O   1 
ATOM   1142 C  CB  . VAL A 1 138 ? 7.528   -5.333  -15.557 1.00 25.60 ? 138 VAL A CB  1 
ATOM   1143 C  CG1 . VAL A 1 138 ? 8.211   -6.609  -15.121 1.00 26.14 ? 138 VAL A CG1 1 
ATOM   1144 C  CG2 . VAL A 1 138 ? 6.400   -4.974  -14.601 1.00 26.83 ? 138 VAL A CG2 1 
ATOM   1145 N  N   . ALA A 1 139 ? 10.763  -5.031  -16.094 1.00 25.69 ? 139 ALA A N   1 
ATOM   1146 C  CA  . ALA A 1 139 ? 11.849  -5.458  -16.962 1.00 26.05 ? 139 ALA A CA  1 
ATOM   1147 C  C   . ALA A 1 139 ? 11.723  -6.974  -16.996 1.00 24.36 ? 139 ALA A C   1 
ATOM   1148 O  O   . ALA A 1 139 ? 11.675  -7.623  -15.950 1.00 24.62 ? 139 ALA A O   1 
ATOM   1149 C  CB  . ALA A 1 139 ? 13.203  -5.034  -16.391 1.00 24.54 ? 139 ALA A CB  1 
ATOM   1150 N  N   . LEU A 1 140 ? 11.635  -7.530  -18.198 1.00 23.86 ? 140 LEU A N   1 
ATOM   1151 C  CA  . LEU A 1 140 ? 11.495  -8.966  -18.363 1.00 25.54 ? 140 LEU A CA  1 
ATOM   1152 C  C   . LEU A 1 140 ? 12.856  -9.567  -18.660 1.00 26.09 ? 140 LEU A C   1 
ATOM   1153 O  O   . LEU A 1 140 ? 13.628  -9.018  -19.444 1.00 25.61 ? 140 LEU A O   1 
ATOM   1154 C  CB  . LEU A 1 140 ? 10.540  -9.269  -19.520 1.00 25.98 ? 140 LEU A CB  1 
ATOM   1155 C  CG  . LEU A 1 140 ? 9.210   -8.500  -19.564 1.00 25.72 ? 140 LEU A CG  1 
ATOM   1156 C  CD1 . LEU A 1 140 ? 8.473   -8.855  -20.853 1.00 25.92 ? 140 LEU A CD1 1 
ATOM   1157 C  CD2 . LEU A 1 140 ? 8.354   -8.833  -18.360 1.00 25.64 ? 140 LEU A CD2 1 
ATOM   1158 N  N   . PRO A 1 141 ? 13.177  -10.703 -18.029 1.00 28.51 ? 141 PRO A N   1 
ATOM   1159 C  CA  . PRO A 1 141 ? 14.480  -11.321 -18.290 1.00 28.44 ? 141 PRO A CA  1 
ATOM   1160 C  C   . PRO A 1 141 ? 14.486  -11.860 -19.717 1.00 28.89 ? 141 PRO A C   1 
ATOM   1161 O  O   . PRO A 1 141 ? 13.513  -12.471 -20.156 1.00 29.36 ? 141 PRO A O   1 
ATOM   1162 C  CB  . PRO A 1 141 ? 14.558  -12.414 -17.229 1.00 29.38 ? 141 PRO A CB  1 
ATOM   1163 C  CG  . PRO A 1 141 ? 13.138  -12.822 -17.069 1.00 29.62 ? 141 PRO A CG  1 
ATOM   1164 C  CD  . PRO A 1 141 ? 12.391  -11.505 -17.075 1.00 28.10 ? 141 PRO A CD  1 
ATOM   1165 N  N   . ALA A 1 142 ? 15.576  -11.617 -20.437 1.00 29.08 ? 142 ALA A N   1 
ATOM   1166 C  CA  . ALA A 1 142 ? 15.707  -12.045 -21.829 1.00 28.28 ? 142 ALA A CA  1 
ATOM   1167 C  C   . ALA A 1 142 ? 15.389  -13.509 -22.071 1.00 27.45 ? 142 ALA A C   1 
ATOM   1168 O  O   . ALA A 1 142 ? 14.980  -13.875 -23.169 1.00 26.51 ? 142 ALA A O   1 
ATOM   1169 C  CB  . ALA A 1 142 ? 17.117  -11.729 -22.352 1.00 27.67 ? 142 ALA A CB  1 
ATOM   1170 N  N   . ASP A 1 143 ? 15.578  -14.345 -21.056 1.00 28.33 ? 143 ASP A N   1 
ATOM   1171 C  CA  . ASP A 1 143 ? 15.312  -15.774 -21.203 1.00 31.63 ? 143 ASP A CA  1 
ATOM   1172 C  C   . ASP A 1 143 ? 13.874  -16.192 -20.877 1.00 33.17 ? 143 ASP A C   1 
ATOM   1173 O  O   . ASP A 1 143 ? 13.562  -17.383 -20.859 1.00 34.56 ? 143 ASP A O   1 
ATOM   1174 C  CB  . ASP A 1 143 ? 16.297  -16.583 -20.351 1.00 32.50 ? 143 ASP A CB  1 
ATOM   1175 C  CG  . ASP A 1 143 ? 16.364  -16.097 -18.920 1.00 33.78 ? 143 ASP A CG  1 
ATOM   1176 O  OD1 . ASP A 1 143 ? 16.426  -14.868 -18.714 1.00 37.03 ? 143 ASP A OD1 1 
ATOM   1177 O  OD2 . ASP A 1 143 ? 16.373  -16.937 -18.000 1.00 37.13 ? 143 ASP A OD2 1 
ATOM   1178 N  N   . LEU A 1 144 ? 13.001  -15.217 -20.640 1.00 32.69 ? 144 LEU A N   1 
ATOM   1179 C  CA  . LEU A 1 144 ? 11.602  -15.512 -20.328 1.00 32.84 ? 144 LEU A CA  1 
ATOM   1180 C  C   . LEU A 1 144 ? 10.934  -16.233 -21.500 1.00 33.46 ? 144 LEU A C   1 
ATOM   1181 O  O   . LEU A 1 144 ? 10.912  -15.725 -22.628 1.00 32.91 ? 144 LEU A O   1 
ATOM   1182 C  CB  . LEU A 1 144 ? 10.839  -14.219 -20.037 1.00 31.79 ? 144 LEU A CB  1 
ATOM   1183 C  CG  . LEU A 1 144 ? 9.367   -14.316 -19.616 1.00 30.73 ? 144 LEU A CG  1 
ATOM   1184 C  CD1 . LEU A 1 144 ? 9.261   -14.874 -18.194 1.00 28.34 ? 144 LEU A CD1 1 
ATOM   1185 C  CD2 . LEU A 1 144 ? 8.742   -12.929 -19.680 1.00 28.81 ? 144 LEU A CD2 1 
ATOM   1186 N  N   . PRO A 1 145 ? 10.381  -17.431 -21.250 1.00 33.53 ? 145 PRO A N   1 
ATOM   1187 C  CA  . PRO A 1 145 ? 9.713   -18.218 -22.291 1.00 32.03 ? 145 PRO A CA  1 
ATOM   1188 C  C   . PRO A 1 145 ? 8.586   -17.436 -22.941 1.00 33.26 ? 145 PRO A C   1 
ATOM   1189 O  O   . PRO A 1 145 ? 7.994   -16.560 -22.311 1.00 33.19 ? 145 PRO A O   1 
ATOM   1190 C  CB  . PRO A 1 145 ? 9.205   -19.431 -21.530 1.00 31.31 ? 145 PRO A CB  1 
ATOM   1191 C  CG  . PRO A 1 145 ? 10.259  -19.608 -20.473 1.00 32.67 ? 145 PRO A CG  1 
ATOM   1192 C  CD  . PRO A 1 145 ? 10.468  -18.196 -19.995 1.00 32.28 ? 145 PRO A CD  1 
ATOM   1193 N  N   . LEU A 1 146 ? 8.304   -17.748 -24.202 1.00 33.93 ? 146 LEU A N   1 
ATOM   1194 C  CA  . LEU A 1 146 ? 7.236   -17.080 -24.934 1.00 35.47 ? 146 LEU A CA  1 
ATOM   1195 C  C   . LEU A 1 146 ? 5.906   -17.601 -24.403 1.00 35.57 ? 146 LEU A C   1 
ATOM   1196 O  O   . LEU A 1 146 ? 5.847   -18.682 -23.823 1.00 34.71 ? 146 LEU A O   1 
ATOM   1197 C  CB  . LEU A 1 146 ? 7.320   -17.389 -26.437 1.00 36.93 ? 146 LEU A CB  1 
ATOM   1198 C  CG  . LEU A 1 146 ? 8.641   -17.187 -27.188 1.00 38.59 ? 146 LEU A CG  1 
ATOM   1199 C  CD1 . LEU A 1 146 ? 9.120   -15.775 -26.962 1.00 39.01 ? 146 LEU A CD1 1 
ATOM   1200 C  CD2 . LEU A 1 146 ? 9.688   -18.187 -26.702 1.00 39.28 ? 146 LEU A CD2 1 
ATOM   1201 N  N   . GLY A 1 147 ? 4.841   -16.837 -24.607 1.00 36.56 ? 147 GLY A N   1 
ATOM   1202 C  CA  . GLY A 1 147 ? 3.540   -17.279 -24.146 1.00 38.43 ? 147 GLY A CA  1 
ATOM   1203 C  C   . GLY A 1 147 ? 2.818   -16.277 -23.272 1.00 39.25 ? 147 GLY A C   1 
ATOM   1204 O  O   . GLY A 1 147 ? 3.314   -15.176 -23.014 1.00 38.79 ? 147 GLY A O   1 
ATOM   1205 N  N   . ASP A 1 148 ? 1.637   -16.668 -22.804 1.00 38.83 ? 148 ASP A N   1 
ATOM   1206 C  CA  . ASP A 1 148 ? 0.838   -15.797 -21.961 1.00 38.77 ? 148 ASP A CA  1 
ATOM   1207 C  C   . ASP A 1 148 ? 1.241   -15.853 -20.507 1.00 36.56 ? 148 ASP A C   1 
ATOM   1208 O  O   . ASP A 1 148 ? 1.615   -16.902 -19.985 1.00 36.43 ? 148 ASP A O   1 
ATOM   1209 C  CB  . ASP A 1 148 ? -0.642  -16.144 -22.082 1.00 40.28 ? 148 ASP A CB  1 
ATOM   1210 C  CG  . ASP A 1 148 ? -1.148  -16.002 -23.488 1.00 41.75 ? 148 ASP A CG  1 
ATOM   1211 O  OD1 . ASP A 1 148 ? -1.144  -17.015 -24.217 1.00 43.95 ? 148 ASP A OD1 1 
ATOM   1212 O  OD2 . ASP A 1 148 ? -1.529  -14.873 -23.867 1.00 42.45 ? 148 ASP A OD2 1 
ATOM   1213 N  N   . TYR A 1 149 ? 1.173   -14.699 -19.860 1.00 36.20 ? 149 TYR A N   1 
ATOM   1214 C  CA  . TYR A 1 149 ? 1.500   -14.607 -18.454 1.00 34.15 ? 149 TYR A CA  1 
ATOM   1215 C  C   . TYR A 1 149 ? 0.405   -13.867 -17.701 1.00 33.49 ? 149 TYR A C   1 
ATOM   1216 O  O   . TYR A 1 149 ? -0.243  -12.961 -18.226 1.00 31.59 ? 149 TYR A O   1 
ATOM   1217 C  CB  . TYR A 1 149 ? 2.844   -13.894 -18.245 1.00 32.75 ? 149 TYR A CB  1 
ATOM   1218 C  CG  . TYR A 1 149 ? 4.045   -14.732 -18.617 1.00 30.12 ? 149 TYR A CG  1 
ATOM   1219 C  CD1 . TYR A 1 149 ? 4.369   -14.969 -19.951 1.00 31.37 ? 149 TYR A CD1 1 
ATOM   1220 C  CD2 . TYR A 1 149 ? 4.835   -15.317 -17.637 1.00 30.29 ? 149 TYR A CD2 1 
ATOM   1221 C  CE1 . TYR A 1 149 ? 5.451   -15.775 -20.301 1.00 30.80 ? 149 TYR A CE1 1 
ATOM   1222 C  CE2 . TYR A 1 149 ? 5.919   -16.126 -17.975 1.00 31.42 ? 149 TYR A CE2 1 
ATOM   1223 C  CZ  . TYR A 1 149 ? 6.220   -16.348 -19.308 1.00 30.40 ? 149 TYR A CZ  1 
ATOM   1224 O  OH  . TYR A 1 149 ? 7.289   -17.144 -19.645 1.00 31.09 ? 149 TYR A OH  1 
ATOM   1225 N  N   . SER A 1 150 ? 0.202   -14.291 -16.465 1.00 35.28 ? 150 SER A N   1 
ATOM   1226 C  CA  . SER A 1 150 ? -0.768  -13.692 -15.567 1.00 35.92 ? 150 SER A CA  1 
ATOM   1227 C  C   . SER A 1 150 ? 0.022   -13.724 -14.270 1.00 34.64 ? 150 SER A C   1 
ATOM   1228 O  O   . SER A 1 150 ? 0.004   -14.712 -13.548 1.00 35.25 ? 150 SER A O   1 
ATOM   1229 C  CB  . SER A 1 150 ? -2.013  -14.571 -15.473 1.00 38.40 ? 150 SER A CB  1 
ATOM   1230 O  OG  . SER A 1 150 ? -3.024  -13.940 -14.711 1.00 45.38 ? 150 SER A OG  1 
ATOM   1231 N  N   . VAL A 1 151 ? 0.746   -12.646 -13.996 1.00 33.46 ? 151 VAL A N   1 
ATOM   1232 C  CA  . VAL A 1 151 ? 1.588   -12.590 -12.808 1.00 32.40 ? 151 VAL A CA  1 
ATOM   1233 C  C   . VAL A 1 151 ? 0.925   -11.974 -11.578 1.00 30.97 ? 151 VAL A C   1 
ATOM   1234 O  O   . VAL A 1 151 ? 0.431   -10.847 -11.622 1.00 29.93 ? 151 VAL A O   1 
ATOM   1235 C  CB  . VAL A 1 151 ? 2.888   -11.817 -13.104 1.00 31.75 ? 151 VAL A CB  1 
ATOM   1236 C  CG1 . VAL A 1 151 ? 3.850   -11.961 -11.943 1.00 33.78 ? 151 VAL A CG1 1 
ATOM   1237 C  CG2 . VAL A 1 151 ? 3.522   -12.334 -14.395 1.00 30.70 ? 151 VAL A CG2 1 
ATOM   1238 N  N   . LYS A 1 152 ? 0.929   -12.728 -10.485 1.00 29.61 ? 152 LYS A N   1 
ATOM   1239 C  CA  . LYS A 1 152 ? 0.346   -12.267 -9.235  1.00 30.73 ? 152 LYS A CA  1 
ATOM   1240 C  C   . LYS A 1 152 ? 1.350   -11.411 -8.485  1.00 29.89 ? 152 LYS A C   1 
ATOM   1241 O  O   . LYS A 1 152 ? 2.388   -11.902 -8.034  1.00 29.49 ? 152 LYS A O   1 
ATOM   1242 C  CB  . LYS A 1 152 ? -0.055  -13.449 -8.355  1.00 32.61 ? 152 LYS A CB  1 
ATOM   1243 C  CG  . LYS A 1 152 ? -1.286  -14.207 -8.823  1.00 37.88 ? 152 LYS A CG  1 
ATOM   1244 C  CD  . LYS A 1 152 ? -1.624  -15.325 -7.840  1.00 41.70 ? 152 LYS A CD  1 
ATOM   1245 C  CE  . LYS A 1 152 ? -2.899  -16.059 -8.232  1.00 44.51 ? 152 LYS A CE  1 
ATOM   1246 N  NZ  . LYS A 1 152 ? -4.102  -15.169 -8.204  1.00 48.39 ? 152 LYS A NZ  1 
ATOM   1247 N  N   . ILE A 1 153 ? 1.045   -10.125 -8.364  1.00 28.84 ? 153 ILE A N   1 
ATOM   1248 C  CA  . ILE A 1 153 ? 1.925   -9.212  -7.652  1.00 27.03 ? 153 ILE A CA  1 
ATOM   1249 C  C   . ILE A 1 153 ? 1.256   -8.780  -6.353  1.00 26.66 ? 153 ILE A C   1 
ATOM   1250 O  O   . ILE A 1 153 ? 0.435   -7.864  -6.333  1.00 27.53 ? 153 ILE A O   1 
ATOM   1251 C  CB  . ILE A 1 153 ? 2.239   -7.971  -8.493  1.00 26.47 ? 153 ILE A CB  1 
ATOM   1252 C  CG1 . ILE A 1 153 ? 2.736   -8.394  -9.876  1.00 26.39 ? 153 ILE A CG1 1 
ATOM   1253 C  CG2 . ILE A 1 153 ? 3.297   -7.130  -7.789  1.00 26.93 ? 153 ILE A CG2 1 
ATOM   1254 C  CD1 . ILE A 1 153 ? 3.032   -7.231  -10.812 1.00 27.63 ? 153 ILE A CD1 1 
ATOM   1255 N  N   . PRO A 1 154 ? 1.575   -9.460  -5.249  1.00 27.01 ? 154 PRO A N   1 
ATOM   1256 C  CA  . PRO A 1 154 ? 0.953   -9.073  -3.980  1.00 25.09 ? 154 PRO A CA  1 
ATOM   1257 C  C   . PRO A 1 154 ? 1.602   -7.837  -3.378  1.00 24.67 ? 154 PRO A C   1 
ATOM   1258 O  O   . PRO A 1 154 ? 2.810   -7.643  -3.488  1.00 23.04 ? 154 PRO A O   1 
ATOM   1259 C  CB  . PRO A 1 154 ? 1.139   -10.316 -3.111  1.00 25.51 ? 154 PRO A CB  1 
ATOM   1260 C  CG  . PRO A 1 154 ? 2.408   -10.914 -3.640  1.00 25.08 ? 154 PRO A CG  1 
ATOM   1261 C  CD  . PRO A 1 154 ? 2.270   -10.756 -5.135  1.00 24.20 ? 154 PRO A CD  1 
ATOM   1262 N  N   . TYR A 1 155 ? 0.793   -6.995  -2.747  1.00 23.87 ? 155 TYR A N   1 
ATOM   1263 C  CA  . TYR A 1 155 ? 1.325   -5.795  -2.126  1.00 23.81 ? 155 TYR A CA  1 
ATOM   1264 C  C   . TYR A 1 155 ? 0.427   -5.262  -1.026  1.00 22.54 ? 155 TYR A C   1 
ATOM   1265 O  O   . TYR A 1 155 ? -0.727  -5.656  -0.905  1.00 22.33 ? 155 TYR A O   1 
ATOM   1266 C  CB  . TYR A 1 155 ? 1.579   -4.710  -3.178  1.00 23.32 ? 155 TYR A CB  1 
ATOM   1267 C  CG  . TYR A 1 155 ? 0.349   -4.081  -3.798  1.00 22.66 ? 155 TYR A CG  1 
ATOM   1268 C  CD1 . TYR A 1 155 ? -0.175  -2.888  -3.296  1.00 23.37 ? 155 TYR A CD1 1 
ATOM   1269 C  CD2 . TYR A 1 155 ? -0.243  -4.635  -4.933  1.00 21.84 ? 155 TYR A CD2 1 
ATOM   1270 C  CE1 . TYR A 1 155 ? -1.255  -2.251  -3.922  1.00 22.74 ? 155 TYR A CE1 1 
ATOM   1271 C  CE2 . TYR A 1 155 ? -1.322  -4.015  -5.563  1.00 23.09 ? 155 TYR A CE2 1 
ATOM   1272 C  CZ  . TYR A 1 155 ? -1.819  -2.820  -5.054  1.00 23.36 ? 155 TYR A CZ  1 
ATOM   1273 O  OH  . TYR A 1 155 ? -2.856  -2.187  -5.694  1.00 20.83 ? 155 TYR A OH  1 
ATOM   1274 N  N   . THR A 1 156 ? 0.980   -4.361  -0.227  1.00 21.90 ? 156 THR A N   1 
ATOM   1275 C  CA  . THR A 1 156 ? 0.259   -3.770  0.880   1.00 23.08 ? 156 THR A CA  1 
ATOM   1276 C  C   . THR A 1 156 ? -0.163  -2.345  0.575   1.00 24.08 ? 156 THR A C   1 
ATOM   1277 O  O   . THR A 1 156 ? 0.601   -1.573  -0.006  1.00 24.83 ? 156 THR A O   1 
ATOM   1278 C  CB  . THR A 1 156 ? 1.138   -3.710  2.146   1.00 24.03 ? 156 THR A CB  1 
ATOM   1279 O  OG1 . THR A 1 156 ? 1.551   -5.029  2.514   1.00 26.76 ? 156 THR A OG1 1 
ATOM   1280 C  CG2 . THR A 1 156 ? 0.375   -3.080  3.296   1.00 25.78 ? 156 THR A CG2 1 
ATOM   1281 N  N   . SER A 1 157 ? -1.383  -1.999  0.963   1.00 21.90 ? 157 SER A N   1 
ATOM   1282 C  CA  . SER A 1 157 ? -1.867  -0.635  0.798   1.00 23.58 ? 157 SER A CA  1 
ATOM   1283 C  C   . SER A 1 157 ? -2.795  -0.403  1.978   1.00 22.94 ? 157 SER A C   1 
ATOM   1284 O  O   . SER A 1 157 ? -3.420  -1.338  2.486   1.00 22.14 ? 157 SER A O   1 
ATOM   1285 C  CB  . SER A 1 157 ? -2.620  -0.446  -0.521  1.00 21.81 ? 157 SER A CB  1 
ATOM   1286 O  OG  . SER A 1 157 ? -3.981  -0.805  -0.391  1.00 24.75 ? 157 SER A OG  1 
ATOM   1287 N  N   . GLY A 1 158 ? -2.870  0.830   2.446   1.00 22.37 ? 158 GLY A N   1 
ATOM   1288 C  CA  . GLY A 1 158 ? -3.741  1.072   3.569   1.00 22.46 ? 158 GLY A CA  1 
ATOM   1289 C  C   . GLY A 1 158 ? -3.613  2.435   4.192   1.00 22.67 ? 158 GLY A C   1 
ATOM   1290 O  O   . GLY A 1 158 ? -2.842  3.284   3.743   1.00 21.42 ? 158 GLY A O   1 
HETATM 1291 N  N   . MSE A 1 159 ? -4.373  2.623   5.262   1.00 22.46 ? 159 MSE A N   1 
HETATM 1292 C  CA  . MSE A 1 159 ? -4.405  3.882   5.966   1.00 22.12 ? 159 MSE A CA  1 
HETATM 1293 C  C   . MSE A 1 159 ? -3.856  3.791   7.385   1.00 21.43 ? 159 MSE A C   1 
HETATM 1294 O  O   . MSE A 1 159 ? -4.362  3.031   8.209   1.00 20.90 ? 159 MSE A O   1 
HETATM 1295 C  CB  . MSE A 1 159 ? -5.849  4.374   6.015   1.00 28.88 ? 159 MSE A CB  1 
HETATM 1296 C  CG  . MSE A 1 159 ? -6.012  5.765   6.575   1.00 39.06 ? 159 MSE A CG  1 
HETATM 1297 SE SE  . MSE A 1 159 ? -5.061  7.037   5.486   1.00 56.50 ? 159 MSE A SE  1 
HETATM 1298 C  CE  . MSE A 1 159 ? -6.241  7.080   3.954   1.00 46.04 ? 159 MSE A CE  1 
ATOM   1299 N  N   . GLN A 1 160 ? -2.816  4.565   7.666   1.00 21.09 ? 160 GLN A N   1 
ATOM   1300 C  CA  . GLN A 1 160 ? -2.258  4.609   9.011   1.00 20.80 ? 160 GLN A CA  1 
ATOM   1301 C  C   . GLN A 1 160 ? -3.010  5.718   9.728   1.00 21.27 ? 160 GLN A C   1 
ATOM   1302 O  O   . GLN A 1 160 ? -2.829  6.895   9.410   1.00 20.38 ? 160 GLN A O   1 
ATOM   1303 C  CB  . GLN A 1 160 ? -0.773  4.969   8.991   1.00 20.75 ? 160 GLN A CB  1 
ATOM   1304 C  CG  . GLN A 1 160 ? -0.213  5.224   10.386  1.00 20.65 ? 160 GLN A CG  1 
ATOM   1305 C  CD  . GLN A 1 160 ? 1.163   5.874   10.377  1.00 19.57 ? 160 GLN A CD  1 
ATOM   1306 O  OE1 . GLN A 1 160 ? 2.123   5.329   9.834   1.00 22.36 ? 160 GLN A OE1 1 
ATOM   1307 N  NE2 . GLN A 1 160 ? 1.259   7.046   10.988  1.00 19.99 ? 160 GLN A NE2 1 
ATOM   1308 N  N   . ARG A 1 161 ? -3.866  5.352   10.677  1.00 20.54 ? 161 ARG A N   1 
ATOM   1309 C  CA  . ARG A 1 161 ? -4.614  6.353   11.424  1.00 20.92 ? 161 ARG A CA  1 
ATOM   1310 C  C   . ARG A 1 161 ? -4.027  6.524   12.812  1.00 21.59 ? 161 ARG A C   1 
ATOM   1311 O  O   . ARG A 1 161 ? -3.968  5.583   13.606  1.00 23.04 ? 161 ARG A O   1 
ATOM   1312 C  CB  . ARG A 1 161 ? -6.095  5.980   11.518  1.00 19.84 ? 161 ARG A CB  1 
ATOM   1313 C  CG  . ARG A 1 161 ? -6.846  6.197   10.219  1.00 19.91 ? 161 ARG A CG  1 
ATOM   1314 C  CD  . ARG A 1 161 ? -8.347  6.132   10.438  1.00 19.32 ? 161 ARG A CD  1 
ATOM   1315 N  NE  . ARG A 1 161 ? -9.085  6.379   9.206   1.00 22.02 ? 161 ARG A NE  1 
ATOM   1316 C  CZ  . ARG A 1 161 ? -10.374 6.101   9.047   1.00 23.89 ? 161 ARG A CZ  1 
ATOM   1317 N  NH1 . ARG A 1 161 ? -11.065 5.561   10.048  1.00 22.76 ? 161 ARG A NH1 1 
ATOM   1318 N  NH2 . ARG A 1 161 ? -10.973 6.360   7.893   1.00 24.52 ? 161 ARG A NH2 1 
ATOM   1319 N  N   . HIS A 1 162 ? -3.597  7.748   13.090  1.00 22.46 ? 162 HIS A N   1 
ATOM   1320 C  CA  . HIS A 1 162 ? -2.971  8.092   14.353  1.00 20.91 ? 162 HIS A CA  1 
ATOM   1321 C  C   . HIS A 1 162 ? -3.841  9.044   15.174  1.00 22.49 ? 162 HIS A C   1 
ATOM   1322 O  O   . HIS A 1 162 ? -4.111  10.168  14.758  1.00 24.08 ? 162 HIS A O   1 
ATOM   1323 C  CB  . HIS A 1 162 ? -1.614  8.736   14.064  1.00 20.95 ? 162 HIS A CB  1 
ATOM   1324 C  CG  . HIS A 1 162 ? -0.925  9.287   15.271  1.00 22.36 ? 162 HIS A CG  1 
ATOM   1325 N  ND1 . HIS A 1 162 ? 0.068   10.240  15.186  1.00 22.09 ? 162 HIS A ND1 1 
ATOM   1326 C  CD2 . HIS A 1 162 ? -1.075  9.014   16.589  1.00 21.38 ? 162 HIS A CD2 1 
ATOM   1327 C  CE1 . HIS A 1 162 ? 0.499   10.531  16.400  1.00 22.88 ? 162 HIS A CE1 1 
ATOM   1328 N  NE2 . HIS A 1 162 ? -0.178  9.801   17.269  1.00 22.44 ? 162 HIS A NE2 1 
ATOM   1329 N  N   . PHE A 1 163 ? -4.279  8.581   16.340  1.00 21.27 ? 163 PHE A N   1 
ATOM   1330 C  CA  . PHE A 1 163 ? -5.087  9.385   17.246  1.00 21.55 ? 163 PHE A CA  1 
ATOM   1331 C  C   . PHE A 1 163 ? -4.208  9.746   18.450  1.00 22.94 ? 163 PHE A C   1 
ATOM   1332 O  O   . PHE A 1 163 ? -3.504  8.886   18.997  1.00 22.34 ? 163 PHE A O   1 
ATOM   1333 C  CB  . PHE A 1 163 ? -6.311  8.588   17.718  1.00 20.75 ? 163 PHE A CB  1 
ATOM   1334 C  CG  . PHE A 1 163 ? -7.173  8.088   16.597  1.00 21.74 ? 163 PHE A CG  1 
ATOM   1335 C  CD1 . PHE A 1 163 ? -7.277  6.728   16.334  1.00 20.38 ? 163 PHE A CD1 1 
ATOM   1336 C  CD2 . PHE A 1 163 ? -7.868  8.988   15.783  1.00 20.37 ? 163 PHE A CD2 1 
ATOM   1337 C  CE1 . PHE A 1 163 ? -8.058  6.266   15.277  1.00 19.75 ? 163 PHE A CE1 1 
ATOM   1338 C  CE2 . PHE A 1 163 ? -8.644  8.539   14.730  1.00 20.75 ? 163 PHE A CE2 1 
ATOM   1339 C  CZ  . PHE A 1 163 ? -8.742  7.173   14.475  1.00 20.19 ? 163 PHE A CZ  1 
ATOM   1340 N  N   . ALA A 1 164 ? -4.252  11.011  18.858  1.00 22.58 ? 164 ALA A N   1 
ATOM   1341 C  CA  . ALA A 1 164 ? -3.457  11.473  19.986  1.00 22.81 ? 164 ALA A CA  1 
ATOM   1342 C  C   . ALA A 1 164 ? -4.203  12.474  20.856  1.00 23.86 ? 164 ALA A C   1 
ATOM   1343 O  O   . ALA A 1 164 ? -5.186  13.090  20.432  1.00 23.22 ? 164 ALA A O   1 
ATOM   1344 C  CB  . ALA A 1 164 ? -2.150  12.091  19.490  1.00 21.38 ? 164 ALA A CB  1 
ATOM   1345 N  N   . SER A 1 165 ? -3.695  12.656  22.069  1.00 23.73 ? 165 SER A N   1 
ATOM   1346 C  CA  . SER A 1 165 ? -4.297  13.560  23.033  1.00 23.07 ? 165 SER A CA  1 
ATOM   1347 C  C   . SER A 1 165 ? -3.729  14.977  22.986  1.00 23.00 ? 165 SER A C   1 
ATOM   1348 O  O   . SER A 1 165 ? -4.143  15.828  23.766  1.00 22.03 ? 165 SER A O   1 
ATOM   1349 C  CB  . SER A 1 165 ? -4.113  12.989  24.440  1.00 23.40 ? 165 SER A CB  1 
ATOM   1350 O  OG  . SER A 1 165 ? -2.735  12.896  24.763  1.00 20.00 ? 165 SER A OG  1 
ATOM   1351 N  N   . TYR A 1 166 ? -2.791  15.236  22.079  1.00 23.15 ? 166 TYR A N   1 
ATOM   1352 C  CA  . TYR A 1 166 ? -2.188  16.563  22.002  1.00 21.69 ? 166 TYR A CA  1 
ATOM   1353 C  C   . TYR A 1 166 ? -1.929  17.044  20.576  1.00 22.68 ? 166 TYR A C   1 
ATOM   1354 O  O   . TYR A 1 166 ? -1.747  16.247  19.648  1.00 19.20 ? 166 TYR A O   1 
ATOM   1355 C  CB  . TYR A 1 166 ? -0.872  16.572  22.775  1.00 21.89 ? 166 TYR A CB  1 
ATOM   1356 C  CG  . TYR A 1 166 ? 0.139   15.602  22.207  1.00 23.29 ? 166 TYR A CG  1 
ATOM   1357 C  CD1 . TYR A 1 166 ? 1.088   16.018  21.268  1.00 23.60 ? 166 TYR A CD1 1 
ATOM   1358 C  CD2 . TYR A 1 166 ? 0.113   14.248  22.562  1.00 23.51 ? 166 TYR A CD2 1 
ATOM   1359 C  CE1 . TYR A 1 166 ? 1.985   15.109  20.692  1.00 21.93 ? 166 TYR A CE1 1 
ATOM   1360 C  CE2 . TYR A 1 166 ? 1.000   13.333  21.987  1.00 21.96 ? 166 TYR A CE2 1 
ATOM   1361 C  CZ  . TYR A 1 166 ? 1.928   13.773  21.053  1.00 22.24 ? 166 TYR A CZ  1 
ATOM   1362 O  OH  . TYR A 1 166 ? 2.772   12.868  20.448  1.00 24.16 ? 166 TYR A OH  1 
ATOM   1363 N  N   . LEU A 1 167 ? -1.908  18.364  20.428  1.00 24.29 ? 167 LEU A N   1 
ATOM   1364 C  CA  . LEU A 1 167 ? -1.660  19.014  19.151  1.00 25.45 ? 167 LEU A CA  1 
ATOM   1365 C  C   . LEU A 1 167 ? -0.194  18.856  18.784  1.00 27.07 ? 167 LEU A C   1 
ATOM   1366 O  O   . LEU A 1 167 ? 0.677   18.916  19.657  1.00 26.10 ? 167 LEU A O   1 
ATOM   1367 C  CB  . LEU A 1 167 ? -1.996  20.497  19.256  1.00 26.58 ? 167 LEU A CB  1 
ATOM   1368 C  CG  . LEU A 1 167 ? -1.733  21.332  18.003  1.00 28.02 ? 167 LEU A CG  1 
ATOM   1369 C  CD1 . LEU A 1 167 ? -2.538  20.760  16.847  1.00 27.74 ? 167 LEU A CD1 1 
ATOM   1370 C  CD2 . LEU A 1 167 ? -2.126  22.790  18.257  1.00 27.28 ? 167 LEU A CD2 1 
ATOM   1371 N  N   . GLY A 1 168 ? 0.075   18.662  17.494  1.00 27.80 ? 168 GLY A N   1 
ATOM   1372 C  CA  . GLY A 1 168 ? 1.440   18.500  17.029  1.00 27.17 ? 168 GLY A CA  1 
ATOM   1373 C  C   . GLY A 1 168 ? 1.895   17.053  17.010  1.00 28.01 ? 168 GLY A C   1 
ATOM   1374 O  O   . GLY A 1 168 ? 3.058   16.767  16.738  1.00 29.20 ? 168 GLY A O   1 
ATOM   1375 N  N   . ALA A 1 169 ? 0.976   16.136  17.290  1.00 28.20 ? 169 ALA A N   1 
ATOM   1376 C  CA  . ALA A 1 169 ? 1.290   14.713  17.310  1.00 28.22 ? 169 ALA A CA  1 
ATOM   1377 C  C   . ALA A 1 169 ? 1.735   14.213  15.936  1.00 28.82 ? 169 ALA A C   1 
ATOM   1378 O  O   . ALA A 1 169 ? 1.097   14.497  14.916  1.00 28.33 ? 169 ALA A O   1 
ATOM   1379 C  CB  . ALA A 1 169 ? 0.077   13.925  17.789  1.00 28.73 ? 169 ALA A CB  1 
ATOM   1380 N  N   . ARG A 1 170 ? 2.828   13.457  15.921  1.00 28.59 ? 170 ARG A N   1 
ATOM   1381 C  CA  . ARG A 1 170 ? 3.379   12.913  14.685  1.00 28.71 ? 170 ARG A CA  1 
ATOM   1382 C  C   . ARG A 1 170 ? 3.882   11.491  14.907  1.00 28.18 ? 170 ARG A C   1 
ATOM   1383 O  O   . ARG A 1 170 ? 4.513   11.199  15.924  1.00 28.31 ? 170 ARG A O   1 
ATOM   1384 C  CB  . ARG A 1 170 ? 4.543   13.785  14.203  1.00 26.67 ? 170 ARG A CB  1 
ATOM   1385 C  CG  . ARG A 1 170 ? 4.175   15.230  13.885  1.00 28.00 ? 170 ARG A CG  1 
ATOM   1386 C  CD  . ARG A 1 170 ? 3.510   15.367  12.523  1.00 26.09 ? 170 ARG A CD  1 
ATOM   1387 N  NE  . ARG A 1 170 ? 3.184   16.758  12.231  1.00 26.34 ? 170 ARG A NE  1 
ATOM   1388 C  CZ  . ARG A 1 170 ? 2.203   17.435  12.817  1.00 29.44 ? 170 ARG A CZ  1 
ATOM   1389 N  NH1 . ARG A 1 170 ? 1.442   16.846  13.730  1.00 28.96 ? 170 ARG A NH1 1 
ATOM   1390 N  NH2 . ARG A 1 170 ? 1.990   18.708  12.503  1.00 30.48 ? 170 ARG A NH2 1 
ATOM   1391 N  N   . PHE A 1 171 ? 3.608   10.611  13.949  1.00 26.65 ? 171 PHE A N   1 
ATOM   1392 C  CA  . PHE A 1 171 ? 4.059   9.225   14.051  1.00 27.05 ? 171 PHE A CA  1 
ATOM   1393 C  C   . PHE A 1 171 ? 4.114   8.556   12.681  1.00 25.81 ? 171 PHE A C   1 
ATOM   1394 O  O   . PHE A 1 171 ? 3.290   8.826   11.810  1.00 25.04 ? 171 PHE A O   1 
ATOM   1395 C  CB  . PHE A 1 171 ? 3.128   8.420   14.959  1.00 26.63 ? 171 PHE A CB  1 
ATOM   1396 C  CG  . PHE A 1 171 ? 3.557   6.990   15.154  1.00 28.45 ? 171 PHE A CG  1 
ATOM   1397 C  CD1 . PHE A 1 171 ? 4.505   6.659   16.122  1.00 29.02 ? 171 PHE A CD1 1 
ATOM   1398 C  CD2 . PHE A 1 171 ? 3.037   5.981   14.355  1.00 26.93 ? 171 PHE A CD2 1 
ATOM   1399 C  CE1 . PHE A 1 171 ? 4.925   5.340   16.289  1.00 29.79 ? 171 PHE A CE1 1 
ATOM   1400 C  CE2 . PHE A 1 171 ? 3.449   4.661   14.509  1.00 30.12 ? 171 PHE A CE2 1 
ATOM   1401 C  CZ  . PHE A 1 171 ? 4.399   4.337   15.481  1.00 29.63 ? 171 PHE A CZ  1 
ATOM   1402 N  N   . LYS A 1 172 ? 5.093   7.683   12.495  1.00 25.57 ? 172 LYS A N   1 
ATOM   1403 C  CA  . LYS A 1 172 ? 5.228   6.965   11.240  1.00 27.18 ? 172 LYS A CA  1 
ATOM   1404 C  C   . LYS A 1 172 ? 5.556   5.525   11.546  1.00 27.62 ? 172 LYS A C   1 
ATOM   1405 O  O   . LYS A 1 172 ? 6.521   5.245   12.246  1.00 28.04 ? 172 LYS A O   1 
ATOM   1406 C  CB  . LYS A 1 172 ? 6.348   7.557   10.388  1.00 28.75 ? 172 LYS A CB  1 
ATOM   1407 C  CG  . LYS A 1 172 ? 6.192   9.033   10.118  1.00 32.23 ? 172 LYS A CG  1 
ATOM   1408 C  CD  . LYS A 1 172 ? 7.242   9.544   9.150   1.00 33.52 ? 172 LYS A CD  1 
ATOM   1409 C  CE  . LYS A 1 172 ? 7.105   8.902   7.783   1.00 32.18 ? 172 LYS A CE  1 
ATOM   1410 N  NZ  . LYS A 1 172 ? 8.077   9.514   6.845   1.00 32.36 ? 172 LYS A NZ  1 
ATOM   1411 N  N   . ILE A 1 173 ? 4.746   4.608   11.038  1.00 27.94 ? 173 ILE A N   1 
ATOM   1412 C  CA  . ILE A 1 173 ? 5.018   3.204   11.258  1.00 29.41 ? 173 ILE A CA  1 
ATOM   1413 C  C   . ILE A 1 173 ? 6.440   2.972   10.747  1.00 30.36 ? 173 ILE A C   1 
ATOM   1414 O  O   . ILE A 1 173 ? 6.812   3.468   9.685   1.00 29.86 ? 173 ILE A O   1 
ATOM   1415 C  CB  . ILE A 1 173 ? 4.042   2.334   10.465  1.00 29.19 ? 173 ILE A CB  1 
ATOM   1416 C  CG1 . ILE A 1 173 ? 2.620   2.553   10.998  1.00 29.43 ? 173 ILE A CG1 1 
ATOM   1417 C  CG2 . ILE A 1 173 ? 4.455   0.876   10.549  1.00 26.60 ? 173 ILE A CG2 1 
ATOM   1418 C  CD1 . ILE A 1 173 ? 1.553   1.762   10.262  1.00 26.36 ? 173 ILE A CD1 1 
ATOM   1419 N  N   . PRO A 1 174 ? 7.268   2.253   11.518  1.00 31.33 ? 174 PRO A N   1 
ATOM   1420 C  CA  . PRO A 1 174 ? 8.641   2.004   11.064  1.00 30.47 ? 174 PRO A CA  1 
ATOM   1421 C  C   . PRO A 1 174 ? 8.624   1.187   9.771   1.00 29.61 ? 174 PRO A C   1 
ATOM   1422 O  O   . PRO A 1 174 ? 7.812   0.277   9.615   1.00 29.40 ? 174 PRO A O   1 
ATOM   1423 C  CB  . PRO A 1 174 ? 9.255   1.232   12.233  1.00 31.31 ? 174 PRO A CB  1 
ATOM   1424 C  CG  . PRO A 1 174 ? 8.508   1.781   13.426  1.00 32.00 ? 174 PRO A CG  1 
ATOM   1425 C  CD  . PRO A 1 174 ? 7.079   1.801   12.908  1.00 30.45 ? 174 PRO A CD  1 
ATOM   1426 N  N   . TYR A 1 175 ? 9.526   1.512   8.853   1.00 30.04 ? 175 TYR A N   1 
ATOM   1427 C  CA  . TYR A 1 175 ? 9.601   0.811   7.573   1.00 30.38 ? 175 TYR A CA  1 
ATOM   1428 C  C   . TYR A 1 175 ? 9.787   -0.693  7.730   1.00 31.73 ? 175 TYR A C   1 
ATOM   1429 O  O   . TYR A 1 175 ? 9.197   -1.482  6.980   1.00 29.95 ? 175 TYR A O   1 
ATOM   1430 C  CB  . TYR A 1 175 ? 10.742  1.376   6.730   1.00 28.41 ? 175 TYR A CB  1 
ATOM   1431 C  CG  . TYR A 1 175 ? 10.635  2.864   6.464   1.00 29.17 ? 175 TYR A CG  1 
ATOM   1432 C  CD1 . TYR A 1 175 ? 11.606  3.744   6.940   1.00 27.68 ? 175 TYR A CD1 1 
ATOM   1433 C  CD2 . TYR A 1 175 ? 9.574   3.394   5.715   1.00 28.20 ? 175 TYR A CD2 1 
ATOM   1434 C  CE1 . TYR A 1 175 ? 11.535  5.111   6.678   1.00 27.45 ? 175 TYR A CE1 1 
ATOM   1435 C  CE2 . TYR A 1 175 ? 9.494   4.767   5.444   1.00 27.37 ? 175 TYR A CE2 1 
ATOM   1436 C  CZ  . TYR A 1 175 ? 10.481  5.619   5.927   1.00 27.99 ? 175 TYR A CZ  1 
ATOM   1437 O  OH  . TYR A 1 175 ? 10.437  6.973   5.644   1.00 28.01 ? 175 TYR A OH  1 
ATOM   1438 N  N   . ASN A 1 176 ? 10.600  -1.089  8.710   1.00 34.31 ? 176 ASN A N   1 
ATOM   1439 C  CA  . ASN A 1 176 ? 10.865  -2.503  8.948   1.00 36.02 ? 176 ASN A CA  1 
ATOM   1440 C  C   . ASN A 1 176 ? 9.592   -3.222  9.382   1.00 34.35 ? 176 ASN A C   1 
ATOM   1441 O  O   . ASN A 1 176 ? 9.436   -4.421  9.146   1.00 34.60 ? 176 ASN A O   1 
ATOM   1442 C  CB  . ASN A 1 176 ? 11.983  -2.672  9.995   1.00 39.73 ? 176 ASN A CB  1 
ATOM   1443 C  CG  . ASN A 1 176 ? 11.527  -2.361  11.412  1.00 44.02 ? 176 ASN A CG  1 
ATOM   1444 O  OD1 . ASN A 1 176 ? 10.907  -3.198  12.077  1.00 46.21 ? 176 ASN A OD1 1 
ATOM   1445 N  ND2 . ASN A 1 176 ? 11.830  -1.153  11.882  1.00 45.22 ? 176 ASN A ND2 1 
ATOM   1446 N  N   . VAL A 1 177 ? 8.678   -2.490  10.009  1.00 33.57 ? 177 VAL A N   1 
ATOM   1447 C  CA  . VAL A 1 177 ? 7.414   -3.081  10.430  1.00 32.43 ? 177 VAL A CA  1 
ATOM   1448 C  C   . VAL A 1 177 ? 6.490   -3.101  9.220   1.00 32.97 ? 177 VAL A C   1 
ATOM   1449 O  O   . VAL A 1 177 ? 5.850   -4.107  8.924   1.00 34.45 ? 177 VAL A O   1 
ATOM   1450 C  CB  . VAL A 1 177 ? 6.734   -2.258  11.547  1.00 32.01 ? 177 VAL A CB  1 
ATOM   1451 C  CG1 . VAL A 1 177 ? 5.406   -2.895  11.915  1.00 29.89 ? 177 VAL A CG1 1 
ATOM   1452 C  CG2 . VAL A 1 177 ? 7.640   -2.175  12.766  1.00 30.33 ? 177 VAL A CG2 1 
ATOM   1453 N  N   . ALA A 1 178 ? 6.437   -1.973  8.522   1.00 33.06 ? 178 ALA A N   1 
ATOM   1454 C  CA  . ALA A 1 178 ? 5.602   -1.827  7.337   1.00 34.19 ? 178 ALA A CA  1 
ATOM   1455 C  C   . ALA A 1 178 ? 5.866   -2.912  6.302   1.00 34.58 ? 178 ALA A C   1 
ATOM   1456 O  O   . ALA A 1 178 ? 4.933   -3.520  5.784   1.00 35.86 ? 178 ALA A O   1 
ATOM   1457 C  CB  . ALA A 1 178 ? 5.826   -0.451  6.713   1.00 32.07 ? 178 ALA A CB  1 
ATOM   1458 N  N   . LYS A 1 179 ? 7.136   -3.158  5.999   1.00 36.35 ? 179 LYS A N   1 
ATOM   1459 C  CA  . LYS A 1 179 ? 7.483   -4.169  5.002   1.00 39.09 ? 179 LYS A CA  1 
ATOM   1460 C  C   . LYS A 1 179 ? 6.966   -5.560  5.380   1.00 39.06 ? 179 LYS A C   1 
ATOM   1461 O  O   . LYS A 1 179 ? 6.713   -6.396  4.512   1.00 39.17 ? 179 LYS A O   1 
ATOM   1462 C  CB  . LYS A 1 179 ? 9.002   -4.216  4.792   1.00 41.31 ? 179 LYS A CB  1 
ATOM   1463 C  CG  . LYS A 1 179 ? 9.785   -4.642  6.024   1.00 46.17 ? 179 LYS A CG  1 
ATOM   1464 C  CD  . LYS A 1 179 ? 11.285  -4.747  5.738   1.00 49.10 ? 179 LYS A CD  1 
ATOM   1465 C  CE  . LYS A 1 179 ? 12.056  -5.212  6.980   1.00 50.16 ? 179 LYS A CE  1 
ATOM   1466 N  NZ  . LYS A 1 179 ? 13.534  -5.299  6.760   1.00 50.36 ? 179 LYS A NZ  1 
ATOM   1467 N  N   . THR A 1 180 ? 6.786   -5.800  6.674   1.00 38.97 ? 180 THR A N   1 
ATOM   1468 C  CA  . THR A 1 180 ? 6.316   -7.102  7.138   1.00 38.99 ? 180 THR A CA  1 
ATOM   1469 C  C   . THR A 1 180 ? 4.798   -7.226  7.161   1.00 36.98 ? 180 THR A C   1 
ATOM   1470 O  O   . THR A 1 180 ? 4.264   -8.325  7.324   1.00 36.62 ? 180 THR A O   1 
ATOM   1471 C  CB  . THR A 1 180 ? 6.815   -7.400  8.557   1.00 40.95 ? 180 THR A CB  1 
ATOM   1472 O  OG1 . THR A 1 180 ? 8.110   -6.819  8.747   1.00 44.17 ? 180 THR A OG1 1 
ATOM   1473 C  CG2 . THR A 1 180 ? 6.899   -8.906  8.770   1.00 43.05 ? 180 THR A CG2 1 
ATOM   1474 N  N   . LEU A 1 181 ? 4.108   -6.098  7.013   1.00 35.40 ? 181 LEU A N   1 
ATOM   1475 C  CA  . LEU A 1 181 ? 2.646   -6.075  7.024   1.00 33.41 ? 181 LEU A CA  1 
ATOM   1476 C  C   . LEU A 1 181 ? 2.040   -6.980  5.966   1.00 31.53 ? 181 LEU A C   1 
ATOM   1477 O  O   . LEU A 1 181 ? 2.601   -7.163  4.891   1.00 32.34 ? 181 LEU A O   1 
ATOM   1478 C  CB  . LEU A 1 181 ? 2.136   -4.651  6.796   1.00 33.14 ? 181 LEU A CB  1 
ATOM   1479 C  CG  . LEU A 1 181 ? 2.317   -3.628  7.916   1.00 35.43 ? 181 LEU A CG  1 
ATOM   1480 C  CD1 . LEU A 1 181 ? 1.920   -2.251  7.418   1.00 33.48 ? 181 LEU A CD1 1 
ATOM   1481 C  CD2 . LEU A 1 181 ? 1.468   -4.026  9.112   1.00 34.60 ? 181 LEU A CD2 1 
ATOM   1482 N  N   . PRO A 1 182 ? 0.868   -7.554  6.252   1.00 31.38 ? 182 PRO A N   1 
ATOM   1483 C  CA  . PRO A 1 182 ? 0.233   -8.430  5.268   1.00 30.30 ? 182 PRO A CA  1 
ATOM   1484 C  C   . PRO A 1 182 ? 0.057   -7.709  3.933   1.00 30.43 ? 182 PRO A C   1 
ATOM   1485 O  O   . PRO A 1 182 ? -0.348  -6.544  3.891   1.00 29.21 ? 182 PRO A O   1 
ATOM   1486 C  CB  . PRO A 1 182 ? -1.107  -8.759  5.919   1.00 29.47 ? 182 PRO A CB  1 
ATOM   1487 C  CG  . PRO A 1 182 ? -0.776  -8.749  7.372   1.00 30.71 ? 182 PRO A CG  1 
ATOM   1488 C  CD  . PRO A 1 182 ? 0.091   -7.517  7.503   1.00 31.48 ? 182 PRO A CD  1 
ATOM   1489 N  N   . ARG A 1 183 ? 0.372   -8.398  2.846   1.00 29.18 ? 183 ARG A N   1 
ATOM   1490 C  CA  . ARG A 1 183 ? 0.218   -7.820  1.523   1.00 30.95 ? 183 ARG A CA  1 
ATOM   1491 C  C   . ARG A 1 183 ? -1.067  -8.407  0.972   1.00 31.12 ? 183 ARG A C   1 
ATOM   1492 O  O   . ARG A 1 183 ? -1.069  -9.417  0.264   1.00 32.55 ? 183 ARG A O   1 
ATOM   1493 C  CB  . ARG A 1 183 ? 1.440   -8.158  0.662   1.00 31.44 ? 183 ARG A CB  1 
ATOM   1494 C  CG  . ARG A 1 183 ? 2.714   -7.607  1.297   1.00 35.23 ? 183 ARG A CG  1 
ATOM   1495 C  CD  . ARG A 1 183 ? 3.929   -7.603  0.387   1.00 38.30 ? 183 ARG A CD  1 
ATOM   1496 N  NE  . ARG A 1 183 ? 5.068   -6.949  1.036   1.00 40.28 ? 183 ARG A NE  1 
ATOM   1497 C  CZ  . ARG A 1 183 ? 6.230   -6.684  0.441   1.00 43.03 ? 183 ARG A CZ  1 
ATOM   1498 N  NH1 . ARG A 1 183 ? 6.423   -7.010  -0.833  1.00 41.60 ? 183 ARG A NH1 1 
ATOM   1499 N  NH2 . ARG A 1 183 ? 7.208   -6.095  1.124   1.00 42.50 ? 183 ARG A NH2 1 
ATOM   1500 N  N   . GLU A 1 184 ? -2.170  -7.755  1.327   1.00 30.81 ? 184 GLU A N   1 
ATOM   1501 C  CA  . GLU A 1 184 ? -3.499  -8.206  0.952   1.00 29.53 ? 184 GLU A CA  1 
ATOM   1502 C  C   . GLU A 1 184 ? -3.979  -7.784  -0.434  1.00 29.67 ? 184 GLU A C   1 
ATOM   1503 O  O   . GLU A 1 184 ? -5.009  -8.264  -0.901  1.00 29.62 ? 184 GLU A O   1 
ATOM   1504 C  CB  . GLU A 1 184 ? -4.497  -7.748  2.022   1.00 29.67 ? 184 GLU A CB  1 
ATOM   1505 C  CG  . GLU A 1 184 ? -3.994  -7.973  3.439   1.00 31.97 ? 184 GLU A CG  1 
ATOM   1506 C  CD  . GLU A 1 184 ? -5.063  -7.758  4.503   1.00 32.19 ? 184 GLU A CD  1 
ATOM   1507 O  OE1 . GLU A 1 184 ? -5.547  -6.615  4.671   1.00 32.90 ? 184 GLU A OE1 1 
ATOM   1508 O  OE2 . GLU A 1 184 ? -5.416  -8.746  5.174   1.00 32.73 ? 184 GLU A OE2 1 
ATOM   1509 N  N   . ASN A 1 185 ? -3.259  -6.883  -1.088  1.00 29.36 ? 185 ASN A N   1 
ATOM   1510 C  CA  . ASN A 1 185 ? -3.664  -6.476  -2.429  1.00 31.97 ? 185 ASN A CA  1 
ATOM   1511 C  C   . ASN A 1 185 ? -3.024  -7.421  -3.432  1.00 32.56 ? 185 ASN A C   1 
ATOM   1512 O  O   . ASN A 1 185 ? -2.030  -8.088  -3.128  1.00 31.36 ? 185 ASN A O   1 
ATOM   1513 C  CB  . ASN A 1 185 ? -3.202  -5.051  -2.749  1.00 33.27 ? 185 ASN A CB  1 
ATOM   1514 C  CG  . ASN A 1 185 ? -4.036  -3.998  -2.063  1.00 34.04 ? 185 ASN A CG  1 
ATOM   1515 O  OD1 . ASN A 1 185 ? -5.218  -3.832  -2.361  1.00 32.29 ? 185 ASN A OD1 1 
ATOM   1516 N  ND2 . ASN A 1 185 ? -3.423  -3.280  -1.130  1.00 33.50 ? 185 ASN A ND2 1 
ATOM   1517 N  N   . GLU A 1 186 ? -3.607  -7.485  -4.619  1.00 33.41 ? 186 GLU A N   1 
ATOM   1518 C  CA  . GLU A 1 186 ? -3.060  -8.323  -5.663  1.00 36.53 ? 186 GLU A CA  1 
ATOM   1519 C  C   . GLU A 1 186 ? -3.267  -7.698  -7.027  1.00 38.02 ? 186 GLU A C   1 
ATOM   1520 O  O   . GLU A 1 186 ? -4.397  -7.457  -7.457  1.00 37.94 ? 186 GLU A O   1 
ATOM   1521 C  CB  . GLU A 1 186 ? -3.694  -9.708  -5.672  1.00 37.64 ? 186 GLU A CB  1 
ATOM   1522 C  CG  . GLU A 1 186 ? -2.915  -10.683 -6.546  1.00 41.33 ? 186 GLU A CG  1 
ATOM   1523 C  CD  . GLU A 1 186 ? -3.724  -11.887 -6.964  1.00 42.42 ? 186 GLU A CD  1 
ATOM   1524 O  OE1 . GLU A 1 186 ? -4.470  -11.782 -7.963  1.00 44.56 ? 186 GLU A OE1 1 
ATOM   1525 O  OE2 . GLU A 1 186 ? -3.621  -12.934 -6.293  1.00 42.35 ? 186 GLU A OE2 1 
HETATM 1526 N  N   . MSE A 1 187 ? -2.160  -7.424  -7.698  1.00 39.06 ? 187 MSE A N   1 
HETATM 1527 C  CA  . MSE A 1 187 ? -2.215  -6.877  -9.033  1.00 40.68 ? 187 MSE A CA  1 
HETATM 1528 C  C   . MSE A 1 187 ? -1.853  -8.035  -9.952  1.00 38.74 ? 187 MSE A C   1 
HETATM 1529 O  O   . MSE A 1 187 ? -0.745  -8.567  -9.878  1.00 38.06 ? 187 MSE A O   1 
HETATM 1530 C  CB  . MSE A 1 187 ? -1.212  -5.737  -9.189  1.00 46.28 ? 187 MSE A CB  1 
HETATM 1531 C  CG  . MSE A 1 187 ? -0.912  -5.397  -10.637 1.00 55.85 ? 187 MSE A CG  1 
HETATM 1532 SE SE  . MSE A 1 187 ? -2.527  -5.241  -11.698 1.00 70.47 ? 187 MSE A SE  1 
HETATM 1533 C  CE  . MSE A 1 187 ? -2.828  -3.343  -11.474 1.00 64.20 ? 187 MSE A CE  1 
ATOM   1534 N  N   . LEU A 1 188 ? -2.797  -8.450  -10.791 1.00 36.97 ? 188 LEU A N   1 
ATOM   1535 C  CA  . LEU A 1 188 ? -2.544  -9.546  -11.713 1.00 35.52 ? 188 LEU A CA  1 
ATOM   1536 C  C   . LEU A 1 188 ? -2.151  -8.942  -13.053 1.00 33.76 ? 188 LEU A C   1 
ATOM   1537 O  O   . LEU A 1 188 ? -2.997  -8.445  -13.802 1.00 33.76 ? 188 LEU A O   1 
ATOM   1538 C  CB  . LEU A 1 188 ? -3.785  -10.428 -11.859 1.00 36.74 ? 188 LEU A CB  1 
ATOM   1539 C  CG  . LEU A 1 188 ? -3.531  -11.774 -12.543 1.00 39.42 ? 188 LEU A CG  1 
ATOM   1540 C  CD1 . LEU A 1 188 ? -2.418  -12.514 -11.810 1.00 39.48 ? 188 LEU A CD1 1 
ATOM   1541 C  CD2 . LEU A 1 188 ? -4.803  -12.610 -12.558 1.00 39.63 ? 188 LEU A CD2 1 
ATOM   1542 N  N   . PHE A 1 189 ? -0.852  -8.970  -13.333 1.00 32.01 ? 189 PHE A N   1 
ATOM   1543 C  CA  . PHE A 1 189 ? -0.305  -8.409  -14.561 1.00 30.10 ? 189 PHE A CA  1 
ATOM   1544 C  C   . PHE A 1 189 ? -0.379  -9.420  -15.701 1.00 28.62 ? 189 PHE A C   1 
ATOM   1545 O  O   . PHE A 1 189 ? 0.223   -10.491 -15.642 1.00 27.74 ? 189 PHE A O   1 
ATOM   1546 C  CB  . PHE A 1 189 ? 1.140   -7.961  -14.308 1.00 29.35 ? 189 PHE A CB  1 
ATOM   1547 C  CG  . PHE A 1 189 ? 1.754   -7.181  -15.438 1.00 28.38 ? 189 PHE A CG  1 
ATOM   1548 C  CD1 . PHE A 1 189 ? 1.033   -6.196  -16.098 1.00 28.85 ? 189 PHE A CD1 1 
ATOM   1549 C  CD2 . PHE A 1 189 ? 3.076   -7.407  -15.814 1.00 28.29 ? 189 PHE A CD2 1 
ATOM   1550 C  CE1 . PHE A 1 189 ? 1.620   -5.440  -17.120 1.00 29.90 ? 189 PHE A CE1 1 
ATOM   1551 C  CE2 . PHE A 1 189 ? 3.675   -6.659  -16.833 1.00 29.93 ? 189 PHE A CE2 1 
ATOM   1552 C  CZ  . PHE A 1 189 ? 2.946   -5.673  -17.487 1.00 28.89 ? 189 PHE A CZ  1 
ATOM   1553 N  N   . LEU A 1 190 ? -1.134  -9.066  -16.734 1.00 28.52 ? 190 LEU A N   1 
ATOM   1554 C  CA  . LEU A 1 190 ? -1.323  -9.934  -17.892 1.00 30.38 ? 190 LEU A CA  1 
ATOM   1555 C  C   . LEU A 1 190 ? -0.549  -9.454  -19.116 1.00 29.69 ? 190 LEU A C   1 
ATOM   1556 O  O   . LEU A 1 190 ? -0.520  -8.264  -19.417 1.00 31.34 ? 190 LEU A O   1 
ATOM   1557 C  CB  . LEU A 1 190 ? -2.809  -9.998  -18.243 1.00 30.74 ? 190 LEU A CB  1 
ATOM   1558 C  CG  . LEU A 1 190 ? -3.748  -10.259 -17.065 1.00 32.77 ? 190 LEU A CG  1 
ATOM   1559 C  CD1 . LEU A 1 190 ? -5.175  -9.881  -17.446 1.00 33.75 ? 190 LEU A CD1 1 
ATOM   1560 C  CD2 . LEU A 1 190 ? -3.654  -11.710 -16.651 1.00 31.91 ? 190 LEU A CD2 1 
ATOM   1561 N  N   . PHE A 1 191 ? 0.076   -10.385 -19.822 1.00 30.88 ? 191 PHE A N   1 
ATOM   1562 C  CA  . PHE A 1 191 ? 0.821   -10.036 -21.026 1.00 31.87 ? 191 PHE A CA  1 
ATOM   1563 C  C   . PHE A 1 191 ? 1.259   -11.282 -21.762 1.00 32.56 ? 191 PHE A C   1 
ATOM   1564 O  O   . PHE A 1 191 ? 1.373   -12.360 -21.174 1.00 32.92 ? 191 PHE A O   1 
ATOM   1565 C  CB  . PHE A 1 191 ? 2.045   -9.167  -20.682 1.00 28.67 ? 191 PHE A CB  1 
ATOM   1566 C  CG  . PHE A 1 191 ? 3.106   -9.878  -19.882 1.00 27.72 ? 191 PHE A CG  1 
ATOM   1567 C  CD1 . PHE A 1 191 ? 4.012   -10.735 -20.501 1.00 27.10 ? 191 PHE A CD1 1 
ATOM   1568 C  CD2 . PHE A 1 191 ? 3.213   -9.672  -18.510 1.00 26.74 ? 191 PHE A CD2 1 
ATOM   1569 C  CE1 . PHE A 1 191 ? 5.011   -11.375 -19.768 1.00 26.95 ? 191 PHE A CE1 1 
ATOM   1570 C  CE2 . PHE A 1 191 ? 4.210   -10.307 -17.765 1.00 28.48 ? 191 PHE A CE2 1 
ATOM   1571 C  CZ  . PHE A 1 191 ? 5.112   -11.161 -18.398 1.00 27.73 ? 191 PHE A CZ  1 
ATOM   1572 N  N   . LYS A 1 192 ? 1.484   -11.135 -23.060 1.00 34.00 ? 192 LYS A N   1 
ATOM   1573 C  CA  . LYS A 1 192 ? 1.934   -12.254 -23.867 1.00 34.33 ? 192 LYS A CA  1 
ATOM   1574 C  C   . LYS A 1 192 ? 3.337   -11.926 -24.337 1.00 33.34 ? 192 LYS A C   1 
ATOM   1575 O  O   . LYS A 1 192 ? 3.556   -10.907 -24.998 1.00 31.00 ? 192 LYS A O   1 
ATOM   1576 C  CB  . LYS A 1 192 ? 1.019   -12.463 -25.078 1.00 36.39 ? 192 LYS A CB  1 
ATOM   1577 C  CG  . LYS A 1 192 ? 1.404   -13.681 -25.909 1.00 40.16 ? 192 LYS A CG  1 
ATOM   1578 C  CD  . LYS A 1 192 ? 0.583   -13.790 -27.183 1.00 42.15 ? 192 LYS A CD  1 
ATOM   1579 C  CE  . LYS A 1 192 ? -0.876  -14.058 -26.882 1.00 44.98 ? 192 LYS A CE  1 
ATOM   1580 N  NZ  . LYS A 1 192 ? -1.653  -14.259 -28.131 1.00 48.42 ? 192 LYS A NZ  1 
ATOM   1581 N  N   . ASN A 1 193 ? 4.294   -12.769 -23.966 1.00 33.58 ? 193 ASN A N   1 
ATOM   1582 C  CA  . ASN A 1 193 ? 5.669   -12.550 -24.384 1.00 33.85 ? 193 ASN A CA  1 
ATOM   1583 C  C   . ASN A 1 193 ? 5.840   -13.158 -25.763 1.00 33.83 ? 193 ASN A C   1 
ATOM   1584 O  O   . ASN A 1 193 ? 5.788   -14.373 -25.924 1.00 33.10 ? 193 ASN A O   1 
ATOM   1585 C  CB  . ASN A 1 193 ? 6.652   -13.194 -23.408 1.00 33.96 ? 193 ASN A CB  1 
ATOM   1586 C  CG  . ASN A 1 193 ? 8.087   -13.152 -23.915 1.00 33.48 ? 193 ASN A CG  1 
ATOM   1587 O  OD1 . ASN A 1 193 ? 8.480   -12.215 -24.611 1.00 34.74 ? 193 ASN A OD1 1 
ATOM   1588 N  ND2 . ASN A 1 193 ? 8.877   -14.162 -23.560 1.00 31.96 ? 193 ASN A ND2 1 
ATOM   1589 N  N   . ILE A 1 194 ? 6.038   -12.309 -26.761 1.00 34.36 ? 194 ILE A N   1 
ATOM   1590 C  CA  . ILE A 1 194 ? 6.199   -12.805 -28.115 1.00 35.92 ? 194 ILE A CA  1 
ATOM   1591 C  C   . ILE A 1 194 ? 7.651   -12.837 -28.600 1.00 37.41 ? 194 ILE A C   1 
ATOM   1592 O  O   . ILE A 1 194 ? 7.907   -12.832 -29.803 1.00 38.90 ? 194 ILE A O   1 
ATOM   1593 C  CB  . ILE A 1 194 ? 5.341   -11.988 -29.083 1.00 33.86 ? 194 ILE A CB  1 
ATOM   1594 C  CG1 . ILE A 1 194 ? 5.697   -10.508 -28.974 1.00 33.69 ? 194 ILE A CG1 1 
ATOM   1595 C  CG2 . ILE A 1 194 ? 3.864   -12.172 -28.738 1.00 32.81 ? 194 ILE A CG2 1 
ATOM   1596 C  CD1 . ILE A 1 194 ? 4.833   -9.618  -29.842 1.00 33.23 ? 194 ILE A CD1 1 
ATOM   1597 N  N   . GLY A 1 195 ? 8.595   -12.869 -27.661 1.00 37.78 ? 195 GLY A N   1 
ATOM   1598 C  CA  . GLY A 1 195 ? 10.003  -12.938 -28.022 1.00 38.62 ? 195 GLY A CA  1 
ATOM   1599 C  C   . GLY A 1 195 ? 10.797  -11.649 -27.937 1.00 38.51 ? 195 GLY A C   1 
ATOM   1600 O  O   . GLY A 1 195 ? 10.578  -10.830 -27.046 1.00 38.57 ? 195 GLY A O   1 
ATOM   1601 N  N   . GLY A 1 196 ? 11.736  -11.487 -28.867 1.00 38.29 ? 196 GLY A N   1 
ATOM   1602 C  CA  . GLY A 1 196 ? 12.559  -10.291 -28.903 1.00 36.37 ? 196 GLY A CA  1 
ATOM   1603 C  C   . GLY A 1 196 ? 14.007  -10.490 -28.509 1.00 35.03 ? 196 GLY A C   1 
ATOM   1604 O  O   . GLY A 1 196 ? 14.765  -9.496  -28.567 1.00 34.20 ? 196 GLY A O   1 
ATOM   1605 O  OXT . GLY A 1 196 ? 14.383  -11.625 -28.140 1.00 32.25 ? 196 GLY A OXT 1 
HETATM 1606 O  O   . HOH B 2 .   ? 15.422  -8.900  -21.445 1.00 22.48 ? 301 HOH A O   1 
HETATM 1607 O  O   . HOH B 2 .   ? -15.182 11.976  22.040  1.00 17.33 ? 302 HOH A O   1 
HETATM 1608 O  O   . HOH B 2 .   ? -5.617  5.814   -7.628  1.00 16.42 ? 303 HOH A O   1 
HETATM 1609 O  O   . HOH B 2 .   ? -1.443  -5.106  5.960   1.00 19.14 ? 304 HOH A O   1 
HETATM 1610 O  O   . HOH B 2 .   ? 14.969  -3.476  -19.545 1.00 23.52 ? 305 HOH A O   1 
HETATM 1611 O  O   . HOH B 2 .   ? -2.708  -4.527  2.043   1.00 21.79 ? 306 HOH A O   1 
HETATM 1612 O  O   . HOH B 2 .   ? -8.920  15.873  25.168  1.00 18.93 ? 307 HOH A O   1 
HETATM 1613 O  O   . HOH B 2 .   ? -6.941  16.372  5.891   1.00 21.94 ? 308 HOH A O   1 
HETATM 1614 O  O   . HOH B 2 .   ? 13.545  -3.683  -9.298  1.00 19.98 ? 309 HOH A O   1 
HETATM 1615 O  O   . HOH B 2 .   ? -10.736 4.806   12.720  1.00 27.25 ? 310 HOH A O   1 
HETATM 1616 O  O   . HOH B 2 .   ? 4.970   -9.204  -2.436  1.00 29.52 ? 311 HOH A O   1 
HETATM 1617 O  O   . HOH B 2 .   ? -11.897 9.792   10.366  1.00 28.42 ? 312 HOH A O   1 
HETATM 1618 O  O   . HOH B 2 .   ? 2.839   -2.297  18.416  1.00 29.12 ? 313 HOH A O   1 
HETATM 1619 O  O   . HOH B 2 .   ? -11.916 14.708  8.816   1.00 29.88 ? 314 HOH A O   1 
HETATM 1620 O  O   . HOH B 2 .   ? -3.726  0.173   -4.941  1.00 28.94 ? 315 HOH A O   1 
HETATM 1621 O  O   . HOH B 2 .   ? 10.823  3.239   -1.813  1.00 21.39 ? 316 HOH A O   1 
HETATM 1622 O  O   . HOH B 2 .   ? -2.173  4.143   -6.044  1.00 27.67 ? 317 HOH A O   1 
HETATM 1623 O  O   . HOH B 2 .   ? -1.752  16.612  17.006  1.00 29.30 ? 318 HOH A O   1 
HETATM 1624 O  O   . HOH B 2 .   ? -16.847 10.122  29.316  1.00 25.44 ? 319 HOH A O   1 
HETATM 1625 O  O   . HOH B 2 .   ? -1.657  15.136  14.607  1.00 25.59 ? 320 HOH A O   1 
HETATM 1626 O  O   . HOH B 2 .   ? -8.913  2.599   15.672  1.00 28.80 ? 321 HOH A O   1 
HETATM 1627 O  O   . HOH B 2 .   ? -14.862 8.615   25.856  1.00 32.51 ? 322 HOH A O   1 
HETATM 1628 O  O   . HOH B 2 .   ? 1.662   4.170   21.264  1.00 28.88 ? 323 HOH A O   1 
HETATM 1629 O  O   . HOH B 2 .   ? -4.966  1.205   24.553  1.00 33.90 ? 324 HOH A O   1 
HETATM 1630 O  O   . HOH B 2 .   ? 12.678  1.294   -1.279  1.00 29.24 ? 325 HOH A O   1 
HETATM 1631 O  O   . HOH B 2 .   ? 11.881  -2.997  -27.411 1.00 38.68 ? 326 HOH A O   1 
HETATM 1632 O  O   . HOH B 2 .   ? 7.452   8.308   14.328  1.00 31.10 ? 327 HOH A O   1 
HETATM 1633 O  O   . HOH B 2 .   ? 13.262  -5.325  3.215   1.00 40.86 ? 328 HOH A O   1 
HETATM 1634 O  O   . HOH B 2 .   ? 12.226  -6.353  -20.513 1.00 30.74 ? 329 HOH A O   1 
HETATM 1635 O  O   . HOH B 2 .   ? 1.610   -16.714 -15.564 1.00 34.26 ? 330 HOH A O   1 
HETATM 1636 O  O   . HOH B 2 .   ? 1.766   11.246  24.830  1.00 32.19 ? 331 HOH A O   1 
HETATM 1637 O  O   . HOH B 2 .   ? -7.474  18.701  8.806   1.00 28.57 ? 332 HOH A O   1 
HETATM 1638 O  O   . HOH B 2 .   ? -2.553  12.478  15.880  1.00 25.57 ? 333 HOH A O   1 
HETATM 1639 O  O   . HOH B 2 .   ? -9.037  7.851   6.298   1.00 39.29 ? 334 HOH A O   1 
HETATM 1640 O  O   . HOH B 2 .   ? 3.897   11.378  10.781  1.00 36.16 ? 335 HOH A O   1 
HETATM 1641 O  O   . HOH B 2 .   ? 13.143  5.036   -7.730  1.00 36.86 ? 336 HOH A O   1 
HETATM 1642 O  O   . HOH B 2 .   ? -14.133 -3.473  -0.330  1.00 32.03 ? 337 HOH A O   1 
HETATM 1643 O  O   . HOH B 2 .   ? -2.781  11.221  -3.703  1.00 26.77 ? 338 HOH A O   1 
HETATM 1644 O  O   . HOH B 2 .   ? 3.148   17.782  8.177   1.00 40.61 ? 339 HOH A O   1 
HETATM 1645 O  O   . HOH B 2 .   ? 1.334   -10.881 2.999   1.00 33.25 ? 340 HOH A O   1 
HETATM 1646 O  O   . HOH B 2 .   ? -0.914  6.793   28.123  1.00 29.44 ? 341 HOH A O   1 
HETATM 1647 O  O   . HOH B 2 .   ? -14.975 -4.719  12.992  1.00 29.13 ? 342 HOH A O   1 
HETATM 1648 O  O   . HOH B 2 .   ? -6.645  17.106  24.361  1.00 20.92 ? 343 HOH A O   1 
HETATM 1649 O  O   . HOH B 2 .   ? -4.999  -1.020  -9.468  1.00 35.30 ? 344 HOH A O   1 
HETATM 1650 O  O   . HOH B 2 .   ? 2.146   15.090  9.039   1.00 48.31 ? 345 HOH A O   1 
HETATM 1651 O  O   . HOH B 2 .   ? 9.559   -7.139  -1.567  1.00 32.18 ? 346 HOH A O   1 
HETATM 1652 O  O   . HOH B 2 .   ? -18.437 6.856   27.944  1.00 35.83 ? 347 HOH A O   1 
HETATM 1653 O  O   . HOH B 2 .   ? -8.309  -6.032  4.050   1.00 37.29 ? 348 HOH A O   1 
HETATM 1654 O  O   . HOH B 2 .   ? 4.896   18.777  15.604  1.00 34.00 ? 349 HOH A O   1 
HETATM 1655 O  O   . HOH B 2 .   ? 0.015   14.162  -8.743  1.00 36.00 ? 350 HOH A O   1 
HETATM 1656 O  O   . HOH B 2 .   ? -0.664  8.955   11.056  1.00 34.13 ? 351 HOH A O   1 
HETATM 1657 O  O   . HOH B 2 .   ? 3.196   -16.048 -13.299 1.00 32.80 ? 352 HOH A O   1 
HETATM 1658 O  O   . HOH B 2 .   ? 3.964   12.349  3.165   1.00 37.92 ? 353 HOH A O   1 
HETATM 1659 O  O   . HOH B 2 .   ? -13.238 6.611   4.874   1.00 44.04 ? 354 HOH A O   1 
HETATM 1660 O  O   . HOH B 2 .   ? 16.148  -15.942 -15.682 1.00 34.84 ? 355 HOH A O   1 
HETATM 1661 O  O   . HOH B 2 .   ? 5.425   11.362  5.096   1.00 42.44 ? 356 HOH A O   1 
HETATM 1662 O  O   . HOH B 2 .   ? -1.393  14.577  26.169  1.00 30.14 ? 357 HOH A O   1 
HETATM 1663 O  O   . HOH B 2 .   ? -8.128  5.122   -10.553 1.00 37.96 ? 358 HOH A O   1 
HETATM 1664 O  O   . HOH B 2 .   ? 4.410   13.789  18.297  1.00 28.04 ? 359 HOH A O   1 
HETATM 1665 O  O   . HOH B 2 .   ? 4.199   -4.799  3.024   1.00 35.66 ? 360 HOH A O   1 
HETATM 1666 O  O   . HOH B 2 .   ? -15.497 16.901  16.211  1.00 35.57 ? 361 HOH A O   1 
HETATM 1667 O  O   . HOH B 2 .   ? -0.042  10.607  -3.335  1.00 29.63 ? 362 HOH A O   1 
HETATM 1668 O  O   . HOH B 2 .   ? 5.602   -3.935  15.860  1.00 37.26 ? 363 HOH A O   1 
HETATM 1669 O  O   . HOH B 2 .   ? -16.230 7.083   4.028   1.00 39.31 ? 364 HOH A O   1 
HETATM 1670 O  O   . HOH B 2 .   ? 10.570  -7.986  -4.003  1.00 39.36 ? 365 HOH A O   1 
HETATM 1671 O  O   . HOH B 2 .   ? 4.523   -16.274 -8.739  1.00 50.42 ? 366 HOH A O   1 
HETATM 1672 O  O   . HOH B 2 .   ? 7.704   9.360   -10.592 1.00 37.61 ? 367 HOH A O   1 
HETATM 1673 O  O   . HOH B 2 .   ? -10.778 -4.065  26.151  1.00 38.84 ? 368 HOH A O   1 
HETATM 1674 O  O   . HOH B 2 .   ? -10.207 -3.807  -0.020  1.00 35.75 ? 369 HOH A O   1 
HETATM 1675 O  O   . HOH B 2 .   ? -11.349 -0.153  26.915  1.00 38.38 ? 370 HOH A O   1 
HETATM 1676 O  O   . HOH B 2 .   ? 8.314   5.437   14.251  1.00 36.78 ? 371 HOH A O   1 
HETATM 1677 O  O   . HOH B 2 .   ? 4.843   -8.431  4.064   1.00 37.28 ? 372 HOH A O   1 
HETATM 1678 O  O   . HOH B 2 .   ? -12.963 4.279   14.258  1.00 45.01 ? 373 HOH A O   1 
HETATM 1679 O  O   . HOH B 2 .   ? -6.790  5.686   -12.796 1.00 37.76 ? 374 HOH A O   1 
HETATM 1680 O  O   . HOH B 2 .   ? -0.195  -0.320  -20.919 1.00 44.28 ? 375 HOH A O   1 
HETATM 1681 O  O   . HOH B 2 .   ? 6.286   12.224  -9.884  1.00 48.11 ? 376 HOH A O   1 
HETATM 1682 O  O   . HOH B 2 .   ? 4.085   0.449   -21.566 1.00 30.69 ? 377 HOH A O   1 
HETATM 1683 O  O   . HOH B 2 .   ? -12.019 4.247   26.477  1.00 36.38 ? 378 HOH A O   1 
HETATM 1684 O  O   . HOH B 2 .   ? 1.120   8.525   -10.962 1.00 33.04 ? 379 HOH A O   1 
HETATM 1685 O  O   . HOH B 2 .   ? -1.667  -5.271  18.575  1.00 36.87 ? 380 HOH A O   1 
HETATM 1686 O  O   . HOH B 2 .   ? 1.029   -4.880  -25.944 1.00 40.77 ? 381 HOH A O   1 
HETATM 1687 O  O   . HOH B 2 .   ? 13.882  -18.781 -23.216 1.00 48.78 ? 382 HOH A O   1 
HETATM 1688 O  O   . HOH B 2 .   ? 17.445  -4.083  1.885   1.00 46.82 ? 383 HOH A O   1 
HETATM 1689 O  O   . HOH B 2 .   ? -1.243  -8.800  11.004  1.00 42.24 ? 384 HOH A O   1 
HETATM 1690 O  O   . HOH B 2 .   ? 13.056  8.246   3.327   1.00 43.95 ? 385 HOH A O   1 
HETATM 1691 O  O   . HOH B 2 .   ? -13.082 8.656   6.500   1.00 40.25 ? 386 HOH A O   1 
HETATM 1692 O  O   . HOH B 2 .   ? 7.716   -19.356 -9.078  1.00 43.16 ? 387 HOH A O   1 
HETATM 1693 O  O   . HOH B 2 .   ? -6.132  22.348  19.747  1.00 38.82 ? 388 HOH A O   1 
HETATM 1694 O  O   . HOH B 2 .   ? -10.956 -2.285  19.736  1.00 40.37 ? 389 HOH A O   1 
HETATM 1695 O  O   . HOH B 2 .   ? 14.066  2.836   -13.441 1.00 47.00 ? 390 HOH A O   1 
HETATM 1696 O  O   . HOH B 2 .   ? -14.220 4.437   8.147   1.00 39.80 ? 391 HOH A O   1 
HETATM 1697 O  O   . HOH B 2 .   ? 13.901  -2.100  7.960   1.00 44.90 ? 392 HOH A O   1 
HETATM 1698 O  O   . HOH B 2 .   ? 2.265   -3.338  -22.654 1.00 36.47 ? 393 HOH A O   1 
HETATM 1699 O  O   . HOH B 2 .   ? -19.396 12.059  18.084  1.00 40.50 ? 394 HOH A O   1 
HETATM 1700 O  O   . HOH B 2 .   ? 12.419  1.013   9.981   1.00 41.26 ? 395 HOH A O   1 
HETATM 1701 O  O   . HOH B 2 .   ? -1.955  -11.640 -22.622 1.00 38.49 ? 396 HOH A O   1 
HETATM 1702 O  O   . HOH B 2 .   ? 10.524  -11.941 -4.999  1.00 44.88 ? 397 HOH A O   1 
HETATM 1703 O  O   . HOH B 2 .   ? -15.328 3.355   15.733  1.00 36.30 ? 398 HOH A O   1 
HETATM 1704 O  O   . HOH B 2 .   ? 15.036  -17.926 -13.940 1.00 36.66 ? 399 HOH A O   1 
HETATM 1705 O  O   . HOH B 2 .   ? -3.500  18.248  25.146  1.00 29.35 ? 400 HOH A O   1 
HETATM 1706 O  O   . HOH B 2 .   ? -8.278  21.174  14.313  1.00 38.57 ? 401 HOH A O   1 
HETATM 1707 O  O   . HOH B 2 .   ? -2.342  -10.800 -1.997  1.00 43.10 ? 402 HOH A O   1 
HETATM 1708 O  O   . HOH B 2 .   ? -7.383  -9.787  6.869   1.00 38.60 ? 403 HOH A O   1 
HETATM 1709 O  O   . HOH B 2 .   ? -19.140 15.055  19.275  1.00 45.02 ? 404 HOH A O   1 
HETATM 1710 O  O   . HOH B 2 .   ? 12.889  4.013   -3.610  1.00 43.98 ? 405 HOH A O   1 
HETATM 1711 O  O   . HOH B 2 .   ? 4.076   12.563  -11.830 1.00 44.33 ? 406 HOH A O   1 
HETATM 1712 O  O   . HOH B 2 .   ? -6.615  1.812   -13.140 1.00 35.29 ? 407 HOH A O   1 
HETATM 1713 O  O   . HOH B 2 .   ? -10.498 -8.722  15.359  1.00 47.56 ? 408 HOH A O   1 
HETATM 1714 O  O   . HOH B 2 .   ? 13.351  -6.362  -29.459 1.00 44.50 ? 409 HOH A O   1 
HETATM 1715 O  O   . HOH B 2 .   ? -4.924  18.325  7.980   1.00 32.29 ? 410 HOH A O   1 
HETATM 1716 O  O   . HOH B 2 .   ? 14.825  0.896   8.058   1.00 42.97 ? 411 HOH A O   1 
# 
